data_9OAL
#
_entry.id   9OAL
#
_cell.length_a   1.00
_cell.length_b   1.00
_cell.length_c   1.00
_cell.angle_alpha   90.00
_cell.angle_beta   90.00
_cell.angle_gamma   90.00
#
_symmetry.space_group_name_H-M   'P 1'
#
loop_
_entity.id
_entity.type
_entity.pdbx_description
1 polymer 'Envelope glycoprotein B'
2 branched beta-D-mannopyranose-(1-4)-2-acetamido-2-deoxy-beta-D-glucopyranose-(1-4)-2-acetamido-2-deoxy-beta-D-glucopyranose
#
_entity_poly.entity_id   1
_entity_poly.type   'polypeptide(L)'
_entity_poly.pdbx_seq_one_letter_code
;MTRRRVLSVVVLLAALACRLGAQTPEQPAPPATTVQPTATRQQTSFPFRVCELSSHGDLFRFSSDIQCPSFGTRENHTEG
LLMVFKDNCIPYSFKVRSYTKIVTNILIYNGHRADSVTNRHEEKFSVESYETDQMDTIYQCYNAVKMTKDGLTRVYVDRD
GVNITVNLKPTGGLCNGVRRYASQTELYDAPGRVEATYRTRTTVNCLITDMMAKSNSPFEFFVTTTGQTVEMSPFYDGKN
TETFHERADSFHVRTNYKIVDYDNRGTNPQGERRAFLDKGTYTLSWKLENRTAYCPLQHWQTFDSTIATETGKSIIFVTQ
EGTSLFVTNTTVGIELPDAFKCIEEQVNKTMHEKYEAVQDRYTKGQEAITYFITSGGLLLAWLPLTPRSLATVKNLTELT
TPTSSPPSSPSPPAPPAARGSTSAAVLGGSGGNAGNATTPVPPAAPGKSLGTLNNPATVQIQFAYDSLRRQINRMLGDLA
RAWCLEQKRQNMVLRELTKINPTTVMSSIYGKAVAAKRLGDVISVSQCVPVNQATVTLRKSMRVPGSETMCYSRPLVSFS
FINDTKTYEGQLGTDNEIFLTKKMTEVCQATSQYYFQSGNEIHVYNDYHHFKTIELDGIATLQTFISGCGNTSLICNIDF
ASLELYSRDEQRASNVFDLEGIFREYNFQAQNIAGLRKDLDNAVSNGRNQGGSGYIPEAPRDGQAYVRKDGEWVLLSTFL
GRAAASSLEVLFQGPGHHHHHHHHSAWSHPQFEKGGGSGGGGSGGSAWSHPQFEK
;
_entity_poly.pdbx_strand_id   A,B,C
#
loop_
_chem_comp.id
_chem_comp.type
_chem_comp.name
_chem_comp.formula
BMA D-saccharide, beta linking beta-D-mannopyranose 'C6 H12 O6'
NAG D-saccharide, beta linking 2-acetamido-2-deoxy-beta-D-glucopyranose 'C8 H15 N O6'
#
# COMPACT_ATOMS: atom_id res chain seq x y z
N THR A 44 -17.78 15.87 15.01
CA THR A 44 -17.05 14.99 14.10
C THR A 44 -17.17 13.53 14.55
N SER A 45 -17.06 12.61 13.59
CA SER A 45 -17.07 11.19 13.89
C SER A 45 -15.74 10.66 14.41
N PHE A 46 -14.69 11.48 14.42
CA PHE A 46 -13.38 11.10 14.93
C PHE A 46 -13.02 11.94 16.16
N PRO A 47 -13.75 11.80 17.27
CA PRO A 47 -13.48 12.64 18.44
C PRO A 47 -12.16 12.26 19.09
N PHE A 48 -11.73 13.11 20.02
CA PHE A 48 -10.57 12.78 20.85
C PHE A 48 -10.80 11.46 21.57
N ARG A 49 -9.83 10.55 21.45
CA ARG A 49 -10.04 9.19 21.90
C ARG A 49 -8.69 8.52 22.15
N VAL A 50 -8.70 7.52 23.03
CA VAL A 50 -7.55 6.65 23.25
C VAL A 50 -7.92 5.28 22.72
N CYS A 51 -7.26 4.84 21.65
CA CYS A 51 -7.60 3.60 20.99
C CYS A 51 -6.72 2.42 21.38
N GLU A 52 -5.50 2.66 21.87
CA GLU A 52 -4.59 1.57 22.17
C GLU A 52 -4.97 0.77 23.39
N LEU A 53 -5.93 1.25 24.20
CA LEU A 53 -6.43 0.48 25.33
C LEU A 53 -7.33 -0.68 24.90
N SER A 54 -7.75 -0.73 23.63
CA SER A 54 -8.72 -1.73 23.17
C SER A 54 -8.04 -3.09 23.05
N SER A 55 -8.44 -4.02 23.90
CA SER A 55 -7.75 -5.31 23.99
C SER A 55 -8.19 -6.27 22.88
N HIS A 56 -9.48 -6.62 22.84
CA HIS A 56 -9.95 -7.70 22.00
C HIS A 56 -11.41 -7.47 21.62
N GLY A 57 -11.66 -7.28 20.34
CA GLY A 57 -13.02 -7.06 19.85
C GLY A 57 -13.45 -8.06 18.79
N ASP A 58 -14.28 -7.62 17.86
CA ASP A 58 -14.76 -8.50 16.81
C ASP A 58 -13.65 -8.86 15.84
N LEU A 59 -13.56 -10.12 15.49
CA LEU A 59 -12.45 -10.65 14.70
C LEU A 59 -12.85 -10.81 13.24
N PHE A 60 -11.91 -10.53 12.35
CA PHE A 60 -12.05 -10.88 10.95
C PHE A 60 -10.70 -11.26 10.39
N ARG A 61 -10.72 -11.99 9.27
CA ARG A 61 -9.52 -12.43 8.57
C ARG A 61 -9.61 -12.03 7.11
N PHE A 62 -8.45 -11.83 6.50
CA PHE A 62 -8.37 -11.55 5.07
C PHE A 62 -8.52 -12.85 4.29
N SER A 63 -9.53 -12.90 3.42
CA SER A 63 -9.82 -14.10 2.64
C SER A 63 -8.81 -14.22 1.51
N SER A 64 -7.86 -15.13 1.65
CA SER A 64 -7.11 -15.65 0.52
C SER A 64 -8.01 -16.43 -0.43
N ASP A 65 -7.47 -16.71 -1.61
CA ASP A 65 -8.12 -17.53 -2.65
C ASP A 65 -9.57 -17.11 -2.91
N ILE A 66 -9.76 -15.80 -3.07
CA ILE A 66 -10.96 -15.30 -3.74
C ILE A 66 -10.92 -15.73 -5.20
N GLN A 67 -11.99 -16.39 -5.65
CA GLN A 67 -12.06 -16.93 -7.00
C GLN A 67 -12.97 -16.07 -7.87
N CYS A 68 -12.45 -15.64 -9.03
CA CYS A 68 -13.23 -14.92 -10.01
C CYS A 68 -13.46 -15.79 -11.24
N PRO A 69 -14.70 -15.99 -11.66
CA PRO A 69 -14.99 -16.95 -12.72
C PRO A 69 -14.61 -16.43 -14.09
N SER A 70 -14.41 -17.38 -15.00
CA SER A 70 -14.27 -17.11 -16.42
C SER A 70 -15.59 -17.42 -17.12
N PHE A 71 -16.12 -16.44 -17.84
CA PHE A 71 -17.43 -16.60 -18.46
C PHE A 71 -17.43 -17.68 -19.54
N GLY A 72 -16.31 -17.87 -20.23
CA GLY A 72 -16.25 -18.91 -21.24
C GLY A 72 -17.24 -18.67 -22.36
N THR A 73 -17.96 -19.72 -22.74
CA THR A 73 -19.04 -19.61 -23.73
C THR A 73 -20.13 -18.70 -23.19
N ARG A 74 -20.42 -17.62 -23.91
CA ARG A 74 -21.06 -16.44 -23.35
C ARG A 74 -22.39 -16.10 -24.00
N GLU A 75 -22.86 -16.89 -24.96
CA GLU A 75 -24.21 -16.74 -25.48
C GLU A 75 -25.23 -17.28 -24.48
N ASN A 76 -26.50 -17.26 -24.88
CA ASN A 76 -27.62 -17.74 -24.07
C ASN A 76 -27.72 -17.01 -22.74
N HIS A 77 -27.45 -15.70 -22.76
CA HIS A 77 -27.83 -14.84 -21.64
C HIS A 77 -29.34 -14.93 -21.42
N THR A 78 -29.75 -14.81 -20.16
CA THR A 78 -31.16 -14.59 -19.83
C THR A 78 -31.29 -13.58 -18.69
N GLU A 79 -32.28 -12.71 -18.81
CA GLU A 79 -32.53 -11.68 -17.81
C GLU A 79 -33.47 -12.21 -16.73
N GLY A 80 -33.36 -11.64 -15.54
CA GLY A 80 -34.29 -11.99 -14.48
C GLY A 80 -34.00 -11.21 -13.21
N LEU A 81 -34.98 -11.24 -12.32
CA LEU A 81 -34.84 -10.65 -10.99
C LEU A 81 -34.00 -11.55 -10.09
N LEU A 82 -33.08 -10.95 -9.35
CA LEU A 82 -32.25 -11.67 -8.39
C LEU A 82 -32.39 -11.03 -7.02
N MET A 83 -32.84 -11.82 -6.04
CA MET A 83 -32.83 -11.43 -4.64
C MET A 83 -31.69 -12.16 -3.94
N VAL A 84 -30.79 -11.41 -3.31
CA VAL A 84 -29.65 -11.98 -2.60
C VAL A 84 -29.92 -11.93 -1.11
N PHE A 85 -29.82 -13.09 -0.46
CA PHE A 85 -30.02 -13.21 0.98
C PHE A 85 -28.72 -13.61 1.64
N LYS A 86 -28.37 -12.93 2.73
CA LYS A 86 -27.13 -13.13 3.44
C LYS A 86 -27.41 -13.72 4.81
N ASP A 87 -26.46 -14.50 5.33
CA ASP A 87 -26.56 -15.03 6.68
C ASP A 87 -26.77 -13.91 7.69
N ASN A 88 -27.69 -14.13 8.63
CA ASN A 88 -28.09 -13.11 9.58
C ASN A 88 -27.17 -13.14 10.79
N CYS A 89 -26.68 -11.98 11.19
CA CYS A 89 -25.94 -11.81 12.44
C CYS A 89 -26.71 -10.86 13.34
N ILE A 90 -27.04 -11.32 14.55
CA ILE A 90 -27.66 -10.50 15.58
C ILE A 90 -26.62 -10.19 16.65
N PRO A 91 -26.32 -8.92 16.91
CA PRO A 91 -25.43 -8.57 18.02
C PRO A 91 -26.11 -8.61 19.37
N TYR A 92 -26.16 -9.78 20.00
CA TYR A 92 -26.75 -9.92 21.33
C TYR A 92 -25.82 -9.30 22.37
N SER A 93 -26.15 -8.09 22.79
CA SER A 93 -25.38 -7.39 23.82
C SER A 93 -26.16 -7.42 25.13
N PHE A 94 -25.48 -7.81 26.21
CA PHE A 94 -26.13 -8.01 27.49
C PHE A 94 -25.19 -7.59 28.61
N LYS A 95 -25.77 -7.21 29.74
CA LYS A 95 -25.02 -6.69 30.87
C LYS A 95 -24.50 -7.82 31.74
N VAL A 96 -23.21 -7.74 32.09
CA VAL A 96 -22.50 -8.81 32.80
C VAL A 96 -21.74 -8.20 33.97
N ARG A 97 -21.79 -8.86 35.12
CA ARG A 97 -21.06 -8.45 36.31
C ARG A 97 -19.88 -9.39 36.53
N SER A 98 -18.68 -8.82 36.65
CA SER A 98 -17.46 -9.57 36.93
C SER A 98 -17.01 -9.35 38.37
N TYR A 99 -16.60 -10.43 39.02
CA TYR A 99 -16.14 -10.40 40.40
C TYR A 99 -14.73 -11.00 40.45
N THR A 100 -13.81 -10.32 41.13
CA THR A 100 -12.46 -10.82 41.25
C THR A 100 -11.81 -10.32 42.52
N LYS A 101 -10.82 -11.08 43.00
CA LYS A 101 -9.90 -10.66 44.03
C LYS A 101 -8.55 -10.37 43.39
N ILE A 102 -8.04 -9.15 43.56
CA ILE A 102 -6.73 -8.77 43.07
C ILE A 102 -5.74 -8.83 44.23
N VAL A 103 -4.58 -9.46 43.97
CA VAL A 103 -3.58 -9.72 45.00
C VAL A 103 -2.22 -9.29 44.45
N THR A 104 -1.44 -8.59 45.29
CA THR A 104 -0.13 -8.11 44.90
C THR A 104 0.96 -8.80 45.69
N GLU A 122 1.07 -10.05 40.21
CA GLU A 122 -0.22 -9.79 40.93
C GLU A 122 -1.20 -10.93 40.64
N GLU A 123 -1.34 -11.87 41.58
CA GLU A 123 -2.23 -13.05 41.35
C GLU A 123 -3.69 -12.60 41.46
N LYS A 124 -4.58 -13.24 40.68
CA LYS A 124 -6.03 -12.92 40.74
C LYS A 124 -6.79 -14.18 41.18
N PHE A 125 -8.00 -14.03 41.70
CA PHE A 125 -8.75 -15.15 42.23
C PHE A 125 -10.25 -14.92 42.06
N SER A 126 -10.97 -16.00 41.80
CA SER A 126 -12.43 -15.95 41.75
C SER A 126 -13.01 -15.72 43.15
N VAL A 127 -14.33 -15.59 43.20
CA VAL A 127 -15.06 -15.30 44.43
C VAL A 127 -16.13 -16.36 44.60
N GLU A 128 -16.25 -16.87 45.83
CA GLU A 128 -17.19 -17.96 46.10
C GLU A 128 -18.63 -17.45 46.12
N SER A 129 -19.57 -18.41 46.19
CA SER A 129 -20.99 -18.12 46.13
C SER A 129 -21.48 -17.28 47.31
N TYR A 130 -20.97 -17.54 48.52
CA TYR A 130 -21.46 -16.80 49.71
C TYR A 130 -20.98 -15.34 49.66
N GLU A 131 -19.76 -15.09 49.18
CA GLU A 131 -19.23 -13.74 49.10
C GLU A 131 -19.83 -12.97 47.92
N THR A 132 -20.15 -13.63 46.80
CA THR A 132 -20.80 -12.94 45.69
C THR A 132 -22.22 -12.50 46.04
N ASP A 133 -22.90 -13.26 46.89
CA ASP A 133 -24.20 -12.82 47.39
C ASP A 133 -24.09 -11.53 48.20
N GLN A 134 -23.04 -11.47 49.00
CA GLN A 134 -22.82 -10.27 49.83
C GLN A 134 -22.41 -9.09 48.94
N MET A 135 -21.69 -9.31 47.85
CA MET A 135 -21.36 -8.27 46.89
C MET A 135 -22.60 -7.77 46.16
N ASP A 136 -23.46 -8.68 45.70
CA ASP A 136 -24.60 -8.27 44.90
C ASP A 136 -25.69 -7.60 45.73
N THR A 137 -25.78 -7.93 47.03
CA THR A 137 -26.82 -7.36 47.87
C THR A 137 -26.39 -6.15 48.69
N ILE A 138 -25.13 -6.08 49.12
CA ILE A 138 -24.71 -5.06 50.08
C ILE A 138 -23.43 -4.39 49.58
N TYR A 139 -22.85 -4.92 48.51
CA TYR A 139 -21.54 -4.47 48.02
C TYR A 139 -20.46 -4.57 49.08
N GLN A 140 -20.67 -5.45 50.07
CA GLN A 140 -19.68 -5.78 51.07
C GLN A 140 -19.00 -7.08 50.68
N CYS A 141 -17.75 -7.21 51.10
CA CYS A 141 -16.90 -8.36 50.88
C CYS A 141 -16.03 -8.60 52.11
N TYR A 142 -15.20 -9.61 51.98
CA TYR A 142 -14.43 -9.99 53.15
C TYR A 142 -12.95 -9.92 52.82
N ASN A 143 -12.25 -9.02 53.51
CA ASN A 143 -10.85 -8.78 53.24
C ASN A 143 -10.03 -9.98 53.71
N ALA A 144 -9.79 -10.91 52.80
CA ALA A 144 -8.75 -11.92 52.82
C ALA A 144 -8.69 -12.61 51.46
N VAL A 145 -7.59 -13.26 51.14
CA VAL A 145 -7.53 -14.22 50.02
C VAL A 145 -7.10 -15.60 50.52
N LYS A 146 -8.03 -16.54 50.45
CA LYS A 146 -7.79 -17.94 50.78
C LYS A 146 -7.16 -18.61 49.58
N VAL A 155 -2.64 -17.73 54.02
CA VAL A 155 -3.71 -16.70 53.85
C VAL A 155 -3.20 -15.37 54.46
N TYR A 156 -3.30 -14.29 53.70
CA TYR A 156 -2.86 -12.96 54.21
C TYR A 156 -3.99 -11.94 54.02
N VAL A 157 -3.99 -10.87 54.82
CA VAL A 157 -5.05 -9.82 54.74
C VAL A 157 -4.37 -8.48 54.42
N ASP A 158 -5.11 -7.54 53.82
CA ASP A 158 -4.56 -6.22 53.55
C ASP A 158 -3.95 -5.64 54.81
N ARG A 159 -2.84 -4.92 54.65
CA ARG A 159 -2.08 -4.35 55.76
C ARG A 159 -1.75 -5.41 56.82
N ASP A 160 -1.68 -6.67 56.39
CA ASP A 160 -1.47 -7.80 57.28
C ASP A 160 -2.44 -7.79 58.47
N GLY A 161 -3.64 -7.26 58.23
CA GLY A 161 -4.67 -7.14 59.24
C GLY A 161 -5.36 -8.44 59.57
N VAL A 162 -6.64 -8.34 59.91
CA VAL A 162 -7.47 -9.49 60.24
C VAL A 162 -8.72 -9.46 59.38
N ASN A 163 -9.24 -10.65 59.07
CA ASN A 163 -10.43 -10.84 58.26
C ASN A 163 -11.61 -10.02 58.76
N ILE A 164 -12.07 -9.02 58.02
CA ILE A 164 -13.15 -8.13 58.49
C ILE A 164 -14.05 -7.69 57.33
N THR A 165 -15.30 -7.34 57.64
CA THR A 165 -16.24 -6.75 56.69
C THR A 165 -15.68 -5.44 56.14
N VAL A 166 -15.41 -5.40 54.84
CA VAL A 166 -14.76 -4.27 54.17
C VAL A 166 -15.64 -3.77 53.03
N ASN A 167 -15.83 -2.46 52.95
CA ASN A 167 -16.92 -1.91 52.14
C ASN A 167 -16.40 -1.40 50.81
N LEU A 168 -16.99 -1.86 49.71
CA LEU A 168 -16.60 -1.40 48.38
C LEU A 168 -17.05 0.03 48.13
N LYS A 169 -16.12 0.89 47.59
CA LYS A 169 -16.46 2.22 47.11
C LYS A 169 -16.62 2.22 45.59
N PRO A 170 -17.47 3.08 45.04
CA PRO A 170 -17.66 3.12 43.59
C PRO A 170 -16.46 3.73 42.87
N THR A 171 -16.31 3.35 41.60
CA THR A 171 -15.21 3.85 40.77
C THR A 171 -15.69 3.93 39.32
N GLY A 172 -15.26 4.98 38.62
CA GLY A 172 -15.63 5.19 37.23
C GLY A 172 -15.19 4.12 36.25
N GLY A 173 -16.12 3.61 35.45
CA GLY A 173 -15.78 2.92 34.22
C GLY A 173 -15.74 3.85 33.02
N LEU A 174 -14.82 3.57 32.09
CA LEU A 174 -14.54 4.52 31.02
C LEU A 174 -15.48 4.37 29.82
N CYS A 175 -16.23 3.28 29.71
CA CYS A 175 -17.21 3.13 28.65
C CYS A 175 -18.61 3.45 29.17
N ASN A 176 -19.51 3.74 28.24
CA ASN A 176 -20.93 3.83 28.55
C ASN A 176 -21.42 2.54 29.20
N GLY A 177 -21.86 2.65 30.45
CA GLY A 177 -22.48 1.53 31.13
C GLY A 177 -21.52 0.59 31.82
N VAL A 178 -20.25 0.95 31.93
CA VAL A 178 -19.27 0.19 32.72
C VAL A 178 -19.08 0.90 34.05
N ARG A 179 -19.24 0.16 35.15
CA ARG A 179 -19.06 0.70 36.48
C ARG A 179 -18.22 -0.26 37.30
N ARG A 180 -17.12 0.23 37.86
CA ARG A 180 -16.24 -0.57 38.70
C ARG A 180 -16.46 -0.25 40.17
N TYR A 181 -16.20 -1.24 41.03
CA TYR A 181 -16.22 -1.02 42.46
C TYR A 181 -14.99 -1.69 43.07
N ALA A 182 -14.24 -0.96 43.88
CA ALA A 182 -12.99 -1.49 44.41
C ALA A 182 -12.74 -0.89 45.79
N SER A 183 -12.76 -1.75 46.81
CA SER A 183 -12.39 -1.33 48.15
C SER A 183 -10.89 -1.48 48.36
N THR A 203 -2.24 -5.71 48.00
CA THR A 203 -2.29 -6.92 48.80
C THR A 203 -3.56 -7.73 48.52
N VAL A 204 -4.70 -7.28 49.03
CA VAL A 204 -5.99 -7.91 48.73
C VAL A 204 -7.01 -6.82 48.45
N ASN A 205 -7.75 -6.97 47.35
CA ASN A 205 -8.68 -5.94 46.88
C ASN A 205 -9.87 -6.61 46.22
N CYS A 206 -11.06 -6.49 46.83
CA CYS A 206 -12.26 -6.92 46.16
C CYS A 206 -12.53 -6.01 44.97
N LEU A 207 -13.03 -6.59 43.88
CA LEU A 207 -13.29 -5.80 42.67
C LEU A 207 -14.55 -6.29 41.98
N ILE A 208 -15.42 -5.36 41.59
CA ILE A 208 -16.62 -5.64 40.82
C ILE A 208 -16.56 -4.80 39.55
N THR A 209 -17.05 -5.36 38.44
CA THR A 209 -17.10 -4.63 37.18
C THR A 209 -18.40 -4.98 36.46
N ASP A 210 -19.36 -4.05 36.46
CA ASP A 210 -20.45 -4.11 35.51
C ASP A 210 -19.95 -3.72 34.13
N MET A 211 -20.25 -4.54 33.14
CA MET A 211 -19.71 -4.31 31.80
C MET A 211 -20.55 -5.05 30.78
N MET A 212 -20.49 -4.57 29.55
CA MET A 212 -21.17 -5.22 28.43
C MET A 212 -20.42 -6.46 27.98
N ALA A 213 -21.17 -7.43 27.46
CA ALA A 213 -20.61 -8.48 26.62
C ALA A 213 -21.48 -8.65 25.38
N LYS A 214 -20.83 -8.92 24.24
CA LYS A 214 -21.53 -9.08 22.98
C LYS A 214 -21.26 -10.47 22.43
N SER A 215 -22.27 -11.02 21.74
CA SER A 215 -22.13 -12.30 21.06
C SER A 215 -22.80 -12.22 19.70
N ASN A 216 -22.33 -13.07 18.78
CA ASN A 216 -22.84 -13.13 17.42
C ASN A 216 -23.84 -14.27 17.28
N SER A 217 -24.62 -14.15 16.20
CA SER A 217 -25.75 -15.08 15.94
C SER A 217 -25.47 -16.52 16.35
N PRO A 218 -24.38 -17.20 15.94
CA PRO A 218 -24.23 -18.61 16.32
C PRO A 218 -24.11 -18.83 17.83
N PHE A 219 -23.89 -17.76 18.59
CA PHE A 219 -23.85 -17.84 20.08
C PHE A 219 -22.85 -18.91 20.54
N GLU A 220 -21.69 -19.02 19.90
CA GLU A 220 -20.65 -19.92 20.38
C GLU A 220 -19.83 -19.31 21.50
N PHE A 221 -19.76 -17.98 21.58
CA PHE A 221 -18.96 -17.31 22.59
C PHE A 221 -19.43 -15.87 22.71
N PHE A 222 -19.01 -15.21 23.80
CA PHE A 222 -19.25 -13.78 23.97
C PHE A 222 -18.02 -13.12 24.58
N VAL A 223 -17.72 -11.92 24.10
CA VAL A 223 -16.54 -11.17 24.52
C VAL A 223 -16.98 -10.02 25.42
N THR A 224 -16.37 -9.93 26.60
CA THR A 224 -16.61 -8.86 27.55
C THR A 224 -15.74 -7.64 27.22
N THR A 225 -16.07 -6.51 27.85
CA THR A 225 -15.27 -5.30 27.67
C THR A 225 -13.82 -5.51 28.08
N THR A 226 -13.57 -6.39 29.05
CA THR A 226 -12.20 -6.68 29.46
C THR A 226 -11.42 -7.38 28.35
N GLY A 227 -12.10 -7.99 27.40
CA GLY A 227 -11.48 -8.80 26.38
C GLY A 227 -11.44 -10.28 26.70
N GLN A 228 -11.86 -10.67 27.90
CA GLN A 228 -11.99 -12.08 28.25
C GLN A 228 -13.12 -12.71 27.44
N THR A 229 -12.83 -13.84 26.81
CA THR A 229 -13.81 -14.57 26.01
C THR A 229 -14.24 -15.84 26.72
N VAL A 230 -15.54 -16.10 26.72
CA VAL A 230 -16.13 -17.23 27.41
C VAL A 230 -16.69 -18.19 26.37
N GLU A 231 -16.33 -19.46 26.49
CA GLU A 231 -16.64 -20.46 25.46
C GLU A 231 -17.98 -21.15 25.75
N MET A 232 -19.04 -20.34 25.75
CA MET A 232 -20.39 -20.89 25.86
C MET A 232 -21.38 -19.91 25.26
N SER A 233 -22.58 -20.40 25.01
CA SER A 233 -23.70 -19.52 24.72
C SER A 233 -24.15 -18.80 25.99
N PRO A 234 -24.41 -17.50 25.92
CA PRO A 234 -25.01 -16.81 27.07
C PRO A 234 -26.42 -17.26 27.39
N PHE A 235 -27.02 -18.06 26.51
CA PHE A 235 -28.42 -18.52 26.74
C PHE A 235 -28.39 -19.96 27.27
N TYR A 236 -27.20 -20.47 27.60
CA TYR A 236 -27.08 -21.82 28.13
C TYR A 236 -27.79 -21.95 29.47
N ASP A 237 -28.86 -22.75 29.52
CA ASP A 237 -29.65 -22.95 30.72
C ASP A 237 -29.11 -24.06 31.62
N GLY A 238 -27.94 -24.62 31.29
CA GLY A 238 -27.46 -25.79 32.01
C GLY A 238 -28.08 -27.09 31.52
N LYS A 239 -29.39 -27.23 31.68
CA LYS A 239 -30.08 -28.43 31.26
C LYS A 239 -30.29 -28.49 29.75
N ASN A 240 -30.18 -27.35 29.05
CA ASN A 240 -30.57 -27.28 27.65
C ASN A 240 -29.58 -27.95 26.72
N THR A 241 -28.37 -28.28 27.20
CA THR A 241 -27.29 -28.88 26.42
C THR A 241 -26.92 -28.05 25.20
N GLU A 242 -27.20 -26.74 25.32
CA GLU A 242 -26.79 -25.79 24.25
C GLU A 242 -25.27 -25.68 24.31
N THR A 243 -24.66 -25.14 23.27
CA THR A 243 -23.21 -25.08 23.14
C THR A 243 -22.54 -24.56 24.40
N PHE A 244 -21.72 -25.42 25.01
CA PHE A 244 -21.10 -25.13 26.30
C PHE A 244 -19.86 -25.99 26.42
N HIS A 245 -18.68 -25.36 26.42
CA HIS A 245 -17.41 -26.07 26.46
C HIS A 245 -16.62 -25.84 27.73
N GLU A 246 -17.05 -24.93 28.59
CA GLU A 246 -16.40 -24.74 29.87
C GLU A 246 -16.69 -25.92 30.80
N ARG A 247 -15.98 -25.95 31.93
CA ARG A 247 -16.19 -27.02 32.90
C ARG A 247 -17.61 -26.97 33.45
N ALA A 248 -18.31 -28.11 33.36
CA ALA A 248 -19.69 -28.18 33.82
C ALA A 248 -19.80 -27.94 35.33
N ASP A 249 -18.75 -28.28 36.08
CA ASP A 249 -18.76 -28.02 37.52
C ASP A 249 -18.68 -26.53 37.81
N SER A 250 -18.11 -25.74 36.91
CA SER A 250 -17.91 -24.31 37.14
C SER A 250 -19.17 -23.48 36.94
N PHE A 251 -20.22 -24.04 36.35
CA PHE A 251 -21.39 -23.27 35.95
C PHE A 251 -22.60 -23.72 36.74
N HIS A 252 -23.38 -22.76 37.24
CA HIS A 252 -24.63 -23.06 37.91
C HIS A 252 -25.58 -21.89 37.74
N VAL A 253 -26.87 -22.17 37.92
CA VAL A 253 -27.93 -21.18 37.75
C VAL A 253 -28.77 -21.17 39.00
N ARG A 254 -29.07 -19.98 39.53
CA ARG A 254 -29.86 -19.82 40.74
C ARG A 254 -31.09 -18.99 40.43
N THR A 255 -32.26 -19.50 40.82
CA THR A 255 -33.52 -18.81 40.63
C THR A 255 -33.73 -17.75 41.70
N ASN A 256 -34.69 -16.86 41.42
CA ASN A 256 -35.16 -15.82 42.34
C ASN A 256 -34.01 -15.07 43.01
N TYR A 257 -32.98 -14.79 42.21
CA TYR A 257 -31.80 -14.11 42.73
C TYR A 257 -32.08 -12.62 42.90
N LYS A 258 -31.56 -12.05 43.98
CA LYS A 258 -31.77 -10.65 44.33
C LYS A 258 -30.47 -9.87 44.12
N ILE A 259 -30.55 -8.76 43.40
CA ILE A 259 -29.41 -7.91 43.16
C ILE A 259 -29.81 -6.46 43.47
N VAL A 260 -28.92 -5.74 44.13
CA VAL A 260 -29.19 -4.40 44.64
C VAL A 260 -28.41 -3.39 43.81
N ASP A 261 -29.09 -2.32 43.41
CA ASP A 261 -28.44 -1.20 42.73
C ASP A 261 -27.82 -0.26 43.77
N TYR A 262 -26.57 0.16 43.50
CA TYR A 262 -25.73 0.72 44.55
C TYR A 262 -26.34 1.97 45.16
N ASP A 263 -26.89 2.85 44.34
CA ASP A 263 -27.53 4.08 44.81
C ASP A 263 -29.02 3.90 45.10
N ASN A 264 -29.58 2.73 44.84
CA ASN A 264 -30.98 2.42 45.12
C ASN A 264 -31.13 1.31 46.14
N ARG A 265 -30.30 1.33 47.20
CA ARG A 265 -30.20 0.16 48.08
C ARG A 265 -31.51 -0.19 48.78
N GLY A 266 -32.45 0.74 48.87
CA GLY A 266 -33.72 0.46 49.48
C GLY A 266 -34.86 0.13 48.55
N THR A 267 -34.65 0.21 47.24
CA THR A 267 -35.74 -0.01 46.30
C THR A 267 -36.11 -1.48 46.16
N ASN A 268 -35.20 -2.40 46.53
CA ASN A 268 -35.39 -3.84 46.48
C ASN A 268 -35.90 -4.30 45.12
N PRO A 269 -35.06 -4.24 44.08
CA PRO A 269 -35.53 -4.55 42.72
C PRO A 269 -36.11 -5.95 42.62
N GLN A 270 -36.91 -6.16 41.57
CA GLN A 270 -37.53 -7.45 41.32
C GLN A 270 -36.46 -8.51 41.05
N GLY A 271 -36.77 -9.75 41.39
CA GLY A 271 -35.81 -10.82 41.26
C GLY A 271 -35.61 -11.26 39.82
N GLU A 272 -34.50 -11.98 39.60
CA GLU A 272 -34.15 -12.48 38.28
C GLU A 272 -33.66 -13.91 38.41
N ARG A 273 -33.52 -14.57 37.25
CA ARG A 273 -32.78 -15.83 37.16
C ARG A 273 -31.40 -15.53 36.59
N ARG A 274 -30.37 -15.84 37.36
CA ARG A 274 -29.02 -15.37 37.07
C ARG A 274 -28.04 -16.53 37.08
N ALA A 275 -27.17 -16.56 36.08
CA ALA A 275 -26.16 -17.59 35.92
C ALA A 275 -24.83 -17.14 36.51
N PHE A 276 -24.03 -18.11 36.94
CA PHE A 276 -22.74 -17.86 37.57
C PHE A 276 -21.71 -18.78 36.93
N LEU A 277 -20.50 -18.25 36.74
CA LEU A 277 -19.42 -19.02 36.14
C LEU A 277 -18.14 -18.76 36.91
N ASP A 278 -17.40 -19.82 37.20
CA ASP A 278 -16.13 -19.74 37.89
C ASP A 278 -15.03 -20.06 36.88
N LYS A 279 -14.18 -19.07 36.58
CA LYS A 279 -13.07 -19.25 35.66
C LYS A 279 -11.72 -19.30 36.36
N GLY A 280 -11.71 -19.48 37.67
CA GLY A 280 -10.46 -19.52 38.43
C GLY A 280 -9.82 -18.17 38.64
N THR A 281 -9.69 -17.37 37.56
CA THR A 281 -9.21 -16.01 37.68
C THR A 281 -10.31 -15.06 38.15
N TYR A 282 -11.53 -15.27 37.69
CA TYR A 282 -12.63 -14.38 38.02
C TYR A 282 -13.94 -15.14 37.99
N THR A 283 -14.91 -14.67 38.78
CA THR A 283 -16.29 -15.09 38.65
C THR A 283 -17.01 -14.16 37.70
N LEU A 284 -17.95 -14.72 36.93
CA LEU A 284 -18.72 -13.96 35.95
C LEU A 284 -20.19 -14.31 36.10
N SER A 285 -21.05 -13.30 36.02
CA SER A 285 -22.48 -13.49 36.21
C SER A 285 -23.26 -12.67 35.20
N TRP A 286 -24.37 -13.22 34.73
CA TRP A 286 -25.23 -12.54 33.77
C TRP A 286 -26.63 -13.09 33.87
N LYS A 287 -27.60 -12.29 33.45
CA LYS A 287 -29.00 -12.70 33.43
C LYS A 287 -29.23 -13.64 32.25
N LEU A 288 -29.92 -14.75 32.51
CA LEU A 288 -30.31 -15.70 31.47
C LEU A 288 -31.63 -15.25 30.84
N GLU A 289 -31.52 -14.63 29.66
CA GLU A 289 -32.76 -14.30 28.92
C GLU A 289 -33.05 -15.49 28.00
N ASN A 290 -34.20 -16.15 28.20
CA ASN A 290 -34.56 -17.31 27.34
C ASN A 290 -34.14 -16.98 25.90
N ARG A 291 -33.36 -17.85 25.26
CA ARG A 291 -32.84 -17.57 23.90
C ARG A 291 -33.96 -17.08 22.99
N THR A 292 -33.72 -15.99 22.25
CA THR A 292 -34.74 -15.45 21.31
C THR A 292 -34.72 -16.27 20.03
N ALA A 293 -35.74 -16.13 19.19
CA ALA A 293 -35.82 -16.93 17.95
C ALA A 293 -35.76 -16.01 16.74
N TYR A 294 -34.99 -16.40 15.70
CA TYR A 294 -34.82 -15.54 14.51
C TYR A 294 -34.72 -16.43 13.28
N CYS A 295 -34.82 -15.85 12.08
CA CYS A 295 -34.67 -16.62 10.85
C CYS A 295 -33.23 -16.55 10.34
N PRO A 296 -32.67 -17.68 9.91
CA PRO A 296 -31.24 -17.72 9.56
C PRO A 296 -30.80 -16.72 8.49
N LEU A 297 -31.67 -16.37 7.54
CA LEU A 297 -31.28 -15.53 6.43
C LEU A 297 -31.94 -14.17 6.49
N GLN A 298 -31.14 -13.11 6.44
CA GLN A 298 -31.60 -11.74 6.34
C GLN A 298 -31.48 -11.26 4.90
N HIS A 299 -32.52 -10.59 4.40
CA HIS A 299 -32.46 -10.03 3.06
C HIS A 299 -31.35 -9.00 2.93
N TRP A 300 -30.61 -9.06 1.84
CA TRP A 300 -29.48 -8.16 1.61
C TRP A 300 -29.73 -7.18 0.47
N GLN A 301 -29.98 -7.68 -0.74
CA GLN A 301 -30.10 -6.82 -1.91
C GLN A 301 -31.17 -7.37 -2.85
N THR A 302 -31.82 -6.46 -3.57
CA THR A 302 -32.68 -6.81 -4.70
C THR A 302 -32.12 -6.15 -5.94
N PHE A 303 -31.76 -6.97 -6.93
CA PHE A 303 -31.25 -6.49 -8.21
C PHE A 303 -32.33 -6.67 -9.26
N ASP A 304 -32.79 -5.54 -9.81
CA ASP A 304 -34.01 -5.56 -10.61
C ASP A 304 -33.80 -6.18 -11.99
N SER A 305 -32.60 -6.07 -12.56
CA SER A 305 -32.25 -6.82 -13.75
C SER A 305 -30.85 -7.39 -13.61
N THR A 306 -30.71 -8.67 -13.94
CA THR A 306 -29.43 -9.38 -13.88
C THR A 306 -29.33 -10.31 -15.07
N ILE A 307 -28.11 -10.64 -15.43
CA ILE A 307 -27.79 -11.46 -16.59
C ILE A 307 -27.25 -12.80 -16.07
N ALA A 308 -27.91 -13.89 -16.43
CA ALA A 308 -27.48 -15.23 -16.06
C ALA A 308 -26.77 -15.87 -17.23
N THR A 309 -25.55 -16.35 -16.98
CA THR A 309 -24.75 -17.05 -17.99
C THR A 309 -24.51 -18.48 -17.51
N GLU A 310 -24.91 -19.44 -18.32
CA GLU A 310 -24.84 -20.86 -17.96
C GLU A 310 -23.52 -21.42 -18.48
N THR A 311 -22.51 -21.45 -17.60
CA THR A 311 -21.17 -21.91 -17.94
C THR A 311 -21.00 -23.40 -17.69
N GLY A 312 -22.04 -24.19 -17.90
CA GLY A 312 -22.00 -25.63 -17.75
C GLY A 312 -22.01 -26.09 -16.31
N LYS A 313 -20.93 -25.84 -15.57
CA LYS A 313 -20.88 -26.26 -14.17
C LYS A 313 -21.57 -25.27 -13.24
N SER A 314 -21.53 -23.99 -13.57
CA SER A 314 -22.02 -22.94 -12.69
C SER A 314 -22.89 -21.98 -13.48
N ILE A 315 -23.73 -21.24 -12.77
CA ILE A 315 -24.40 -20.06 -13.31
C ILE A 315 -23.72 -18.82 -12.73
N ILE A 316 -23.34 -17.90 -13.61
CA ILE A 316 -22.77 -16.62 -13.21
C ILE A 316 -23.86 -15.55 -13.34
N PHE A 317 -24.15 -14.88 -12.23
CA PHE A 317 -25.12 -13.79 -12.21
C PHE A 317 -24.37 -12.46 -12.21
N VAL A 318 -24.65 -11.62 -13.19
CA VAL A 318 -24.05 -10.30 -13.32
C VAL A 318 -25.13 -9.28 -13.07
N THR A 319 -24.90 -8.39 -12.12
CA THR A 319 -25.90 -7.41 -11.70
C THR A 319 -25.56 -6.04 -12.25
N GLN A 320 -26.55 -5.36 -12.80
CA GLN A 320 -26.31 -4.05 -13.38
C GLN A 320 -26.12 -2.99 -12.31
N GLU A 321 -26.93 -3.04 -11.26
CA GLU A 321 -26.72 -2.14 -10.13
C GLU A 321 -25.45 -2.53 -9.39
N GLY A 322 -24.60 -1.54 -9.13
CA GLY A 322 -23.24 -1.85 -8.72
C GLY A 322 -22.48 -2.52 -9.85
N THR A 323 -21.65 -3.49 -9.48
CA THR A 323 -20.98 -4.39 -10.41
C THR A 323 -20.90 -5.81 -9.86
N SER A 324 -21.84 -6.18 -8.99
CA SER A 324 -21.68 -7.38 -8.19
C SER A 324 -21.87 -8.64 -9.03
N LEU A 325 -21.14 -9.69 -8.64
CA LEU A 325 -21.09 -10.95 -9.36
C LEU A 325 -21.31 -12.08 -8.37
N PHE A 326 -22.11 -13.07 -8.76
CA PHE A 326 -22.41 -14.22 -7.92
C PHE A 326 -22.21 -15.51 -8.71
N VAL A 327 -21.45 -16.44 -8.14
CA VAL A 327 -21.19 -17.73 -8.75
C VAL A 327 -22.00 -18.79 -8.01
N THR A 328 -22.89 -19.45 -8.72
CA THR A 328 -23.73 -20.50 -8.16
C THR A 328 -23.16 -21.86 -8.53
N ASN A 329 -22.88 -22.70 -7.53
CA ASN A 329 -22.16 -23.98 -7.82
C ASN A 329 -23.07 -25.05 -8.42
N THR A 330 -24.38 -24.81 -8.55
CA THR A 330 -25.30 -25.79 -9.07
C THR A 330 -26.01 -25.23 -10.30
N THR A 331 -26.29 -26.10 -11.27
CA THR A 331 -26.95 -25.69 -12.51
C THR A 331 -28.47 -25.79 -12.42
N VAL A 332 -28.98 -26.76 -11.66
CA VAL A 332 -30.40 -26.88 -11.38
C VAL A 332 -30.63 -26.38 -9.96
N GLY A 333 -31.54 -25.41 -9.82
CA GLY A 333 -31.70 -24.76 -8.53
C GLY A 333 -32.26 -25.71 -7.49
N ILE A 334 -31.71 -25.61 -6.28
CA ILE A 334 -32.15 -26.46 -5.18
C ILE A 334 -33.53 -26.01 -4.68
N GLU A 335 -34.34 -26.98 -4.30
CA GLU A 335 -35.57 -26.66 -3.57
C GLU A 335 -35.23 -26.07 -2.22
N LEU A 336 -35.98 -25.05 -1.82
CA LEU A 336 -35.63 -24.25 -0.66
C LEU A 336 -35.65 -25.10 0.62
N PRO A 337 -34.56 -25.16 1.37
CA PRO A 337 -34.60 -25.82 2.69
C PRO A 337 -35.67 -25.20 3.58
N ASP A 338 -36.39 -26.06 4.29
CA ASP A 338 -37.54 -25.63 5.09
C ASP A 338 -37.13 -24.59 6.14
N ALA A 339 -35.90 -24.66 6.63
CA ALA A 339 -35.45 -23.70 7.64
C ALA A 339 -35.50 -22.27 7.13
N PHE A 340 -35.29 -22.07 5.83
CA PHE A 340 -35.33 -20.76 5.19
C PHE A 340 -36.73 -20.32 4.78
N LYS A 341 -37.77 -21.09 5.13
CA LYS A 341 -39.11 -20.84 4.62
C LYS A 341 -39.67 -19.49 5.03
N CYS A 342 -39.09 -18.83 6.03
CA CYS A 342 -39.51 -17.47 6.36
C CYS A 342 -39.33 -16.52 5.17
N ILE A 343 -38.38 -16.83 4.29
CA ILE A 343 -38.11 -16.04 3.09
C ILE A 343 -39.29 -16.06 2.12
N GLU A 344 -40.04 -17.16 2.06
CA GLU A 344 -40.97 -17.40 0.96
C GLU A 344 -42.00 -16.28 0.81
N GLU A 345 -42.44 -15.69 1.93
CA GLU A 345 -43.38 -14.58 1.83
C GLU A 345 -42.69 -13.35 1.26
N GLN A 346 -41.49 -13.04 1.76
CA GLN A 346 -40.77 -11.86 1.30
C GLN A 346 -40.50 -11.95 -0.20
N VAL A 347 -40.08 -13.13 -0.67
CA VAL A 347 -39.82 -13.27 -2.11
C VAL A 347 -41.12 -13.16 -2.91
N ASN A 348 -42.21 -13.80 -2.46
CA ASN A 348 -43.45 -13.62 -3.21
C ASN A 348 -43.83 -12.15 -3.31
N LYS A 349 -43.58 -11.38 -2.26
CA LYS A 349 -43.99 -9.99 -2.28
C LYS A 349 -43.07 -9.16 -3.16
N THR A 350 -41.76 -9.33 -3.01
CA THR A 350 -40.83 -8.51 -3.78
C THR A 350 -40.92 -8.85 -5.26
N MET A 351 -40.96 -10.14 -5.60
CA MET A 351 -41.13 -10.54 -6.99
C MET A 351 -42.42 -10.01 -7.58
N HIS A 352 -43.53 -10.06 -6.85
CA HIS A 352 -44.77 -9.56 -7.45
C HIS A 352 -44.72 -8.04 -7.61
N GLU A 353 -44.21 -7.34 -6.59
CA GLU A 353 -44.17 -5.88 -6.65
C GLU A 353 -43.27 -5.39 -7.78
N LYS A 354 -42.14 -6.07 -7.99
CA LYS A 354 -41.18 -5.60 -8.98
C LYS A 354 -41.52 -6.08 -10.38
N TYR A 355 -42.08 -7.29 -10.52
CA TYR A 355 -42.56 -7.73 -11.82
C TYR A 355 -43.73 -6.88 -12.30
N GLU A 356 -44.57 -6.40 -11.37
CA GLU A 356 -45.72 -5.60 -11.79
C GLU A 356 -45.30 -4.33 -12.49
N ALA A 357 -44.18 -3.73 -12.10
CA ALA A 357 -43.63 -2.57 -12.78
C ALA A 357 -42.89 -2.91 -14.06
N VAL A 358 -42.78 -4.19 -14.40
CA VAL A 358 -41.96 -4.65 -15.52
C VAL A 358 -42.78 -5.43 -16.55
N GLN A 359 -44.04 -5.74 -16.25
CA GLN A 359 -44.87 -6.57 -17.12
C GLN A 359 -44.89 -6.05 -18.55
N ASP A 360 -44.90 -4.73 -18.74
CA ASP A 360 -44.97 -4.17 -20.08
C ASP A 360 -43.73 -4.43 -20.92
N ARG A 361 -42.63 -4.92 -20.31
CA ARG A 361 -41.41 -5.20 -21.02
C ARG A 361 -41.01 -6.66 -21.05
N TYR A 362 -41.47 -7.48 -20.11
CA TYR A 362 -41.06 -8.87 -20.02
C TYR A 362 -42.25 -9.76 -19.65
N THR A 363 -42.15 -11.02 -20.03
CA THR A 363 -43.06 -12.07 -19.58
C THR A 363 -42.28 -13.06 -18.73
N LYS A 364 -42.97 -13.71 -17.78
CA LYS A 364 -42.31 -14.68 -16.91
C LYS A 364 -41.94 -15.93 -17.69
N GLY A 365 -40.69 -16.39 -17.52
CA GLY A 365 -40.28 -17.66 -18.08
C GLY A 365 -40.70 -18.87 -17.29
N GLN A 366 -40.97 -18.71 -15.99
CA GLN A 366 -41.38 -19.81 -15.12
C GLN A 366 -42.44 -19.30 -14.16
N GLU A 367 -43.29 -20.23 -13.70
CA GLU A 367 -44.34 -19.89 -12.75
C GLU A 367 -43.88 -19.92 -11.31
N ALA A 368 -42.68 -20.43 -11.02
CA ALA A 368 -42.18 -20.55 -9.66
C ALA A 368 -40.75 -20.06 -9.60
N ILE A 369 -40.41 -19.39 -8.49
CA ILE A 369 -39.06 -18.88 -8.30
C ILE A 369 -38.09 -20.06 -8.16
N THR A 370 -36.91 -19.91 -8.74
CA THR A 370 -35.83 -20.89 -8.58
C THR A 370 -34.83 -20.37 -7.57
N TYR A 371 -34.47 -21.20 -6.60
CA TYR A 371 -33.53 -20.83 -5.55
C TYR A 371 -32.16 -21.45 -5.81
N PHE A 372 -31.12 -20.65 -5.57
CA PHE A 372 -29.74 -21.06 -5.78
C PHE A 372 -28.95 -20.74 -4.52
N ILE A 373 -27.89 -21.51 -4.28
CA ILE A 373 -27.00 -21.27 -3.16
C ILE A 373 -25.58 -21.10 -3.67
N THR A 374 -24.92 -20.03 -3.22
CA THR A 374 -23.54 -19.78 -3.57
C THR A 374 -22.62 -20.56 -2.64
N SER A 375 -21.36 -20.71 -3.07
CA SER A 375 -20.37 -21.38 -2.23
C SER A 375 -20.19 -20.64 -0.90
N GLY A 376 -20.32 -19.31 -0.92
CA GLY A 376 -20.24 -18.51 0.28
C GLY A 376 -21.48 -18.52 1.13
N GLY A 377 -22.51 -19.25 0.71
CA GLY A 377 -23.71 -19.44 1.50
C GLY A 377 -24.81 -18.43 1.29
N LEU A 378 -24.67 -17.53 0.31
CA LEU A 378 -25.76 -16.65 -0.05
C LEU A 378 -26.86 -17.43 -0.75
N LEU A 379 -28.11 -17.09 -0.45
CA LEU A 379 -29.27 -17.65 -1.14
C LEU A 379 -29.78 -16.65 -2.17
N LEU A 380 -29.87 -17.09 -3.42
CA LEU A 380 -30.28 -16.25 -4.55
C LEU A 380 -31.63 -16.72 -5.07
N ALA A 381 -32.62 -15.83 -5.07
CA ALA A 381 -33.93 -16.14 -5.62
C ALA A 381 -34.02 -15.55 -7.03
N TRP A 382 -34.31 -16.39 -8.01
CA TRP A 382 -34.18 -16.06 -9.42
C TRP A 382 -35.52 -16.24 -10.11
N LEU A 383 -36.05 -15.15 -10.67
CA LEU A 383 -37.23 -15.20 -11.53
C LEU A 383 -36.81 -14.91 -12.96
N PRO A 384 -36.71 -15.93 -13.83
CA PRO A 384 -36.32 -15.67 -15.22
C PRO A 384 -37.41 -14.95 -15.99
N LEU A 385 -37.00 -13.95 -16.76
CA LEU A 385 -37.89 -13.18 -17.61
C LEU A 385 -37.44 -13.25 -19.06
N THR A 386 -38.40 -13.27 -19.97
CA THR A 386 -38.15 -13.25 -21.40
C THR A 386 -38.67 -11.96 -22.00
N PRO A 387 -37.84 -11.20 -22.70
CA PRO A 387 -38.29 -9.91 -23.22
C PRO A 387 -39.31 -10.06 -24.34
N ARG A 388 -40.34 -9.23 -24.30
CA ARG A 388 -41.30 -9.18 -25.39
C ARG A 388 -40.65 -8.62 -26.64
N SER A 389 -41.05 -9.16 -27.79
CA SER A 389 -40.64 -8.58 -29.06
C SER A 389 -41.17 -7.15 -29.17
N LEU A 390 -40.39 -6.29 -29.82
CA LEU A 390 -40.73 -4.87 -29.87
C LEU A 390 -42.03 -4.62 -30.62
N ALA A 391 -42.46 -5.56 -31.47
CA ALA A 391 -43.74 -5.42 -32.15
C ALA A 391 -44.90 -5.43 -31.17
N THR A 392 -44.75 -6.09 -30.02
CA THR A 392 -45.87 -6.33 -29.11
C THR A 392 -45.63 -5.81 -27.70
N VAL A 393 -44.52 -5.11 -27.46
CA VAL A 393 -44.34 -4.34 -26.23
C VAL A 393 -45.52 -3.38 -26.09
N LYS A 394 -46.22 -3.47 -24.96
CA LYS A 394 -47.53 -2.82 -24.83
C LYS A 394 -47.43 -1.37 -24.40
N ASN A 454 -33.69 -5.13 -48.47
CA ASN A 454 -34.83 -5.98 -48.76
C ASN A 454 -35.41 -6.57 -47.48
N ASN A 455 -34.67 -6.43 -46.39
CA ASN A 455 -35.21 -6.77 -45.07
C ASN A 455 -36.29 -5.77 -44.66
N PRO A 456 -37.45 -6.24 -44.21
CA PRO A 456 -38.48 -5.31 -43.73
C PRO A 456 -38.07 -4.68 -42.40
N ALA A 457 -38.75 -3.57 -42.09
CA ALA A 457 -38.31 -2.70 -41.01
C ALA A 457 -38.27 -3.42 -39.67
N THR A 458 -39.32 -4.18 -39.34
CA THR A 458 -39.42 -4.81 -38.03
C THR A 458 -38.24 -5.75 -37.77
N VAL A 459 -37.81 -6.50 -38.80
CA VAL A 459 -36.69 -7.42 -38.61
C VAL A 459 -35.42 -6.65 -38.33
N GLN A 460 -35.18 -5.55 -39.06
CA GLN A 460 -34.01 -4.72 -38.79
C GLN A 460 -34.04 -4.16 -37.38
N ILE A 461 -35.21 -3.70 -36.92
CA ILE A 461 -35.31 -3.09 -35.61
C ILE A 461 -35.03 -4.12 -34.53
N GLN A 462 -35.62 -5.31 -34.66
CA GLN A 462 -35.39 -6.35 -33.67
C GLN A 462 -33.94 -6.83 -33.67
N PHE A 463 -33.34 -6.95 -34.86
CA PHE A 463 -31.94 -7.35 -34.94
C PHE A 463 -31.04 -6.32 -34.27
N ALA A 464 -31.25 -5.03 -34.57
CA ALA A 464 -30.44 -3.98 -33.95
C ALA A 464 -30.60 -4.00 -32.44
N TYR A 465 -31.85 -4.09 -31.96
CA TYR A 465 -32.09 -4.10 -30.53
C TYR A 465 -31.38 -5.28 -29.85
N ASP A 466 -31.50 -6.46 -30.46
CA ASP A 466 -30.89 -7.67 -29.87
C ASP A 466 -29.37 -7.58 -30.04
N SER A 467 -28.91 -6.93 -31.11
CA SER A 467 -27.45 -6.91 -31.34
C SER A 467 -26.78 -5.97 -30.34
N LEU A 468 -27.54 -4.98 -29.84
CA LEU A 468 -26.93 -3.99 -28.92
C LEU A 468 -27.17 -4.46 -27.48
N ARG A 469 -28.32 -5.06 -27.18
CA ARG A 469 -28.50 -5.66 -25.86
C ARG A 469 -27.39 -6.64 -25.56
N ARG A 470 -27.04 -7.50 -26.53
CA ARG A 470 -25.95 -8.45 -26.31
C ARG A 470 -24.62 -7.74 -26.08
N GLN A 471 -24.39 -6.61 -26.75
CA GLN A 471 -23.13 -5.90 -26.56
C GLN A 471 -23.06 -5.27 -25.18
N ILE A 472 -24.17 -4.66 -24.73
CA ILE A 472 -24.22 -4.14 -23.37
C ILE A 472 -24.04 -5.26 -22.35
N ASN A 473 -24.65 -6.42 -22.59
CA ASN A 473 -24.52 -7.53 -21.65
C ASN A 473 -23.07 -8.02 -21.57
N ARG A 474 -22.39 -8.10 -22.71
CA ARG A 474 -20.98 -8.48 -22.71
C ARG A 474 -20.14 -7.46 -21.95
N MET A 475 -20.42 -6.18 -22.14
CA MET A 475 -19.66 -5.15 -21.43
C MET A 475 -19.90 -5.23 -19.93
N LEU A 476 -21.16 -5.45 -19.52
CA LEU A 476 -21.45 -5.59 -18.10
C LEU A 476 -20.75 -6.81 -17.51
N GLY A 477 -20.69 -7.91 -18.27
CA GLY A 477 -19.95 -9.07 -17.80
C GLY A 477 -18.47 -8.79 -17.62
N ASP A 478 -17.87 -8.06 -18.56
CA ASP A 478 -16.46 -7.72 -18.41
C ASP A 478 -16.23 -6.73 -17.27
N LEU A 479 -17.19 -5.83 -17.02
CA LEU A 479 -17.09 -4.95 -15.87
C LEU A 479 -17.18 -5.74 -14.57
N ALA A 480 -18.06 -6.74 -14.51
CA ALA A 480 -18.17 -7.54 -13.30
C ALA A 480 -16.91 -8.37 -13.05
N ARG A 481 -16.31 -8.91 -14.11
CA ARG A 481 -15.04 -9.62 -13.95
C ARG A 481 -13.93 -8.69 -13.51
N ALA A 482 -13.84 -7.50 -14.10
CA ALA A 482 -12.85 -6.53 -13.66
C ALA A 482 -13.05 -6.14 -12.21
N TRP A 483 -14.30 -5.95 -11.79
CA TRP A 483 -14.60 -5.63 -10.41
C TRP A 483 -14.18 -6.75 -9.47
N CYS A 484 -14.44 -8.00 -9.85
CA CYS A 484 -14.01 -9.13 -9.03
C CYS A 484 -12.49 -9.14 -8.88
N LEU A 485 -11.77 -8.98 -9.98
CA LEU A 485 -10.30 -8.96 -9.90
C LEU A 485 -9.81 -7.79 -9.05
N GLU A 486 -10.48 -6.65 -9.16
CA GLU A 486 -10.06 -5.48 -8.40
C GLU A 486 -10.32 -5.67 -6.91
N GLN A 487 -11.42 -6.34 -6.55
CA GLN A 487 -11.64 -6.70 -5.16
C GLN A 487 -10.57 -7.67 -4.67
N LYS A 488 -10.19 -8.63 -5.52
CA LYS A 488 -9.14 -9.57 -5.15
C LYS A 488 -7.84 -8.85 -4.87
N ARG A 489 -7.55 -7.78 -5.62
CA ARG A 489 -6.30 -7.06 -5.43
C ARG A 489 -6.37 -6.08 -4.25
N GLN A 490 -7.52 -5.42 -4.08
CA GLN A 490 -7.79 -4.63 -2.89
C GLN A 490 -7.57 -5.43 -1.61
N ASN A 491 -8.00 -6.69 -1.60
CA ASN A 491 -7.85 -7.49 -0.40
C ASN A 491 -6.38 -7.63 -0.01
N MET A 492 -5.50 -7.89 -0.99
CA MET A 492 -4.07 -7.94 -0.73
C MET A 492 -3.52 -6.60 -0.29
N VAL A 493 -3.94 -5.52 -0.96
CA VAL A 493 -3.45 -4.19 -0.60
C VAL A 493 -3.82 -3.87 0.85
N LEU A 494 -5.06 -4.15 1.24
CA LEU A 494 -5.49 -3.92 2.61
C LEU A 494 -4.72 -4.79 3.59
N ARG A 495 -4.49 -6.06 3.23
CA ARG A 495 -3.70 -6.93 4.09
C ARG A 495 -2.31 -6.36 4.35
N GLU A 496 -1.71 -5.74 3.33
CA GLU A 496 -0.39 -5.17 3.51
C GLU A 496 -0.44 -3.85 4.30
N LEU A 497 -1.42 -2.99 4.00
CA LEU A 497 -1.54 -1.71 4.71
C LEU A 497 -1.88 -1.91 6.18
N THR A 498 -2.56 -3.01 6.52
CA THR A 498 -2.80 -3.34 7.92
C THR A 498 -1.50 -3.58 8.68
N LYS A 499 -0.43 -3.95 7.97
CA LYS A 499 0.86 -4.05 8.64
C LYS A 499 1.46 -2.69 8.93
N ILE A 500 1.16 -1.68 8.11
CA ILE A 500 1.59 -0.33 8.41
C ILE A 500 0.79 0.23 9.58
N ASN A 501 -0.54 0.29 9.43
CA ASN A 501 -1.34 0.69 10.59
C ASN A 501 -2.78 0.21 10.49
N PRO A 502 -3.13 -0.84 11.24
CA PRO A 502 -4.49 -1.37 11.17
C PRO A 502 -5.55 -0.39 11.64
N THR A 503 -5.26 0.36 12.71
CA THR A 503 -6.24 1.32 13.23
C THR A 503 -6.70 2.29 12.14
N THR A 504 -5.74 2.93 11.46
CA THR A 504 -6.10 3.89 10.43
C THR A 504 -6.73 3.21 9.22
N VAL A 505 -6.20 2.06 8.80
CA VAL A 505 -6.79 1.36 7.66
C VAL A 505 -8.26 1.05 7.93
N MET A 506 -8.55 0.43 9.07
CA MET A 506 -9.93 0.09 9.42
C MET A 506 -10.79 1.33 9.59
N SER A 507 -10.28 2.38 10.25
CA SER A 507 -11.05 3.61 10.39
C SER A 507 -11.40 4.20 9.04
N SER A 508 -10.51 4.08 8.05
CA SER A 508 -10.82 4.58 6.72
C SER A 508 -11.86 3.70 6.03
N ILE A 509 -11.78 2.39 6.24
CA ILE A 509 -12.78 1.49 5.66
C ILE A 509 -14.16 1.79 6.22
N TYR A 510 -14.25 1.93 7.55
CA TYR A 510 -15.53 2.18 8.20
C TYR A 510 -16.02 3.62 8.02
N GLY A 511 -15.10 4.56 7.84
CA GLY A 511 -15.46 5.96 7.87
C GLY A 511 -15.76 6.48 9.24
N LYS A 512 -15.40 5.75 10.29
CA LYS A 512 -15.57 6.18 11.67
C LYS A 512 -14.43 5.62 12.50
N ALA A 513 -14.12 6.31 13.59
CA ALA A 513 -13.05 5.91 14.50
C ALA A 513 -13.25 4.50 15.05
N VAL A 514 -12.37 3.58 14.70
CA VAL A 514 -12.37 2.22 15.23
C VAL A 514 -10.95 1.86 15.64
N ALA A 515 -10.80 1.31 16.84
CA ALA A 515 -9.53 0.75 17.29
C ALA A 515 -9.34 -0.64 16.71
N ALA A 516 -8.23 -0.86 16.01
CA ALA A 516 -7.94 -2.12 15.36
C ALA A 516 -6.60 -2.65 15.85
N LYS A 517 -6.57 -3.93 16.21
CA LYS A 517 -5.39 -4.58 16.75
C LYS A 517 -5.16 -5.89 16.02
N ARG A 518 -3.94 -6.11 15.55
CA ARG A 518 -3.59 -7.34 14.85
C ARG A 518 -3.23 -8.41 15.88
N LEU A 519 -4.10 -9.41 16.04
CA LEU A 519 -3.89 -10.50 16.98
C LEU A 519 -3.34 -11.72 16.25
N GLY A 520 -2.12 -11.58 15.75
CA GLY A 520 -1.54 -12.55 14.86
C GLY A 520 -2.04 -12.44 13.43
N ASP A 521 -2.83 -13.41 12.98
CA ASP A 521 -3.34 -13.42 11.62
C ASP A 521 -4.79 -12.93 11.51
N VAL A 522 -5.37 -12.46 12.61
CA VAL A 522 -6.72 -11.90 12.60
C VAL A 522 -6.66 -10.48 13.12
N ILE A 523 -7.56 -9.65 12.63
CA ILE A 523 -7.69 -8.25 13.08
C ILE A 523 -8.91 -8.14 13.97
N SER A 524 -8.73 -7.54 15.14
CA SER A 524 -9.83 -7.26 16.06
C SER A 524 -10.20 -5.78 15.96
N VAL A 525 -11.50 -5.51 15.86
CA VAL A 525 -12.01 -4.16 15.72
C VAL A 525 -12.96 -3.87 16.86
N SER A 526 -12.85 -2.66 17.42
CA SER A 526 -13.57 -2.29 18.63
C SER A 526 -13.66 -0.78 18.69
N GLN A 527 -14.53 -0.28 19.56
CA GLN A 527 -14.59 1.15 19.80
C GLN A 527 -13.37 1.64 20.57
N CYS A 528 -12.99 2.89 20.34
CA CYS A 528 -11.97 3.54 21.13
C CYS A 528 -12.56 4.11 22.42
N VAL A 529 -11.71 4.33 23.41
CA VAL A 529 -12.10 4.91 24.68
C VAL A 529 -12.32 6.41 24.49
N PRO A 530 -13.53 6.92 24.73
CA PRO A 530 -13.77 8.35 24.57
C PRO A 530 -13.26 9.15 25.76
N VAL A 531 -12.77 10.35 25.46
CA VAL A 531 -12.41 11.33 26.47
C VAL A 531 -13.29 12.56 26.28
N ASN A 532 -13.63 13.20 27.39
CA ASN A 532 -14.55 14.33 27.33
C ASN A 532 -13.85 15.55 26.74
N GLN A 533 -14.34 15.99 25.58
CA GLN A 533 -13.58 16.89 24.71
C GLN A 533 -13.46 18.30 25.28
N ALA A 534 -14.23 18.66 26.31
CA ALA A 534 -14.07 19.96 26.93
C ALA A 534 -12.76 20.11 27.69
N THR A 535 -12.11 19.01 28.06
CA THR A 535 -10.84 19.08 28.78
C THR A 535 -9.62 18.96 27.88
N VAL A 536 -9.80 18.65 26.60
CA VAL A 536 -8.67 18.43 25.71
C VAL A 536 -8.04 19.79 25.39
N THR A 537 -6.82 20.01 25.86
CA THR A 537 -6.06 21.23 25.56
C THR A 537 -4.65 20.84 25.14
N LEU A 538 -4.25 21.26 23.95
CA LEU A 538 -2.88 21.08 23.51
C LEU A 538 -1.95 22.01 24.28
N ARG A 539 -0.74 21.52 24.57
CA ARG A 539 0.29 22.35 25.19
C ARG A 539 0.92 23.26 24.14
N LYS A 540 1.04 24.54 24.46
CA LYS A 540 1.50 25.54 23.50
C LYS A 540 2.96 25.32 23.08
N SER A 541 3.75 24.69 23.93
CA SER A 541 5.16 24.44 23.64
C SER A 541 5.44 22.95 23.66
N MET A 542 6.20 22.48 22.68
CA MET A 542 6.48 21.06 22.55
C MET A 542 7.98 20.75 22.63
N ARG A 543 8.77 21.65 23.22
CA ARG A 543 10.12 21.32 23.60
C ARG A 543 10.14 20.47 24.86
N VAL A 544 11.00 19.46 24.88
CA VAL A 544 11.07 18.55 26.02
C VAL A 544 11.63 19.28 27.23
N PRO A 545 10.94 19.28 28.38
CA PRO A 545 11.48 19.96 29.56
C PRO A 545 12.73 19.27 30.08
N GLY A 546 13.78 20.05 30.28
CA GLY A 546 15.05 19.52 30.74
C GLY A 546 15.77 18.64 29.74
N SER A 547 15.69 18.99 28.45
CA SER A 547 16.46 18.31 27.41
C SER A 547 16.76 19.33 26.32
N GLU A 548 17.92 19.98 26.42
CA GLU A 548 18.31 20.98 25.44
C GLU A 548 18.46 20.40 24.04
N THR A 549 18.66 19.09 23.92
CA THR A 549 18.88 18.45 22.63
C THR A 549 17.69 17.65 22.12
N MET A 550 16.60 17.58 22.89
CA MET A 550 15.44 16.77 22.50
C MET A 550 14.20 17.65 22.43
N CYS A 551 13.34 17.37 21.45
CA CYS A 551 12.08 18.05 21.26
C CYS A 551 11.00 17.01 20.96
N TYR A 552 9.76 17.34 21.28
CA TYR A 552 8.64 16.49 20.90
C TYR A 552 8.27 16.67 19.43
N SER A 553 8.04 15.56 18.75
CA SER A 553 7.60 15.57 17.36
C SER A 553 6.09 15.63 17.21
N ARG A 554 5.34 15.34 18.27
CA ARG A 554 3.89 15.50 18.30
C ARG A 554 3.51 16.34 19.51
N PRO A 555 2.47 17.17 19.38
CA PRO A 555 2.12 18.05 20.49
C PRO A 555 1.57 17.28 21.68
N LEU A 556 1.85 17.81 22.88
CA LEU A 556 1.30 17.24 24.10
C LEU A 556 -0.16 17.60 24.26
N VAL A 557 -0.92 16.69 24.85
CA VAL A 557 -2.35 16.86 25.07
C VAL A 557 -2.66 16.54 26.53
N SER A 558 -3.36 17.44 27.19
CA SER A 558 -3.93 17.18 28.51
C SER A 558 -5.42 16.89 28.35
N PHE A 559 -5.90 15.86 29.05
CA PHE A 559 -7.26 15.40 28.86
C PHE A 559 -7.70 14.68 30.11
N SER A 560 -9.01 14.48 30.22
CA SER A 560 -9.61 13.68 31.27
C SER A 560 -10.55 12.67 30.65
N PHE A 561 -10.58 11.46 31.22
CA PHE A 561 -11.56 10.48 30.79
C PHE A 561 -12.96 10.91 31.25
N ILE A 562 -13.97 10.40 30.54
CA ILE A 562 -15.34 10.81 30.81
C ILE A 562 -15.72 10.44 32.24
N ASN A 563 -16.24 11.43 32.98
CA ASN A 563 -16.62 11.30 34.38
C ASN A 563 -15.45 10.92 35.28
N ASP A 564 -14.21 11.12 34.81
CA ASP A 564 -13.02 10.91 35.61
C ASP A 564 -12.40 12.27 35.95
N THR A 565 -12.16 12.51 37.25
CA THR A 565 -11.54 13.75 37.66
C THR A 565 -10.05 13.79 37.32
N LYS A 566 -9.38 12.64 37.29
CA LYS A 566 -7.94 12.62 37.04
C LYS A 566 -7.61 13.17 35.67
N THR A 567 -6.56 14.00 35.61
CA THR A 567 -6.03 14.52 34.36
C THR A 567 -4.85 13.68 33.88
N TYR A 568 -4.89 13.31 32.60
CA TYR A 568 -3.85 12.50 31.97
C TYR A 568 -3.21 13.30 30.84
N GLU A 569 -1.96 12.97 30.54
CA GLU A 569 -1.17 13.69 29.56
C GLU A 569 -0.60 12.72 28.54
N GLY A 570 -0.61 13.11 27.29
CA GLY A 570 -0.20 12.24 26.21
C GLY A 570 0.18 13.06 24.99
N GLN A 571 0.28 12.38 23.85
CA GLN A 571 0.67 13.00 22.59
C GLN A 571 -0.43 12.83 21.56
N LEU A 572 -0.68 13.91 20.79
CA LEU A 572 -1.72 13.91 19.77
C LEU A 572 -1.24 13.13 18.56
N GLY A 573 -1.81 11.95 18.35
CA GLY A 573 -1.65 11.22 17.11
C GLY A 573 -2.49 11.80 15.99
N THR A 574 -2.74 10.96 14.99
CA THR A 574 -3.52 11.35 13.82
C THR A 574 -5.00 11.38 14.13
N ASP A 575 -5.70 12.37 13.56
CA ASP A 575 -7.16 12.49 13.64
C ASP A 575 -7.67 12.39 15.08
N ASN A 576 -7.19 13.31 15.91
CA ASN A 576 -7.60 13.47 17.31
C ASN A 576 -7.30 12.24 18.18
N GLU A 577 -6.60 11.25 17.65
CA GLU A 577 -6.17 10.13 18.48
C GLU A 577 -5.18 10.63 19.52
N ILE A 578 -5.29 10.10 20.73
CA ILE A 578 -4.38 10.44 21.82
C ILE A 578 -3.66 9.18 22.25
N PHE A 579 -2.33 9.26 22.27
CA PHE A 579 -1.50 8.13 22.68
C PHE A 579 -1.03 8.34 24.12
N LEU A 580 -1.16 7.31 24.94
CA LEU A 580 -0.63 7.31 26.31
C LEU A 580 0.88 7.06 26.29
N THR A 581 1.59 7.95 25.61
CA THR A 581 3.03 7.85 25.51
C THR A 581 3.60 9.25 25.28
N LYS A 582 4.88 9.40 25.59
CA LYS A 582 5.63 10.60 25.25
C LYS A 582 6.98 10.25 24.63
N LYS A 583 7.01 9.16 23.86
CA LYS A 583 8.23 8.68 23.25
C LYS A 583 8.44 9.18 21.82
N MET A 584 7.46 9.85 21.24
CA MET A 584 7.63 10.50 19.94
C MET A 584 8.44 11.77 20.13
N THR A 585 9.77 11.61 20.12
CA THR A 585 10.70 12.72 20.28
C THR A 585 11.69 12.72 19.13
N GLU A 586 12.30 13.88 18.90
CA GLU A 586 13.27 14.05 17.83
C GLU A 586 14.32 15.04 18.27
N VAL A 587 15.49 14.98 17.63
CA VAL A 587 16.54 15.96 17.91
C VAL A 587 16.07 17.32 17.42
N CYS A 588 16.15 18.31 18.30
CA CYS A 588 15.67 19.66 17.97
C CYS A 588 16.37 20.19 16.72
N GLN A 589 15.60 20.43 15.67
CA GLN A 589 16.11 21.12 14.49
C GLN A 589 16.25 22.61 14.77
N ALA A 590 17.22 23.23 14.09
CA ALA A 590 17.40 24.69 14.23
C ALA A 590 16.16 25.44 13.81
N THR A 591 15.50 24.99 12.74
CA THR A 591 14.21 25.52 12.32
C THR A 591 13.29 24.35 11.98
N SER A 592 12.02 24.46 12.34
CA SER A 592 11.07 23.42 12.05
C SER A 592 9.69 24.03 11.79
N GLN A 593 8.96 23.39 10.88
CA GLN A 593 7.56 23.72 10.63
C GLN A 593 6.76 22.43 10.68
N TYR A 594 5.74 22.39 11.53
CA TYR A 594 4.88 21.22 11.67
C TYR A 594 3.43 21.63 11.69
N TYR A 595 2.61 20.89 10.95
CA TYR A 595 1.18 21.14 10.83
C TYR A 595 0.44 19.91 11.32
N PHE A 596 -0.36 20.08 12.37
CA PHE A 596 -1.09 18.98 12.98
C PHE A 596 -2.59 19.26 12.89
N GLN A 597 -3.34 18.32 12.35
CA GLN A 597 -4.77 18.50 12.14
C GLN A 597 -5.55 17.85 13.28
N SER A 598 -6.51 18.59 13.82
CA SER A 598 -7.26 18.24 15.02
C SER A 598 -8.75 18.40 14.76
N GLY A 599 -9.22 17.73 13.72
CA GLY A 599 -10.56 18.00 13.20
C GLY A 599 -10.54 19.15 12.23
N ASN A 600 -11.48 20.07 12.38
CA ASN A 600 -11.66 21.17 11.44
C ASN A 600 -10.60 22.26 11.58
N GLU A 601 -9.56 22.05 12.37
CA GLU A 601 -8.51 23.05 12.55
C GLU A 601 -7.14 22.40 12.46
N ILE A 602 -6.19 23.15 11.90
CA ILE A 602 -4.79 22.74 11.79
C ILE A 602 -3.96 23.64 12.69
N HIS A 603 -3.14 23.02 13.54
CA HIS A 603 -2.25 23.73 14.45
C HIS A 603 -0.87 23.82 13.81
N VAL A 604 -0.36 25.05 13.67
CA VAL A 604 0.91 25.31 13.00
C VAL A 604 1.94 25.66 14.06
N TYR A 605 2.99 24.86 14.15
CA TYR A 605 4.05 25.04 15.13
C TYR A 605 5.32 25.49 14.44
N ASN A 606 5.79 26.69 14.78
CA ASN A 606 7.10 27.16 14.33
C ASN A 606 8.09 27.04 15.47
N ASP A 607 9.22 26.39 15.20
CA ASP A 607 10.31 26.26 16.17
C ASP A 607 9.81 25.61 17.46
N TYR A 608 8.98 24.58 17.32
CA TYR A 608 8.40 23.83 18.43
C TYR A 608 7.55 24.69 19.36
N HIS A 609 7.03 25.81 18.85
CA HIS A 609 6.12 26.66 19.61
C HIS A 609 4.89 26.94 18.77
N HIS A 610 3.73 26.87 19.41
CA HIS A 610 2.45 27.07 18.72
C HIS A 610 2.38 28.48 18.13
N PHE A 611 2.17 28.56 16.81
CA PHE A 611 2.13 29.82 16.11
C PHE A 611 0.69 30.26 15.80
N LYS A 612 -0.07 29.43 15.11
CA LYS A 612 -1.41 29.83 14.69
C LYS A 612 -2.28 28.60 14.48
N THR A 613 -3.59 28.83 14.44
CA THR A 613 -4.57 27.83 14.05
C THR A 613 -5.24 28.28 12.76
N ILE A 614 -5.30 27.38 11.78
CA ILE A 614 -5.91 27.68 10.49
C ILE A 614 -6.99 26.66 10.18
N GLU A 615 -8.00 27.08 9.43
CA GLU A 615 -9.01 26.17 8.93
C GLU A 615 -8.39 25.14 8.00
N LEU A 616 -9.07 23.98 7.90
CA LEU A 616 -8.61 22.92 7.00
C LEU A 616 -8.56 23.38 5.55
N ASP A 617 -9.39 24.35 5.18
CA ASP A 617 -9.38 24.85 3.81
C ASP A 617 -8.14 25.67 3.48
N GLY A 618 -7.37 26.07 4.48
CA GLY A 618 -6.11 26.76 4.23
C GLY A 618 -5.05 25.91 3.57
N ILE A 619 -5.21 24.60 3.59
CA ILE A 619 -4.26 23.67 2.96
C ILE A 619 -5.03 22.85 1.93
N ALA A 620 -4.61 22.95 0.66
CA ALA A 620 -5.29 22.27 -0.43
C ALA A 620 -5.26 20.76 -0.25
N THR A 621 -6.38 20.12 -0.60
CA THR A 621 -6.44 18.67 -0.69
C THR A 621 -5.60 18.18 -1.87
N LEU A 622 -5.25 16.90 -1.84
CA LEU A 622 -4.41 16.32 -2.89
C LEU A 622 -4.94 16.60 -4.29
N GLN A 623 -6.24 16.41 -4.51
CA GLN A 623 -6.82 16.68 -5.81
C GLN A 623 -6.67 18.15 -6.21
N THR A 624 -7.08 19.06 -5.32
CA THR A 624 -6.94 20.48 -5.60
C THR A 624 -5.47 20.87 -5.77
N PHE A 625 -4.58 20.22 -5.04
CA PHE A 625 -3.16 20.48 -5.16
C PHE A 625 -2.66 20.11 -6.56
N ILE A 626 -2.91 18.87 -6.98
CA ILE A 626 -2.43 18.40 -8.28
C ILE A 626 -3.07 19.19 -9.42
N SER A 627 -4.31 19.66 -9.24
CA SER A 627 -4.94 20.45 -10.29
C SER A 627 -4.54 21.91 -10.24
N GLY A 628 -4.14 22.41 -9.07
CA GLY A 628 -3.71 23.79 -8.91
C GLY A 628 -2.20 23.97 -9.01
N CYS A 629 -1.65 24.83 -8.15
CA CYS A 629 -0.24 25.21 -8.25
C CYS A 629 0.72 24.09 -7.93
N GLY A 630 0.23 22.90 -7.54
CA GLY A 630 1.13 21.77 -7.38
C GLY A 630 1.79 21.36 -8.69
N ASN A 631 1.15 21.64 -9.81
CA ASN A 631 1.74 21.34 -11.12
C ASN A 631 2.69 22.41 -11.64
N THR A 632 2.78 23.57 -10.98
CA THR A 632 3.69 24.61 -11.45
C THR A 632 5.13 24.25 -11.11
N SER A 633 6.06 25.13 -11.49
CA SER A 633 7.45 25.00 -11.08
C SER A 633 7.56 24.99 -9.57
N LEU A 634 7.95 23.86 -9.00
CA LEU A 634 8.11 23.74 -7.56
C LEU A 634 9.27 24.60 -7.07
N ILE A 635 9.14 25.09 -5.83
CA ILE A 635 10.22 25.85 -5.21
C ILE A 635 11.42 24.94 -4.98
N CYS A 636 12.62 25.50 -5.19
CA CYS A 636 13.87 24.81 -4.92
C CYS A 636 14.37 25.20 -3.54
N ASN A 637 14.54 24.21 -2.67
CA ASN A 637 14.93 24.46 -1.28
C ASN A 637 16.31 23.87 -1.00
N ILE A 638 17.12 24.62 -0.26
CA ILE A 638 18.42 24.16 0.24
C ILE A 638 18.43 24.34 1.74
N ASP A 639 18.51 23.21 2.46
CA ASP A 639 18.90 23.22 3.87
C ASP A 639 20.42 23.35 3.93
N PHE A 640 20.89 24.60 3.85
CA PHE A 640 22.33 24.86 3.86
C PHE A 640 23.00 24.38 5.13
N ALA A 641 22.29 24.43 6.26
CA ALA A 641 22.85 23.92 7.51
C ALA A 641 23.16 22.43 7.43
N SER A 642 22.24 21.65 6.86
CA SER A 642 22.48 20.23 6.69
C SER A 642 23.67 19.96 5.79
N LEU A 643 23.79 20.73 4.70
CA LEU A 643 24.91 20.53 3.79
C LEU A 643 26.24 20.86 4.47
N GLU A 644 26.29 21.95 5.24
CA GLU A 644 27.51 22.27 5.96
C GLU A 644 27.83 21.20 6.98
N LEU A 645 26.82 20.71 7.70
CA LEU A 645 27.04 19.65 8.69
C LEU A 645 27.63 18.41 8.04
N TYR A 646 27.08 18.00 6.90
CA TYR A 646 27.63 16.83 6.21
C TYR A 646 29.02 17.12 5.66
N SER A 647 29.27 18.34 5.20
CA SER A 647 30.61 18.71 4.73
C SER A 647 31.64 18.72 5.85
N ARG A 648 31.21 18.83 7.11
CA ARG A 648 32.13 18.95 8.22
C ARG A 648 32.16 17.74 9.13
N ASP A 649 31.10 16.92 9.12
CA ASP A 649 31.06 15.68 9.89
C ASP A 649 30.17 14.70 9.11
N GLU A 650 30.81 13.92 8.24
CA GLU A 650 30.08 12.96 7.41
C GLU A 650 29.40 11.88 8.23
N GLN A 651 29.83 11.66 9.46
CA GLN A 651 29.30 10.60 10.30
C GLN A 651 28.07 11.02 11.12
N ARG A 652 27.74 12.30 11.12
CA ARG A 652 26.76 12.83 12.08
C ARG A 652 25.40 12.16 11.91
N ALA A 653 24.73 11.92 13.04
CA ALA A 653 23.40 11.33 13.04
C ALA A 653 22.34 12.37 12.71
N SER A 654 21.21 11.88 12.19
CA SER A 654 20.11 12.73 11.78
C SER A 654 18.78 12.05 12.10
N ASN A 655 17.73 12.85 12.22
CA ASN A 655 16.39 12.33 12.43
C ASN A 655 15.93 11.54 11.21
N VAL A 656 15.32 10.38 11.48
CA VAL A 656 14.64 9.61 10.46
C VAL A 656 13.22 10.13 10.32
N PHE A 657 12.72 10.20 9.08
CA PHE A 657 11.41 10.77 8.81
C PHE A 657 10.43 9.79 8.17
N ASP A 658 10.85 8.59 7.81
CA ASP A 658 9.98 7.64 7.12
C ASP A 658 10.48 6.23 7.37
N LEU A 659 9.61 5.25 7.08
CA LEU A 659 9.94 3.85 7.30
C LEU A 659 11.13 3.41 6.47
N GLU A 660 11.23 3.88 5.22
CA GLU A 660 12.36 3.48 4.38
C GLU A 660 13.68 4.00 4.93
N GLY A 661 13.66 5.10 5.69
CA GLY A 661 14.87 5.53 6.35
C GLY A 661 15.23 4.66 7.54
N ILE A 662 14.22 4.16 8.25
CA ILE A 662 14.46 3.13 9.26
C ILE A 662 15.12 1.92 8.62
N PHE A 663 14.59 1.47 7.49
CA PHE A 663 15.16 0.31 6.81
C PHE A 663 16.60 0.56 6.37
N ARG A 664 16.85 1.73 5.80
CA ARG A 664 18.20 2.06 5.34
C ARG A 664 19.19 2.15 6.50
N GLU A 665 18.76 2.61 7.67
CA GLU A 665 19.64 2.67 8.83
C GLU A 665 19.76 1.35 9.59
N TYR A 666 18.80 0.44 9.41
CA TYR A 666 18.59 -0.64 10.39
C TYR A 666 19.84 -1.52 10.57
N ASN A 667 20.45 -1.97 9.48
CA ASN A 667 21.59 -2.88 9.64
C ASN A 667 22.79 -2.18 10.26
N PHE A 668 22.96 -0.88 9.99
CA PHE A 668 24.04 -0.13 10.64
C PHE A 668 23.76 0.03 12.13
N GLN A 669 22.50 0.28 12.48
CA GLN A 669 22.14 0.38 13.89
C GLN A 669 22.30 -0.95 14.61
N ALA A 670 21.98 -2.05 13.93
CA ALA A 670 22.18 -3.38 14.51
C ALA A 670 23.66 -3.68 14.72
N GLN A 671 24.51 -3.25 13.79
CA GLN A 671 25.95 -3.41 14.00
C GLN A 671 26.44 -2.52 15.14
N ASN A 672 25.84 -1.35 15.29
CA ASN A 672 26.18 -0.50 16.44
C ASN A 672 25.80 -1.15 17.75
N ILE A 673 24.60 -1.74 17.83
CA ILE A 673 24.19 -2.48 19.02
C ILE A 673 25.13 -3.64 19.31
N ALA A 674 25.50 -4.40 18.27
CA ALA A 674 26.45 -5.48 18.46
C ALA A 674 27.79 -4.97 18.99
N GLY A 675 28.25 -3.83 18.47
CA GLY A 675 29.47 -3.23 18.99
C GLY A 675 29.34 -2.83 20.45
N LEU A 676 28.23 -2.21 20.82
CA LEU A 676 27.95 -1.92 22.23
C LEU A 676 28.05 -3.19 23.07
N ARG A 677 27.43 -4.28 22.61
CA ARG A 677 27.44 -5.52 23.38
C ARG A 677 28.86 -6.04 23.57
N LYS A 678 29.65 -6.04 22.49
CA LYS A 678 31.02 -6.54 22.59
C LYS A 678 31.88 -5.66 23.49
N ASP A 679 31.74 -4.33 23.36
CA ASP A 679 32.51 -3.42 24.18
C ASP A 679 32.12 -3.54 25.65
N LEU A 680 30.84 -3.71 25.93
CA LEU A 680 30.40 -3.87 27.31
C LEU A 680 30.89 -5.19 27.90
N ASP A 681 30.89 -6.26 27.10
CA ASP A 681 31.42 -7.52 27.60
C ASP A 681 32.93 -7.43 27.85
N ASN A 682 33.66 -6.67 27.03
CA ASN A 682 35.07 -6.49 27.29
C ASN A 682 35.32 -5.61 28.51
N ALA A 683 34.49 -4.58 28.71
CA ALA A 683 34.61 -3.75 29.90
C ALA A 683 34.35 -4.56 31.16
N VAL A 684 33.37 -5.45 31.12
CA VAL A 684 33.09 -6.31 32.27
C VAL A 684 34.23 -7.30 32.48
N SER A 685 34.74 -7.90 31.40
CA SER A 685 35.84 -8.86 31.52
C SER A 685 37.08 -8.22 32.12
N ASN A 686 37.40 -6.99 31.71
CA ASN A 686 38.54 -6.30 32.29
C ASN A 686 38.24 -5.81 33.70
N THR B 44 -3.19 -27.98 -0.21
CA THR B 44 -3.13 -26.53 -0.42
C THR B 44 -1.91 -26.16 -1.25
N SER B 45 -2.01 -25.03 -1.96
CA SER B 45 -0.89 -24.52 -2.74
C SER B 45 0.14 -23.78 -1.91
N PHE B 46 -0.11 -23.56 -0.61
CA PHE B 46 0.82 -22.90 0.29
C PHE B 46 1.28 -23.87 1.38
N PRO B 47 2.02 -24.92 1.03
CA PRO B 47 2.41 -25.90 2.04
C PRO B 47 3.45 -25.34 2.99
N PHE B 48 3.72 -26.08 4.06
CA PHE B 48 4.80 -25.73 4.96
C PHE B 48 6.12 -25.66 4.18
N ARG B 49 6.83 -24.54 4.34
CA ARG B 49 7.97 -24.26 3.50
C ARG B 49 8.90 -23.28 4.19
N VAL B 50 10.18 -23.33 3.81
CA VAL B 50 11.17 -22.34 4.23
C VAL B 50 11.56 -21.55 2.99
N CYS B 51 11.19 -20.26 2.97
CA CYS B 51 11.41 -19.43 1.79
C CYS B 51 12.65 -18.56 1.87
N GLU B 52 13.15 -18.26 3.06
CA GLU B 52 14.28 -17.34 3.19
C GLU B 52 15.60 -17.94 2.73
N LEU B 53 15.66 -19.25 2.50
CA LEU B 53 16.85 -19.87 1.95
C LEU B 53 17.05 -19.57 0.46
N SER B 54 16.05 -19.01 -0.21
CA SER B 54 16.11 -18.80 -1.66
C SER B 54 17.03 -17.64 -1.99
N SER B 55 18.16 -17.94 -2.62
CA SER B 55 19.19 -16.93 -2.85
C SER B 55 18.87 -16.03 -4.03
N HIS B 56 18.76 -16.62 -5.23
CA HIS B 56 18.70 -15.82 -6.46
C HIS B 56 17.92 -16.59 -7.52
N GLY B 57 16.79 -16.03 -7.94
CA GLY B 57 15.97 -16.66 -8.96
C GLY B 57 15.72 -15.75 -10.15
N ASP B 58 14.55 -15.90 -10.77
CA ASP B 58 14.21 -15.10 -11.94
C ASP B 58 13.98 -13.65 -11.54
N LEU B 59 14.55 -12.73 -12.32
CA LEU B 59 14.57 -11.31 -12.00
C LEU B 59 13.49 -10.57 -12.77
N PHE B 60 12.88 -9.58 -12.12
CA PHE B 60 12.02 -8.62 -12.80
C PHE B 60 12.19 -7.26 -12.14
N ARG B 61 11.81 -6.23 -12.88
CA ARG B 61 11.86 -4.85 -12.41
C ARG B 61 10.51 -4.18 -12.61
N PHE B 62 10.20 -3.21 -11.76
CA PHE B 62 9.00 -2.41 -11.92
C PHE B 62 9.21 -1.37 -13.01
N SER B 63 8.35 -1.41 -14.03
CA SER B 63 8.45 -0.49 -15.16
C SER B 63 7.93 0.88 -14.76
N SER B 64 8.86 1.82 -14.54
CA SER B 64 8.52 3.23 -14.56
C SER B 64 8.09 3.67 -15.96
N ASP B 65 7.53 4.88 -16.02
CA ASP B 65 7.11 5.54 -17.27
C ASP B 65 6.30 4.61 -18.18
N ILE B 66 5.32 3.94 -17.60
CA ILE B 66 4.23 3.39 -18.39
C ILE B 66 3.43 4.53 -19.00
N GLN B 67 3.25 4.51 -20.31
CA GLN B 67 2.58 5.58 -21.03
C GLN B 67 1.18 5.14 -21.44
N CYS B 68 0.18 5.95 -21.09
CA CYS B 68 -1.20 5.74 -21.50
C CYS B 68 -1.60 6.81 -22.52
N PRO B 69 -2.09 6.41 -23.69
CA PRO B 69 -2.34 7.38 -24.76
C PRO B 69 -3.59 8.21 -24.52
N SER B 70 -3.62 9.37 -25.16
CA SER B 70 -4.81 10.20 -25.26
C SER B 70 -5.44 9.98 -26.63
N PHE B 71 -6.72 9.64 -26.64
CA PHE B 71 -7.39 9.31 -27.89
C PHE B 71 -7.51 10.52 -28.81
N GLY B 72 -7.63 11.72 -28.26
CA GLY B 72 -7.71 12.91 -29.09
C GLY B 72 -8.92 12.89 -29.99
N THR B 73 -8.71 13.21 -31.26
CA THR B 73 -9.78 13.12 -32.26
C THR B 73 -10.22 11.67 -32.41
N ARG B 74 -11.51 11.42 -32.18
CA ARG B 74 -11.98 10.09 -31.83
C ARG B 74 -13.00 9.52 -32.80
N GLU B 75 -13.31 10.24 -33.88
CA GLU B 75 -14.12 9.67 -34.95
C GLU B 75 -13.29 8.70 -35.78
N ASN B 76 -13.91 8.18 -36.85
CA ASN B 76 -13.27 7.25 -37.77
C ASN B 76 -12.77 5.99 -37.07
N HIS B 77 -13.55 5.50 -36.09
CA HIS B 77 -13.35 4.15 -35.59
C HIS B 77 -13.49 3.14 -36.74
N THR B 78 -12.75 2.05 -36.65
CA THR B 78 -12.97 0.89 -37.51
C THR B 78 -12.80 -0.39 -36.70
N GLU B 79 -13.67 -1.36 -36.98
CA GLU B 79 -13.64 -2.65 -36.30
C GLU B 79 -12.74 -3.61 -37.04
N GLY B 80 -12.19 -4.57 -36.31
CA GLY B 80 -11.41 -5.63 -36.96
C GLY B 80 -10.90 -6.63 -35.95
N LEU B 81 -10.45 -7.76 -36.47
CA LEU B 81 -9.81 -8.79 -35.68
C LEU B 81 -8.38 -8.40 -35.34
N LEU B 82 -7.99 -8.61 -34.09
CA LEU B 82 -6.62 -8.35 -33.64
C LEU B 82 -6.05 -9.61 -33.01
N MET B 83 -4.94 -10.09 -33.57
CA MET B 83 -4.15 -11.15 -32.97
C MET B 83 -2.89 -10.53 -32.36
N VAL B 84 -2.68 -10.76 -31.07
CA VAL B 84 -1.53 -10.22 -30.35
C VAL B 84 -0.52 -11.35 -30.15
N PHE B 85 0.72 -11.11 -30.59
CA PHE B 85 1.80 -12.07 -30.44
C PHE B 85 2.86 -11.49 -29.51
N LYS B 86 3.31 -12.30 -28.57
CA LYS B 86 4.27 -11.89 -27.55
C LYS B 86 5.59 -12.62 -27.77
N ASP B 87 6.69 -11.98 -27.37
CA ASP B 87 7.99 -12.62 -27.42
C ASP B 87 7.98 -13.94 -26.65
N ASN B 88 8.59 -14.96 -27.24
CA ASN B 88 8.56 -16.30 -26.69
C ASN B 88 9.70 -16.48 -25.69
N CYS B 89 9.38 -17.04 -24.52
CA CYS B 89 10.37 -17.44 -23.54
C CYS B 89 10.25 -18.95 -23.33
N ILE B 90 11.36 -19.66 -23.54
CA ILE B 90 11.45 -21.09 -23.27
C ILE B 90 12.30 -21.27 -22.01
N PRO B 91 11.76 -21.89 -20.95
CA PRO B 91 12.58 -22.22 -19.78
C PRO B 91 13.44 -23.46 -19.97
N TYR B 92 14.63 -23.29 -20.55
CA TYR B 92 15.56 -24.41 -20.73
C TYR B 92 16.15 -24.80 -19.39
N SER B 93 15.63 -25.87 -18.81
CA SER B 93 16.13 -26.41 -17.55
C SER B 93 16.93 -27.68 -17.82
N PHE B 94 18.13 -27.74 -17.25
CA PHE B 94 19.06 -28.83 -17.54
C PHE B 94 19.85 -29.16 -16.29
N LYS B 95 20.30 -30.41 -16.21
CA LYS B 95 20.99 -30.93 -15.03
C LYS B 95 22.48 -30.58 -15.08
N VAL B 96 22.99 -30.07 -13.97
CA VAL B 96 24.35 -29.55 -13.87
C VAL B 96 25.01 -30.13 -12.64
N ARG B 97 26.27 -30.53 -12.77
CA ARG B 97 27.06 -31.04 -11.66
C ARG B 97 28.10 -30.00 -11.26
N SER B 98 28.12 -29.63 -9.98
CA SER B 98 29.10 -28.71 -9.43
C SER B 98 30.13 -29.44 -8.58
N TYR B 99 31.40 -29.06 -8.73
CA TYR B 99 32.51 -29.65 -8.01
C TYR B 99 33.26 -28.54 -7.29
N THR B 100 33.55 -28.75 -6.00
CA THR B 100 34.28 -27.76 -5.24
C THR B 100 35.06 -28.41 -4.12
N LYS B 101 36.13 -27.73 -3.70
CA LYS B 101 36.85 -28.03 -2.46
C LYS B 101 36.52 -26.95 -1.44
N ILE B 102 36.01 -27.37 -0.30
CA ILE B 102 35.72 -26.47 0.81
C ILE B 102 36.85 -26.55 1.82
N VAL B 103 37.33 -25.39 2.26
CA VAL B 103 38.49 -25.29 3.14
C VAL B 103 38.16 -24.36 4.29
N THR B 104 38.52 -24.75 5.50
CA THR B 104 38.23 -23.97 6.70
C THR B 104 39.52 -23.44 7.32
N GLU B 122 36.29 -19.36 5.25
CA GLU B 122 36.34 -20.69 4.61
C GLU B 122 36.61 -20.54 3.11
N GLU B 123 37.86 -20.74 2.68
CA GLU B 123 38.22 -20.55 1.25
C GLU B 123 37.67 -21.72 0.42
N LYS B 124 37.28 -21.44 -0.83
CA LYS B 124 36.78 -22.52 -1.73
C LYS B 124 37.72 -22.62 -2.94
N PHE B 125 37.70 -23.75 -3.65
CA PHE B 125 38.63 -23.97 -4.75
C PHE B 125 37.99 -24.88 -5.78
N SER B 126 38.31 -24.62 -7.05
CA SER B 126 37.89 -25.48 -8.15
C SER B 126 38.63 -26.82 -8.08
N VAL B 127 38.26 -27.71 -9.00
CA VAL B 127 38.82 -29.06 -9.07
C VAL B 127 39.36 -29.29 -10.47
N GLU B 128 40.56 -29.87 -10.56
CA GLU B 128 41.22 -30.05 -11.83
C GLU B 128 40.57 -31.18 -12.63
N SER B 129 41.00 -31.31 -13.89
CA SER B 129 40.43 -32.28 -14.83
C SER B 129 40.65 -33.73 -14.39
N TYR B 130 41.83 -34.04 -13.84
CA TYR B 130 42.13 -35.46 -13.46
C TYR B 130 41.28 -35.87 -12.24
N GLU B 131 41.07 -34.94 -11.30
CA GLU B 131 40.29 -35.26 -10.11
C GLU B 131 38.79 -35.26 -10.41
N THR B 132 38.29 -34.43 -11.34
CA THR B 132 36.88 -34.48 -11.71
C THR B 132 36.53 -35.77 -12.44
N ASP B 133 37.48 -36.34 -13.20
CA ASP B 133 37.24 -37.65 -13.79
C ASP B 133 37.06 -38.72 -12.72
N GLN B 134 37.86 -38.62 -11.68
CA GLN B 134 37.78 -39.61 -10.59
C GLN B 134 36.48 -39.40 -9.81
N MET B 135 35.99 -38.18 -9.68
CA MET B 135 34.70 -37.90 -9.04
C MET B 135 33.54 -38.45 -9.88
N ASP B 136 33.58 -38.22 -11.19
CA ASP B 136 32.45 -38.61 -12.03
C ASP B 136 32.38 -40.12 -12.25
N THR B 137 33.52 -40.82 -12.18
CA THR B 137 33.54 -42.25 -12.41
C THR B 137 33.48 -43.10 -11.16
N ILE B 138 34.07 -42.65 -10.04
CA ILE B 138 34.22 -43.50 -8.87
C ILE B 138 33.74 -42.77 -7.62
N TYR B 139 33.43 -41.48 -7.76
CA TYR B 139 33.10 -40.61 -6.64
C TYR B 139 34.21 -40.58 -5.59
N GLN B 140 35.43 -40.88 -6.03
CA GLN B 140 36.63 -40.74 -5.21
C GLN B 140 37.32 -39.43 -5.56
N CYS B 141 38.01 -38.88 -4.58
CA CYS B 141 38.78 -37.65 -4.68
C CYS B 141 40.05 -37.78 -3.85
N TYR B 142 40.79 -36.69 -3.84
CA TYR B 142 42.08 -36.77 -3.17
C TYR B 142 42.14 -35.71 -2.09
N ASN B 143 42.25 -36.17 -0.85
CA ASN B 143 42.24 -35.26 0.30
C ASN B 143 43.54 -34.47 0.33
N ALA B 144 43.51 -33.29 -0.28
CA ALA B 144 44.42 -32.18 -0.09
C ALA B 144 43.85 -30.95 -0.81
N VAL B 145 44.31 -29.76 -0.43
CA VAL B 145 44.09 -28.55 -1.24
C VAL B 145 45.43 -27.91 -1.61
N LYS B 146 45.74 -27.96 -2.90
CA LYS B 146 46.93 -27.32 -3.46
C LYS B 146 46.62 -25.85 -3.70
N VAL B 155 50.43 -26.34 1.42
CA VAL B 155 49.40 -27.39 1.18
C VAL B 155 49.14 -28.12 2.50
N TYR B 156 47.86 -28.25 2.89
CA TYR B 156 47.51 -28.97 4.14
C TYR B 156 46.45 -30.05 3.84
N VAL B 157 46.38 -31.08 4.69
CA VAL B 157 45.41 -32.19 4.48
C VAL B 157 44.50 -32.26 5.71
N ASP B 158 43.28 -32.79 5.55
CA ASP B 158 42.38 -32.95 6.68
C ASP B 158 43.10 -33.66 7.82
N ARG B 159 42.79 -33.25 9.05
CA ARG B 159 43.44 -33.79 10.26
C ARG B 159 44.95 -33.71 10.15
N ASP B 160 45.46 -32.78 9.33
CA ASP B 160 46.89 -32.62 9.06
C ASP B 160 47.51 -33.96 8.63
N GLY B 161 46.71 -34.79 7.97
CA GLY B 161 47.13 -36.10 7.53
C GLY B 161 48.03 -36.08 6.30
N VAL B 162 47.91 -37.11 5.47
CA VAL B 162 48.68 -37.23 4.25
C VAL B 162 47.72 -37.48 3.09
N ASN B 163 48.12 -37.00 1.92
CA ASN B 163 47.34 -37.12 0.69
C ASN B 163 46.92 -38.55 0.40
N ILE B 164 45.63 -38.87 0.45
CA ILE B 164 45.15 -40.25 0.28
C ILE B 164 43.81 -40.29 -0.45
N THR B 165 43.51 -41.41 -1.10
CA THR B 165 42.21 -41.67 -1.72
C THR B 165 41.12 -41.65 -0.65
N VAL B 166 40.19 -40.71 -0.76
CA VAL B 166 39.14 -40.46 0.24
C VAL B 166 37.78 -40.53 -0.43
N ASN B 167 36.84 -41.25 0.19
CA ASN B 167 35.64 -41.69 -0.53
C ASN B 167 34.46 -40.79 -0.17
N LEU B 168 33.80 -40.23 -1.18
CA LEU B 168 32.63 -39.40 -0.96
C LEU B 168 31.43 -40.24 -0.52
N LYS B 169 30.72 -39.77 0.57
CA LYS B 169 29.44 -40.33 0.98
C LYS B 169 28.28 -39.49 0.46
N PRO B 170 27.12 -40.09 0.18
CA PRO B 170 25.98 -39.32 -0.30
C PRO B 170 25.35 -38.45 0.78
N THR B 171 24.70 -37.38 0.34
CA THR B 171 24.03 -36.46 1.26
C THR B 171 22.79 -35.88 0.57
N GLY B 172 21.72 -35.70 1.33
CA GLY B 172 20.47 -35.17 0.82
C GLY B 172 20.53 -33.77 0.27
N GLY B 173 20.03 -33.58 -0.95
CA GLY B 173 19.64 -32.25 -1.41
C GLY B 173 18.17 -31.95 -1.15
N LEU B 174 17.89 -30.67 -0.85
CA LEU B 174 16.57 -30.31 -0.36
C LEU B 174 15.54 -30.07 -1.46
N CYS B 175 15.97 -29.90 -2.70
CA CYS B 175 15.04 -29.76 -3.82
C CYS B 175 14.89 -31.08 -4.56
N ASN B 176 13.80 -31.19 -5.32
CA ASN B 176 13.63 -32.28 -6.27
C ASN B 176 14.81 -32.33 -7.23
N GLY B 177 15.56 -33.43 -7.19
CA GLY B 177 16.62 -33.67 -8.15
C GLY B 177 17.95 -33.05 -7.81
N VAL B 178 18.11 -32.53 -6.59
CA VAL B 178 19.40 -32.05 -6.10
C VAL B 178 19.99 -33.12 -5.18
N ARG B 179 21.23 -33.53 -5.46
CA ARG B 179 21.91 -34.53 -4.65
C ARG B 179 23.33 -34.05 -4.38
N ARG B 180 23.70 -33.99 -3.10
CA ARG B 180 25.03 -33.58 -2.69
C ARG B 180 25.87 -34.79 -2.28
N TYR B 181 27.18 -34.67 -2.45
CA TYR B 181 28.11 -35.69 -1.96
C TYR B 181 29.27 -34.99 -1.28
N ALA B 182 29.59 -35.40 -0.06
CA ALA B 182 30.61 -34.71 0.72
C ALA B 182 31.32 -35.71 1.61
N SER B 183 32.61 -35.94 1.35
CA SER B 183 33.43 -36.76 2.24
C SER B 183 34.03 -35.91 3.34
N THR B 203 38.52 -28.37 7.32
CA THR B 203 39.86 -28.29 6.76
C THR B 203 39.84 -28.47 5.25
N VAL B 204 39.67 -29.70 4.77
CA VAL B 204 39.54 -29.97 3.34
C VAL B 204 38.40 -30.96 3.14
N ASN B 205 37.50 -30.64 2.21
CA ASN B 205 36.29 -31.44 2.00
C ASN B 205 35.92 -31.41 0.52
N CYS B 206 36.02 -32.55 -0.15
CA CYS B 206 35.50 -32.65 -1.51
C CYS B 206 33.98 -32.53 -1.48
N LEU B 207 33.42 -31.86 -2.48
CA LEU B 207 31.97 -31.65 -2.53
C LEU B 207 31.46 -31.74 -3.95
N ILE B 208 30.39 -32.49 -4.16
CA ILE B 208 29.70 -32.58 -5.44
C ILE B 208 28.25 -32.17 -5.23
N THR B 209 27.66 -31.51 -6.23
CA THR B 209 26.26 -31.12 -6.16
C THR B 209 25.63 -31.28 -7.54
N ASP B 210 24.82 -32.32 -7.71
CA ASP B 210 23.90 -32.36 -8.82
C ASP B 210 22.75 -31.39 -8.56
N MET B 211 22.46 -30.54 -9.54
CA MET B 211 21.46 -29.50 -9.34
C MET B 211 20.97 -29.00 -10.68
N MET B 212 19.76 -28.44 -10.68
CA MET B 212 19.19 -27.82 -11.86
C MET B 212 19.82 -26.46 -12.14
N ALA B 213 19.85 -26.10 -13.42
CA ALA B 213 20.04 -24.73 -13.84
C ALA B 213 19.02 -24.39 -14.92
N LYS B 214 18.51 -23.16 -14.88
CA LYS B 214 17.51 -22.72 -15.83
C LYS B 214 18.03 -21.51 -16.60
N SER B 215 17.64 -21.41 -17.87
CA SER B 215 17.97 -20.28 -18.70
C SER B 215 16.75 -19.87 -19.52
N ASN B 216 16.73 -18.59 -19.91
CA ASN B 216 15.63 -18.02 -20.67
C ASN B 216 16.00 -17.97 -22.15
N SER B 217 14.99 -17.68 -22.97
CA SER B 217 15.05 -17.84 -24.43
C SER B 217 16.21 -17.12 -25.14
N PRO B 218 16.73 -15.99 -24.65
CA PRO B 218 17.94 -15.43 -25.28
C PRO B 218 19.21 -16.18 -24.93
N PHE B 219 19.16 -17.05 -23.92
CA PHE B 219 20.33 -17.91 -23.57
C PHE B 219 21.58 -17.06 -23.36
N GLU B 220 21.44 -15.92 -22.67
CA GLU B 220 22.61 -15.13 -22.28
C GLU B 220 23.26 -15.66 -21.01
N PHE B 221 22.51 -16.33 -20.14
CA PHE B 221 23.02 -16.81 -18.87
C PHE B 221 22.08 -17.89 -18.34
N PHE B 222 22.57 -18.64 -17.35
CA PHE B 222 21.74 -19.61 -16.65
C PHE B 222 22.08 -19.57 -15.16
N VAL B 223 21.04 -19.70 -14.34
CA VAL B 223 21.16 -19.63 -12.88
C VAL B 223 21.00 -21.03 -12.31
N THR B 224 21.96 -21.44 -11.48
CA THR B 224 21.92 -22.70 -10.78
C THR B 224 21.13 -22.59 -9.47
N THR B 225 20.80 -23.75 -8.90
CA THR B 225 20.10 -23.76 -7.61
C THR B 225 20.88 -23.04 -6.53
N THR B 226 22.21 -23.05 -6.61
CA THR B 226 23.02 -22.34 -5.64
C THR B 226 22.84 -20.83 -5.74
N GLY B 227 22.35 -20.34 -6.88
CA GLY B 227 22.27 -18.92 -7.14
C GLY B 227 23.44 -18.36 -7.91
N GLN B 228 24.46 -19.16 -8.15
CA GLN B 228 25.58 -18.75 -8.99
C GLN B 228 25.12 -18.62 -10.43
N THR B 229 25.43 -17.48 -11.06
CA THR B 229 25.05 -17.20 -12.44
C THR B 229 26.27 -17.27 -13.34
N VAL B 230 26.12 -17.93 -14.48
CA VAL B 230 27.20 -18.15 -15.43
C VAL B 230 26.91 -17.36 -16.69
N GLU B 231 27.88 -16.58 -17.15
CA GLU B 231 27.68 -15.63 -18.24
C GLU B 231 27.99 -16.26 -19.59
N MET B 232 27.23 -17.30 -19.93
CA MET B 232 27.34 -17.91 -21.24
C MET B 232 26.04 -18.63 -21.57
N SER B 233 25.94 -19.02 -22.83
CA SER B 233 24.78 -19.84 -23.23
C SER B 233 25.15 -21.28 -22.92
N PRO B 234 24.28 -22.07 -22.28
CA PRO B 234 24.56 -23.49 -22.02
C PRO B 234 24.74 -24.31 -23.29
N PHE B 235 24.45 -23.73 -24.45
CA PHE B 235 24.58 -24.47 -25.73
C PHE B 235 25.89 -24.12 -26.40
N TYR B 236 26.72 -23.30 -25.73
CA TYR B 236 27.99 -22.88 -26.31
C TYR B 236 28.89 -24.09 -26.58
N ASP B 237 29.18 -24.35 -27.85
CA ASP B 237 30.00 -25.48 -28.27
C ASP B 237 31.49 -25.16 -28.28
N GLY B 238 31.89 -23.98 -27.81
CA GLY B 238 33.26 -23.55 -27.96
C GLY B 238 33.56 -22.97 -29.32
N LYS B 239 33.45 -23.79 -30.37
CA LYS B 239 33.74 -23.33 -31.72
C LYS B 239 32.61 -22.49 -32.31
N ASN B 240 31.41 -22.56 -31.72
CA ASN B 240 30.23 -21.96 -32.34
C ASN B 240 30.21 -20.44 -32.23
N THR B 241 31.06 -19.86 -31.38
CA THR B 241 31.12 -18.42 -31.11
C THR B 241 29.79 -17.85 -30.65
N GLU B 242 28.98 -18.75 -30.05
CA GLU B 242 27.69 -18.32 -29.45
C GLU B 242 28.02 -17.51 -28.19
N THR B 243 27.07 -16.74 -27.70
CA THR B 243 27.29 -15.82 -26.58
C THR B 243 28.06 -16.47 -25.44
N PHE B 244 29.24 -15.92 -25.17
CA PHE B 244 30.16 -16.49 -24.19
C PHE B 244 31.10 -15.39 -23.73
N HIS B 245 30.98 -15.00 -22.46
CA HIS B 245 31.76 -13.90 -21.91
C HIS B 245 32.75 -14.33 -20.84
N GLU B 246 32.71 -15.59 -20.40
CA GLU B 246 33.69 -16.09 -19.46
C GLU B 246 35.05 -16.25 -20.14
N ARG B 247 36.08 -16.50 -19.34
CA ARG B 247 37.41 -16.70 -19.87
C ARG B 247 37.44 -17.91 -20.79
N ALA B 248 37.93 -17.71 -22.02
CA ALA B 248 37.98 -18.80 -22.99
C ALA B 248 38.91 -19.92 -22.54
N ASP B 249 39.93 -19.59 -21.75
CA ASP B 249 40.83 -20.62 -21.23
C ASP B 249 40.13 -21.51 -20.22
N SER B 250 39.10 -20.99 -19.54
CA SER B 250 38.42 -21.73 -18.48
C SER B 250 37.45 -22.78 -18.99
N PHE B 251 37.12 -22.77 -20.27
CA PHE B 251 36.05 -23.60 -20.82
C PHE B 251 36.63 -24.60 -21.81
N HIS B 252 36.21 -25.85 -21.69
CA HIS B 252 36.58 -26.88 -22.65
C HIS B 252 35.49 -27.93 -22.72
N VAL B 253 35.49 -28.68 -23.82
CA VAL B 253 34.49 -29.70 -24.09
C VAL B 253 35.21 -31.00 -24.41
N ARG B 254 34.77 -32.10 -23.78
CA ARG B 254 35.37 -33.41 -23.98
C ARG B 254 34.32 -34.37 -24.51
N THR B 255 34.66 -35.06 -25.59
CA THR B 255 33.78 -36.04 -26.19
C THR B 255 33.85 -37.38 -25.45
N ASN B 256 32.85 -38.21 -25.72
CA ASN B 256 32.77 -39.60 -25.23
C ASN B 256 33.05 -39.70 -23.73
N TYR B 257 32.55 -38.72 -22.98
CA TYR B 257 32.78 -38.68 -21.54
C TYR B 257 31.90 -39.69 -20.83
N LYS B 258 32.47 -40.34 -19.81
CA LYS B 258 31.79 -41.38 -19.05
C LYS B 258 31.47 -40.87 -17.65
N ILE B 259 30.22 -41.01 -17.25
CA ILE B 259 29.78 -40.61 -15.92
C ILE B 259 29.00 -41.76 -15.29
N VAL B 260 29.25 -42.00 -14.01
CA VAL B 260 28.72 -43.14 -13.29
C VAL B 260 27.65 -42.67 -12.31
N ASP B 261 26.52 -43.36 -12.29
CA ASP B 261 25.48 -43.11 -11.31
C ASP B 261 25.79 -43.84 -10.01
N TYR B 262 25.63 -43.15 -8.88
CA TYR B 262 26.26 -43.57 -7.63
C TYR B 262 25.78 -44.95 -7.20
N ASP B 263 24.48 -45.21 -7.30
CA ASP B 263 23.91 -46.50 -6.94
C ASP B 263 23.87 -47.49 -8.10
N ASN B 264 24.28 -47.08 -9.30
CA ASN B 264 24.35 -47.94 -10.47
C ASN B 264 25.77 -48.11 -10.98
N ARG B 265 26.74 -48.28 -10.07
CA ARG B 265 28.14 -48.18 -10.46
C ARG B 265 28.57 -49.23 -11.48
N GLY B 266 27.82 -50.32 -11.61
CA GLY B 266 28.15 -51.33 -12.59
C GLY B 266 27.39 -51.26 -13.91
N THR B 267 26.43 -50.35 -14.04
CA THR B 267 25.60 -50.32 -15.24
C THR B 267 26.34 -49.72 -16.43
N ASN B 268 27.41 -48.95 -16.19
CA ASN B 268 28.23 -48.31 -17.21
C ASN B 268 27.39 -47.54 -18.21
N PRO B 269 26.79 -46.40 -17.81
CA PRO B 269 25.88 -45.70 -18.71
C PRO B 269 26.53 -45.27 -20.01
N GLN B 270 25.69 -45.00 -21.00
CA GLN B 270 26.18 -44.58 -22.30
C GLN B 270 26.90 -43.23 -22.19
N GLY B 271 27.86 -43.02 -23.09
CA GLY B 271 28.67 -41.81 -23.02
C GLY B 271 27.93 -40.57 -23.50
N GLU B 272 28.48 -39.42 -23.15
CA GLU B 272 27.91 -38.13 -23.50
C GLU B 272 29.02 -37.20 -23.96
N ARG B 273 28.62 -36.07 -24.54
CA ARG B 273 29.52 -34.94 -24.75
C ARG B 273 29.24 -33.90 -23.67
N ARG B 274 30.25 -33.60 -22.87
CA ARG B 274 30.07 -32.84 -21.63
C ARG B 274 31.05 -31.68 -21.58
N ALA B 275 30.53 -30.52 -21.19
CA ALA B 275 31.31 -29.30 -21.08
C ALA B 275 31.77 -29.09 -19.65
N PHE B 276 32.89 -28.39 -19.50
CA PHE B 276 33.52 -28.13 -18.22
C PHE B 276 33.87 -26.65 -18.13
N LEU B 277 33.69 -26.07 -16.96
CA LEU B 277 33.98 -24.66 -16.74
C LEU B 277 34.70 -24.50 -15.40
N ASP B 278 35.77 -23.71 -15.41
CA ASP B 278 36.53 -23.40 -14.20
C ASP B 278 36.24 -21.96 -13.82
N LYS B 279 35.61 -21.76 -12.67
CA LYS B 279 35.30 -20.43 -12.17
C LYS B 279 36.18 -20.02 -10.99
N GLY B 280 37.26 -20.75 -10.74
CA GLY B 280 38.15 -20.45 -9.63
C GLY B 280 37.61 -20.87 -8.27
N THR B 281 36.36 -20.51 -8.00
CA THR B 281 35.70 -20.98 -6.77
C THR B 281 35.18 -22.40 -6.93
N TYR B 282 34.68 -22.76 -8.10
CA TYR B 282 34.09 -24.07 -8.33
C TYR B 282 34.24 -24.46 -9.78
N THR B 283 34.29 -25.77 -10.03
CA THR B 283 34.13 -26.31 -11.37
C THR B 283 32.66 -26.61 -11.61
N LEU B 284 32.23 -26.43 -12.86
CA LEU B 284 30.83 -26.66 -13.24
C LEU B 284 30.80 -27.46 -14.53
N SER B 285 29.91 -28.43 -14.61
CA SER B 285 29.83 -29.31 -15.77
C SER B 285 28.37 -29.57 -16.12
N TRP B 286 28.11 -29.67 -17.42
CA TRP B 286 26.76 -29.92 -17.93
C TRP B 286 26.84 -30.56 -19.30
N LYS B 287 25.79 -31.28 -19.67
CA LYS B 287 25.71 -31.89 -20.98
C LYS B 287 25.37 -30.84 -22.02
N LEU B 288 26.10 -30.86 -23.14
CA LEU B 288 25.82 -29.97 -24.27
C LEU B 288 24.76 -30.59 -25.16
N GLU B 289 23.55 -30.06 -25.04
CA GLU B 289 22.49 -30.51 -25.97
C GLU B 289 22.55 -29.57 -27.19
N ASN B 290 22.84 -30.11 -28.37
CA ASN B 290 22.85 -29.26 -29.59
C ASN B 290 21.73 -28.23 -29.46
N ARG B 291 22.04 -26.94 -29.60
CA ARG B 291 21.03 -25.88 -29.41
C ARG B 291 19.73 -26.21 -30.15
N THR B 292 18.59 -26.05 -29.47
CA THR B 292 17.28 -26.34 -30.08
C THR B 292 16.85 -25.16 -30.93
N ALA B 293 15.82 -25.35 -31.77
CA ALA B 293 15.33 -24.26 -32.64
C ALA B 293 13.87 -23.93 -32.29
N TYR B 294 13.49 -22.65 -32.37
CA TYR B 294 12.10 -22.23 -32.01
C TYR B 294 11.79 -20.93 -32.74
N CYS B 295 10.51 -20.53 -32.79
CA CYS B 295 10.13 -19.29 -33.46
C CYS B 295 10.04 -18.15 -32.45
N PRO B 296 10.57 -16.98 -32.81
CA PRO B 296 10.69 -15.89 -31.82
C PRO B 296 9.38 -15.45 -31.19
N LEU B 297 8.24 -15.56 -31.87
CA LEU B 297 6.98 -15.05 -31.36
C LEU B 297 6.02 -16.18 -31.05
N GLN B 298 5.50 -16.19 -29.82
CA GLN B 298 4.46 -17.10 -29.38
C GLN B 298 3.12 -16.36 -29.36
N HIS B 299 2.08 -17.01 -29.90
CA HIS B 299 0.75 -16.42 -29.87
C HIS B 299 0.28 -16.19 -28.44
N TRP B 300 -0.33 -15.03 -28.20
CA TRP B 300 -0.78 -14.66 -26.87
C TRP B 300 -2.30 -14.59 -26.77
N GLN B 301 -2.94 -13.73 -27.57
CA GLN B 301 -4.37 -13.51 -27.46
C GLN B 301 -4.97 -13.30 -28.83
N THR B 302 -6.23 -13.70 -28.98
CA THR B 302 -7.06 -13.34 -30.13
C THR B 302 -8.26 -12.55 -29.63
N PHE B 303 -8.38 -11.32 -30.10
CA PHE B 303 -9.50 -10.44 -29.75
C PHE B 303 -10.44 -10.36 -30.95
N ASP B 304 -11.67 -10.85 -30.78
CA ASP B 304 -12.54 -11.08 -31.92
C ASP B 304 -13.11 -9.79 -32.49
N SER B 305 -13.31 -8.77 -31.65
CA SER B 305 -13.64 -7.44 -32.14
C SER B 305 -12.84 -6.40 -31.39
N THR B 306 -12.24 -5.46 -32.13
CA THR B 306 -11.45 -4.38 -31.55
C THR B 306 -11.70 -3.12 -32.35
N ILE B 307 -11.47 -1.98 -31.68
CA ILE B 307 -11.74 -0.66 -32.24
C ILE B 307 -10.39 0.01 -32.49
N ALA B 308 -10.12 0.37 -33.74
CA ALA B 308 -8.90 1.08 -34.11
C ALA B 308 -9.19 2.56 -34.25
N THR B 309 -8.41 3.39 -33.54
CA THR B 309 -8.52 4.84 -33.61
C THR B 309 -7.21 5.40 -34.15
N GLU B 310 -7.30 6.14 -35.25
CA GLU B 310 -6.13 6.67 -35.93
C GLU B 310 -5.83 8.07 -35.40
N THR B 311 -4.93 8.14 -34.42
CA THR B 311 -4.56 9.39 -33.76
C THR B 311 -3.40 10.09 -34.45
N GLY B 312 -3.31 9.98 -35.78
CA GLY B 312 -2.28 10.64 -36.56
C GLY B 312 -0.93 9.96 -36.46
N LYS B 313 -0.28 10.03 -35.30
CA LYS B 313 1.02 9.40 -35.16
C LYS B 313 0.92 7.91 -34.84
N SER B 314 -0.13 7.50 -34.15
CA SER B 314 -0.25 6.12 -33.66
C SER B 314 -1.64 5.61 -33.97
N ILE B 315 -1.79 4.29 -33.97
CA ILE B 315 -3.09 3.63 -33.92
C ILE B 315 -3.27 3.07 -32.53
N ILE B 316 -4.42 3.39 -31.91
CA ILE B 316 -4.79 2.83 -30.62
C ILE B 316 -5.81 1.73 -30.84
N PHE B 317 -5.49 0.53 -30.38
CA PHE B 317 -6.39 -0.62 -30.45
C PHE B 317 -7.05 -0.83 -29.09
N VAL B 318 -8.38 -0.81 -29.07
CA VAL B 318 -9.15 -1.02 -27.86
C VAL B 318 -9.88 -2.35 -28.01
N THR B 319 -9.68 -3.24 -27.05
CA THR B 319 -10.22 -4.59 -27.13
C THR B 319 -11.41 -4.72 -26.20
N GLN B 320 -12.49 -5.32 -26.69
CA GLN B 320 -13.68 -5.47 -25.87
C GLN B 320 -13.51 -6.56 -24.83
N GLU B 321 -12.90 -7.68 -25.20
CA GLU B 321 -12.57 -8.70 -24.22
C GLU B 321 -11.48 -8.20 -23.29
N GLY B 322 -11.70 -8.35 -21.99
CA GLY B 322 -10.89 -7.64 -21.03
C GLY B 322 -11.11 -6.14 -21.14
N THR B 323 -10.02 -5.38 -21.00
CA THR B 323 -10.00 -3.95 -21.26
C THR B 323 -8.67 -3.53 -21.89
N SER B 324 -8.02 -4.46 -22.60
CA SER B 324 -6.63 -4.26 -22.99
C SER B 324 -6.50 -3.22 -24.10
N LEU B 325 -5.38 -2.50 -24.07
CA LEU B 325 -5.11 -1.39 -24.97
C LEU B 325 -3.71 -1.57 -25.55
N PHE B 326 -3.58 -1.31 -26.85
CA PHE B 326 -2.30 -1.44 -27.54
C PHE B 326 -2.03 -0.19 -28.36
N VAL B 327 -0.84 0.38 -28.19
CA VAL B 327 -0.41 1.57 -28.91
C VAL B 327 0.61 1.15 -29.96
N THR B 328 0.28 1.39 -31.23
CA THR B 328 1.15 1.05 -32.35
C THR B 328 1.88 2.31 -32.81
N ASN B 329 3.21 2.28 -32.85
CA ASN B 329 3.97 3.53 -33.13
C ASN B 329 3.98 3.90 -34.62
N THR B 330 3.42 3.06 -35.50
CA THR B 330 3.43 3.33 -36.93
C THR B 330 2.00 3.38 -37.44
N THR B 331 1.76 4.26 -38.43
CA THR B 331 0.44 4.43 -39.01
C THR B 331 0.21 3.51 -40.19
N VAL B 332 1.25 3.21 -40.96
CA VAL B 332 1.19 2.24 -42.05
C VAL B 332 1.86 0.96 -41.55
N GLY B 333 1.15 -0.16 -41.64
CA GLY B 333 1.64 -1.38 -41.05
C GLY B 333 2.87 -1.89 -41.77
N ILE B 334 3.84 -2.36 -40.98
CA ILE B 334 5.08 -2.89 -41.53
C ILE B 334 4.83 -4.24 -42.18
N GLU B 335 5.53 -4.50 -43.29
CA GLU B 335 5.57 -5.84 -43.84
C GLU B 335 6.28 -6.78 -42.88
N LEU B 336 5.75 -7.98 -42.74
CA LEU B 336 6.19 -8.90 -41.71
C LEU B 336 7.66 -9.28 -41.90
N PRO B 337 8.52 -9.07 -40.90
CA PRO B 337 9.90 -9.58 -40.98
C PRO B 337 9.91 -11.08 -41.20
N ASP B 338 10.80 -11.53 -42.08
CA ASP B 338 10.84 -12.93 -42.48
C ASP B 338 11.07 -13.87 -41.30
N ALA B 339 11.77 -13.39 -40.26
CA ALA B 339 12.02 -14.23 -39.09
C ALA B 339 10.74 -14.65 -38.40
N PHE B 340 9.70 -13.82 -38.47
CA PHE B 340 8.40 -14.11 -37.88
C PHE B 340 7.48 -14.92 -38.79
N LYS B 341 7.98 -15.37 -39.95
CA LYS B 341 7.11 -15.98 -40.96
C LYS B 341 6.42 -17.26 -40.47
N CYS B 342 6.90 -17.86 -39.38
CA CYS B 342 6.18 -19.00 -38.80
C CYS B 342 4.75 -18.62 -38.42
N ILE B 343 4.51 -17.34 -38.11
CA ILE B 343 3.20 -16.84 -37.74
C ILE B 343 2.20 -16.92 -38.90
N GLU B 344 2.68 -16.79 -40.14
CA GLU B 344 1.79 -16.54 -41.27
C GLU B 344 0.73 -17.63 -41.43
N GLU B 345 1.08 -18.89 -41.12
CA GLU B 345 0.08 -19.95 -41.20
C GLU B 345 -0.95 -19.79 -40.09
N GLN B 346 -0.48 -19.53 -38.87
CA GLN B 346 -1.40 -19.41 -37.74
C GLN B 346 -2.38 -18.27 -37.97
N VAL B 347 -1.89 -17.13 -38.47
CA VAL B 347 -2.80 -16.02 -38.74
C VAL B 347 -3.77 -16.35 -39.86
N ASN B 348 -3.30 -16.96 -40.96
CA ASN B 348 -4.27 -17.34 -42.00
C ASN B 348 -5.36 -18.23 -41.44
N LYS B 349 -5.00 -19.12 -40.52
CA LYS B 349 -5.99 -20.06 -39.99
C LYS B 349 -6.95 -19.37 -39.03
N THR B 350 -6.41 -18.59 -38.10
CA THR B 350 -7.28 -17.97 -37.10
C THR B 350 -8.18 -16.92 -37.75
N MET B 351 -7.62 -16.09 -38.64
CA MET B 351 -8.43 -15.12 -39.37
C MET B 351 -9.52 -15.80 -40.19
N HIS B 352 -9.22 -16.90 -40.89
CA HIS B 352 -10.27 -17.53 -41.67
C HIS B 352 -11.33 -18.16 -40.78
N GLU B 353 -10.92 -18.83 -39.71
CA GLU B 353 -11.85 -19.51 -38.83
C GLU B 353 -12.77 -18.50 -38.15
N LYS B 354 -12.24 -17.36 -37.74
CA LYS B 354 -13.04 -16.40 -36.98
C LYS B 354 -13.84 -15.48 -37.90
N TYR B 355 -13.33 -15.13 -39.07
CA TYR B 355 -14.11 -14.38 -40.04
C TYR B 355 -15.29 -15.21 -40.55
N GLU B 356 -15.12 -16.54 -40.66
CA GLU B 356 -16.19 -17.37 -41.17
C GLU B 356 -17.42 -17.32 -40.28
N ALA B 357 -17.23 -17.18 -38.96
CA ALA B 357 -18.33 -17.02 -38.02
C ALA B 357 -18.89 -15.60 -37.99
N VAL B 358 -18.31 -14.68 -38.76
CA VAL B 358 -18.66 -13.27 -38.70
C VAL B 358 -19.11 -12.72 -40.06
N GLN B 359 -19.00 -13.52 -41.12
CA GLN B 359 -19.33 -13.06 -42.47
C GLN B 359 -20.71 -12.43 -42.56
N ASP B 360 -21.68 -12.98 -41.82
CA ASP B 360 -23.05 -12.48 -41.88
C ASP B 360 -23.20 -11.08 -41.31
N ARG B 361 -22.18 -10.56 -40.62
CA ARG B 361 -22.24 -9.23 -40.03
C ARG B 361 -21.24 -8.24 -40.61
N TYR B 362 -20.15 -8.70 -41.20
CA TYR B 362 -19.10 -7.81 -41.69
C TYR B 362 -18.56 -8.32 -43.02
N THR B 363 -18.01 -7.38 -43.80
CA THR B 363 -17.25 -7.68 -45.00
C THR B 363 -15.80 -7.25 -44.78
N LYS B 364 -14.87 -7.92 -45.44
CA LYS B 364 -13.45 -7.59 -45.29
C LYS B 364 -13.15 -6.26 -45.96
N GLY B 365 -12.43 -5.39 -45.24
CA GLY B 365 -11.95 -4.15 -45.81
C GLY B 365 -10.70 -4.29 -46.66
N GLN B 366 -9.91 -5.35 -46.43
CA GLN B 366 -8.68 -5.58 -47.17
C GLN B 366 -8.52 -7.07 -47.43
N GLU B 367 -7.82 -7.40 -48.51
CA GLU B 367 -7.59 -8.79 -48.87
C GLU B 367 -6.38 -9.41 -48.16
N ALA B 368 -5.56 -8.60 -47.47
CA ALA B 368 -4.37 -9.10 -46.82
C ALA B 368 -4.28 -8.51 -45.41
N ILE B 369 -3.80 -9.33 -44.47
CA ILE B 369 -3.65 -8.89 -43.09
C ILE B 369 -2.59 -7.81 -43.02
N THR B 370 -2.82 -6.80 -42.18
CA THR B 370 -1.83 -5.77 -41.90
C THR B 370 -1.16 -6.06 -40.57
N TYR B 371 0.16 -6.03 -40.54
CA TYR B 371 0.93 -6.30 -39.34
C TYR B 371 1.45 -5.01 -38.72
N PHE B 372 1.38 -4.92 -37.39
CA PHE B 372 1.82 -3.77 -36.63
C PHE B 372 2.73 -4.23 -35.52
N ILE B 373 3.65 -3.36 -35.11
CA ILE B 373 4.55 -3.64 -34.01
C ILE B 373 4.40 -2.55 -32.96
N THR B 374 4.21 -2.97 -31.70
CA THR B 374 4.14 -2.05 -30.58
C THR B 374 5.54 -1.68 -30.11
N SER B 375 5.62 -0.57 -29.35
CA SER B 375 6.89 -0.18 -28.77
C SER B 375 7.46 -1.27 -27.86
N GLY B 376 6.57 -1.99 -27.17
CA GLY B 376 6.98 -3.09 -26.32
C GLY B 376 7.31 -4.37 -27.06
N GLY B 377 7.21 -4.36 -28.38
CA GLY B 377 7.63 -5.47 -29.21
C GLY B 377 6.57 -6.51 -29.49
N LEU B 378 5.32 -6.27 -29.11
CA LEU B 378 4.23 -7.13 -29.51
C LEU B 378 3.95 -6.98 -31.00
N LEU B 379 3.65 -8.09 -31.67
CA LEU B 379 3.22 -8.07 -33.05
C LEU B 379 1.70 -8.24 -33.11
N LEU B 380 1.03 -7.29 -33.77
CA LEU B 380 -0.42 -7.27 -33.87
C LEU B 380 -0.84 -7.51 -35.32
N ALA B 381 -1.64 -8.54 -35.54
CA ALA B 381 -2.18 -8.84 -36.86
C ALA B 381 -3.61 -8.32 -36.94
N TRP B 382 -3.86 -7.45 -37.92
CA TRP B 382 -5.09 -6.68 -37.99
C TRP B 382 -5.81 -6.97 -39.30
N LEU B 383 -7.04 -7.47 -39.20
CA LEU B 383 -7.92 -7.62 -40.35
C LEU B 383 -9.06 -6.62 -40.23
N PRO B 384 -9.03 -5.51 -40.97
CA PRO B 384 -10.13 -4.54 -40.88
C PRO B 384 -11.41 -5.08 -41.48
N LEU B 385 -12.52 -4.86 -40.77
CA LEU B 385 -13.84 -5.24 -41.21
C LEU B 385 -14.76 -4.03 -41.29
N THR B 386 -15.66 -4.04 -42.26
CA THR B 386 -16.66 -3.01 -42.44
C THR B 386 -18.05 -3.59 -42.22
N PRO B 387 -18.85 -3.04 -41.32
CA PRO B 387 -20.15 -3.64 -41.03
C PRO B 387 -21.12 -3.47 -42.18
N ARG B 388 -21.87 -4.53 -42.47
CA ARG B 388 -22.94 -4.47 -43.44
C ARG B 388 -24.05 -3.56 -42.94
N SER B 389 -24.66 -2.81 -43.86
CA SER B 389 -25.86 -2.08 -43.53
C SER B 389 -26.97 -3.05 -43.11
N LEU B 390 -27.80 -2.60 -42.17
CA LEU B 390 -28.82 -3.48 -41.60
C LEU B 390 -29.84 -3.92 -42.64
N ALA B 391 -29.98 -3.18 -43.74
CA ALA B 391 -30.88 -3.60 -44.82
C ALA B 391 -30.43 -4.91 -45.45
N THR B 392 -29.13 -5.20 -45.43
CA THR B 392 -28.58 -6.32 -46.20
C THR B 392 -27.80 -7.31 -45.34
N VAL B 393 -27.80 -7.14 -44.01
CA VAL B 393 -27.33 -8.18 -43.11
C VAL B 393 -28.11 -9.46 -43.39
N LYS B 394 -27.40 -10.55 -43.69
CA LYS B 394 -28.02 -11.73 -44.26
C LYS B 394 -28.60 -12.67 -43.20
N ASN B 454 -40.70 12.46 -41.20
CA ASN B 454 -40.65 12.39 -42.65
C ASN B 454 -39.48 11.54 -43.11
N ASN B 455 -38.57 11.22 -42.19
CA ASN B 455 -37.52 10.26 -42.46
C ASN B 455 -38.11 8.86 -42.59
N PRO B 456 -37.76 8.10 -43.62
CA PRO B 456 -38.23 6.73 -43.73
C PRO B 456 -37.56 5.82 -42.71
N ALA B 457 -38.18 4.67 -42.48
CA ALA B 457 -37.83 3.82 -41.34
C ALA B 457 -36.38 3.37 -41.40
N THR B 458 -35.91 2.92 -42.57
CA THR B 458 -34.57 2.36 -42.67
C THR B 458 -33.50 3.38 -42.27
N VAL B 459 -33.68 4.64 -42.66
CA VAL B 459 -32.70 5.67 -42.30
C VAL B 459 -32.67 5.87 -40.80
N GLN B 460 -33.84 5.91 -40.16
CA GLN B 460 -33.89 6.04 -38.70
C GLN B 460 -33.20 4.86 -38.02
N ILE B 461 -33.44 3.64 -38.53
CA ILE B 461 -32.87 2.46 -37.89
C ILE B 461 -31.35 2.48 -38.01
N GLN B 462 -30.84 2.81 -39.21
CA GLN B 462 -29.40 2.84 -39.40
C GLN B 462 -28.76 3.95 -38.58
N PHE B 463 -29.41 5.12 -38.51
CA PHE B 463 -28.89 6.20 -37.69
C PHE B 463 -28.82 5.81 -36.22
N ALA B 464 -29.90 5.23 -35.70
CA ALA B 464 -29.91 4.81 -34.29
C ALA B 464 -28.82 3.77 -34.03
N TYR B 465 -28.70 2.78 -34.92
CA TYR B 465 -27.70 1.75 -34.74
C TYR B 465 -26.30 2.34 -34.73
N ASP B 466 -26.03 3.23 -35.68
CA ASP B 466 -24.68 3.84 -35.78
C ASP B 466 -24.51 4.82 -34.61
N SER B 467 -25.59 5.44 -34.15
CA SER B 467 -25.42 6.45 -33.09
C SER B 467 -25.12 5.75 -31.76
N LEU B 468 -25.55 4.50 -31.62
CA LEU B 468 -25.35 3.79 -30.33
C LEU B 468 -24.05 2.99 -30.42
N ARG B 469 -23.72 2.40 -31.58
CA ARG B 469 -22.41 1.78 -31.72
C ARG B 469 -21.30 2.76 -31.38
N ARG B 470 -21.40 4.00 -31.87
CA ARG B 470 -20.38 4.99 -31.56
C ARG B 470 -20.33 5.30 -30.07
N GLN B 471 -21.48 5.29 -29.39
CA GLN B 471 -21.48 5.57 -27.96
C GLN B 471 -20.84 4.43 -27.18
N ILE B 472 -21.17 3.18 -27.54
CA ILE B 472 -20.49 2.04 -26.92
C ILE B 472 -18.99 2.08 -27.17
N ASN B 473 -18.58 2.44 -28.40
CA ASN B 473 -17.16 2.50 -28.71
C ASN B 473 -16.45 3.55 -27.89
N ARG B 474 -17.07 4.72 -27.72
CA ARG B 474 -16.49 5.76 -26.87
C ARG B 474 -16.38 5.27 -25.43
N MET B 475 -17.40 4.58 -24.92
CA MET B 475 -17.34 4.09 -23.56
C MET B 475 -16.23 3.05 -23.39
N LEU B 476 -16.09 2.14 -24.37
CA LEU B 476 -15.02 1.15 -24.31
C LEU B 476 -13.65 1.81 -24.35
N GLY B 477 -13.50 2.88 -25.15
CA GLY B 477 -12.25 3.61 -25.16
C GLY B 477 -11.94 4.24 -23.82
N ASP B 478 -12.95 4.84 -23.17
CA ASP B 478 -12.72 5.42 -21.86
C ASP B 478 -12.44 4.35 -20.80
N LEU B 479 -13.05 3.17 -20.93
CA LEU B 479 -12.73 2.07 -20.04
C LEU B 479 -11.29 1.59 -20.24
N ALA B 480 -10.83 1.54 -21.49
CA ALA B 480 -9.46 1.11 -21.74
C ALA B 480 -8.45 2.13 -21.20
N ARG B 481 -8.75 3.42 -21.34
CA ARG B 481 -7.88 4.44 -20.77
C ARG B 481 -7.87 4.38 -19.25
N ALA B 482 -9.03 4.20 -18.62
CA ALA B 482 -9.09 4.03 -17.17
C ALA B 482 -8.30 2.82 -16.72
N TRP B 483 -8.42 1.71 -17.45
CA TRP B 483 -7.66 0.50 -17.13
C TRP B 483 -6.16 0.73 -17.23
N CYS B 484 -5.73 1.44 -18.28
CA CYS B 484 -4.31 1.76 -18.41
C CYS B 484 -3.81 2.59 -17.23
N LEU B 485 -4.56 3.63 -16.85
CA LEU B 485 -4.16 4.44 -15.71
C LEU B 485 -4.16 3.63 -14.42
N GLU B 486 -5.11 2.72 -14.28
CA GLU B 486 -5.19 1.91 -13.07
C GLU B 486 -4.03 0.93 -12.99
N GLN B 487 -3.61 0.38 -14.14
CA GLN B 487 -2.39 -0.44 -14.16
C GLN B 487 -1.17 0.38 -13.79
N LYS B 488 -1.10 1.62 -14.30
CA LYS B 488 0.02 2.51 -13.96
C LYS B 488 0.09 2.75 -12.46
N ARG B 489 -1.07 2.85 -11.80
CA ARG B 489 -1.08 3.13 -10.37
C ARG B 489 -0.86 1.86 -9.54
N GLN B 490 -1.42 0.73 -9.99
CA GLN B 490 -1.10 -0.57 -9.41
C GLN B 490 0.39 -0.83 -9.40
N ASN B 491 1.10 -0.47 -10.47
CA ASN B 491 2.53 -0.72 -10.51
C ASN B 491 3.26 -0.01 -9.37
N MET B 492 2.89 1.25 -9.12
CA MET B 492 3.47 1.98 -7.99
C MET B 492 3.08 1.36 -6.66
N VAL B 493 1.81 0.99 -6.50
CA VAL B 493 1.36 0.40 -5.25
C VAL B 493 2.14 -0.89 -4.96
N LEU B 494 2.31 -1.74 -5.98
CA LEU B 494 3.07 -2.97 -5.81
C LEU B 494 4.52 -2.68 -5.50
N ARG B 495 5.11 -1.68 -6.16
CA ARG B 495 6.49 -1.31 -5.86
C ARG B 495 6.65 -0.91 -4.40
N GLU B 496 5.65 -0.22 -3.84
CA GLU B 496 5.74 0.17 -2.43
C GLU B 496 5.49 -1.01 -1.50
N LEU B 497 4.49 -1.84 -1.80
CA LEU B 497 4.18 -3.00 -0.96
C LEU B 497 5.31 -4.02 -0.95
N THR B 498 6.09 -4.10 -2.04
CA THR B 498 7.27 -4.94 -2.05
C THR B 498 8.29 -4.51 -1.01
N LYS B 499 8.27 -3.24 -0.59
CA LYS B 499 9.14 -2.82 0.50
C LYS B 499 8.64 -3.33 1.84
N ILE B 500 7.32 -3.50 1.99
CA ILE B 500 6.79 -4.11 3.21
C ILE B 500 7.12 -5.59 3.23
N ASN B 501 6.65 -6.34 2.22
CA ASN B 501 7.06 -7.73 2.15
C ASN B 501 6.94 -8.30 0.74
N PRO B 502 8.07 -8.46 0.05
CA PRO B 502 8.02 -8.96 -1.33
C PRO B 502 7.51 -10.38 -1.43
N THR B 503 7.89 -11.25 -0.49
CA THR B 503 7.44 -12.64 -0.52
C THR B 503 5.92 -12.72 -0.58
N THR B 504 5.23 -12.06 0.35
CA THR B 504 3.77 -12.11 0.38
C THR B 504 3.17 -11.39 -0.82
N VAL B 505 3.71 -10.24 -1.19
CA VAL B 505 3.16 -9.53 -2.36
C VAL B 505 3.20 -10.43 -3.60
N MET B 506 4.37 -11.01 -3.89
CA MET B 506 4.51 -11.88 -5.05
C MET B 506 3.64 -13.13 -4.93
N SER B 507 3.60 -13.75 -3.75
CA SER B 507 2.74 -14.92 -3.56
C SER B 507 1.28 -14.59 -3.82
N SER B 508 0.84 -13.38 -3.48
CA SER B 508 -0.53 -12.98 -3.76
C SER B 508 -0.73 -12.73 -5.25
N ILE B 509 0.28 -12.16 -5.92
CA ILE B 509 0.17 -11.95 -7.37
C ILE B 509 0.07 -13.28 -8.10
N TYR B 510 0.92 -14.23 -7.74
CA TYR B 510 0.94 -15.54 -8.39
C TYR B 510 -0.21 -16.44 -7.95
N GLY B 511 -0.72 -16.24 -6.74
CA GLY B 511 -1.67 -17.18 -6.19
C GLY B 511 -1.05 -18.48 -5.74
N LYS B 512 0.27 -18.54 -5.63
CA LYS B 512 0.97 -19.73 -5.15
C LYS B 512 2.22 -19.27 -4.40
N ALA B 513 2.67 -20.12 -3.47
CA ALA B 513 3.84 -19.84 -2.66
C ALA B 513 5.09 -19.60 -3.51
N VAL B 514 5.63 -18.37 -3.48
CA VAL B 514 6.87 -18.03 -4.14
C VAL B 514 7.74 -17.25 -3.17
N ALA B 515 9.02 -17.63 -3.08
CA ALA B 515 10.00 -16.87 -2.32
C ALA B 515 10.49 -15.70 -3.15
N ALA B 516 10.37 -14.48 -2.62
CA ALA B 516 10.76 -13.27 -3.32
C ALA B 516 11.79 -12.52 -2.49
N LYS B 517 12.87 -12.08 -3.14
CA LYS B 517 13.96 -11.37 -2.47
C LYS B 517 14.30 -10.13 -3.28
N ARG B 518 14.37 -8.99 -2.60
CA ARG B 518 14.73 -7.73 -3.25
C ARG B 518 16.25 -7.62 -3.35
N LEU B 519 16.78 -7.74 -4.56
CA LEU B 519 18.22 -7.65 -4.80
C LEU B 519 18.58 -6.25 -5.30
N GLY B 520 18.41 -5.29 -4.41
CA GLY B 520 18.51 -3.89 -4.78
C GLY B 520 17.26 -3.36 -5.45
N ASP B 521 17.35 -3.08 -6.76
CA ASP B 521 16.22 -2.52 -7.50
C ASP B 521 15.49 -3.57 -8.33
N VAL B 522 15.85 -4.84 -8.21
CA VAL B 522 15.18 -5.92 -8.92
C VAL B 522 14.69 -6.93 -7.90
N ILE B 523 13.57 -7.59 -8.21
CA ILE B 523 13.01 -8.63 -7.36
C ILE B 523 13.29 -9.99 -8.00
N SER B 524 13.82 -10.91 -7.20
CA SER B 524 14.06 -12.27 -7.63
C SER B 524 12.98 -13.18 -7.07
N VAL B 525 12.41 -14.03 -7.92
CA VAL B 525 11.33 -14.92 -7.54
C VAL B 525 11.77 -16.36 -7.79
N SER B 526 11.45 -17.24 -6.85
CA SER B 526 11.94 -18.62 -6.87
C SER B 526 11.00 -19.46 -6.01
N GLN B 527 11.12 -20.78 -6.16
CA GLN B 527 10.39 -21.68 -5.29
C GLN B 527 10.96 -21.67 -3.88
N CYS B 528 10.08 -21.92 -2.90
CA CYS B 528 10.51 -22.13 -1.53
C CYS B 528 10.95 -23.57 -1.32
N VAL B 529 11.75 -23.77 -0.27
CA VAL B 529 12.23 -25.11 0.10
C VAL B 529 11.10 -25.86 0.77
N PRO B 530 10.65 -26.99 0.22
CA PRO B 530 9.58 -27.75 0.85
C PRO B 530 10.07 -28.58 2.02
N VAL B 531 9.21 -28.71 3.02
CA VAL B 531 9.44 -29.61 4.15
C VAL B 531 8.31 -30.63 4.16
N ASN B 532 8.64 -31.85 4.57
CA ASN B 532 7.66 -32.93 4.52
C ASN B 532 6.62 -32.76 5.62
N GLN B 533 5.37 -32.54 5.22
CA GLN B 533 4.34 -32.01 6.10
C GLN B 533 3.91 -32.98 7.19
N ALA B 534 4.27 -34.27 7.07
CA ALA B 534 3.94 -35.22 8.13
C ALA B 534 4.72 -34.97 9.42
N THR B 535 5.85 -34.26 9.36
CA THR B 535 6.64 -33.99 10.54
C THR B 535 6.34 -32.63 11.18
N VAL B 536 5.56 -31.79 10.52
CA VAL B 536 5.30 -30.43 11.03
C VAL B 536 4.35 -30.54 12.23
N THR B 537 4.85 -30.20 13.41
CA THR B 537 4.06 -30.17 14.63
C THR B 537 4.34 -28.87 15.37
N LEU B 538 3.28 -28.10 15.61
CA LEU B 538 3.40 -26.91 16.44
C LEU B 538 3.61 -27.29 17.90
N ARG B 539 4.43 -26.50 18.60
CA ARG B 539 4.61 -26.68 20.04
C ARG B 539 3.41 -26.09 20.78
N LYS B 540 2.87 -26.88 21.72
CA LYS B 540 1.65 -26.50 22.41
C LYS B 540 1.82 -25.26 23.29
N SER B 541 3.05 -24.98 23.74
CA SER B 541 3.32 -23.84 24.59
C SER B 541 4.35 -22.93 23.93
N MET B 542 4.10 -21.62 23.96
CA MET B 542 4.97 -20.66 23.30
C MET B 542 5.57 -19.66 24.28
N ARG B 543 5.63 -20.01 25.57
CA ARG B 543 6.44 -19.26 26.51
C ARG B 543 7.92 -19.62 26.33
N VAL B 544 8.78 -18.60 26.39
CA VAL B 544 10.22 -18.81 26.20
C VAL B 544 10.78 -19.59 27.37
N PRO B 545 11.45 -20.72 27.15
CA PRO B 545 12.03 -21.47 28.27
C PRO B 545 13.16 -20.70 28.93
N GLY B 546 13.07 -20.58 30.26
CA GLY B 546 14.05 -19.84 31.02
C GLY B 546 14.03 -18.34 30.79
N SER B 547 12.84 -17.76 30.61
CA SER B 547 12.69 -16.30 30.52
C SER B 547 11.30 -15.97 31.07
N GLU B 548 11.26 -15.65 32.36
CA GLU B 548 10.00 -15.30 33.01
C GLU B 548 9.36 -14.05 32.42
N THR B 549 10.14 -13.20 31.75
CA THR B 549 9.65 -11.95 31.21
C THR B 549 9.49 -11.95 29.71
N MET B 550 9.84 -13.03 29.02
CA MET B 550 9.77 -13.10 27.57
C MET B 550 8.88 -14.24 27.12
N CYS B 551 8.13 -14.00 26.05
CA CYS B 551 7.24 -14.99 25.44
C CYS B 551 7.42 -14.93 23.93
N TYR B 552 7.15 -16.04 23.26
CA TYR B 552 7.14 -16.06 21.80
C TYR B 552 5.85 -15.45 21.25
N SER B 553 5.99 -14.62 20.23
CA SER B 553 4.85 -14.02 19.56
C SER B 553 4.35 -14.87 18.39
N ARG B 554 5.12 -15.83 17.93
CA ARG B 554 4.70 -16.80 16.93
C ARG B 554 4.97 -18.20 17.45
N PRO B 555 4.11 -19.16 17.11
CA PRO B 555 4.29 -20.51 17.66
C PRO B 555 5.52 -21.20 17.10
N LEU B 556 6.13 -22.03 17.93
CA LEU B 556 7.26 -22.84 17.50
C LEU B 556 6.80 -24.01 16.64
N VAL B 557 7.63 -24.37 15.66
CA VAL B 557 7.34 -25.45 14.72
C VAL B 557 8.54 -26.38 14.69
N SER B 558 8.29 -27.67 14.85
CA SER B 558 9.30 -28.70 14.60
C SER B 558 9.00 -29.36 13.26
N PHE B 559 10.05 -29.56 12.47
CA PHE B 559 9.88 -30.03 11.11
C PHE B 559 11.15 -30.72 10.65
N SER B 560 11.03 -31.48 9.57
CA SER B 560 12.18 -32.08 8.92
C SER B 560 12.13 -31.76 7.43
N PHE B 561 13.30 -31.53 6.85
CA PHE B 561 13.36 -31.37 5.41
C PHE B 561 13.11 -32.70 4.72
N ILE B 562 12.65 -32.62 3.46
CA ILE B 562 12.26 -33.83 2.74
C ILE B 562 13.46 -34.75 2.59
N ASN B 563 13.25 -36.01 2.97
CA ASN B 563 14.28 -37.05 2.97
C ASN B 563 15.47 -36.72 3.87
N ASP B 564 15.29 -35.78 4.80
CA ASP B 564 16.30 -35.45 5.80
C ASP B 564 15.85 -35.97 7.16
N THR B 565 16.71 -36.75 7.82
CA THR B 565 16.38 -37.26 9.15
C THR B 565 16.46 -36.17 10.22
N LYS B 566 17.32 -35.18 10.03
CA LYS B 566 17.51 -34.14 11.04
C LYS B 566 16.22 -33.36 11.28
N THR B 567 15.92 -33.11 12.54
CA THR B 567 14.79 -32.27 12.94
C THR B 567 15.24 -30.85 13.21
N TYR B 568 14.53 -29.89 12.64
CA TYR B 568 14.81 -28.46 12.78
C TYR B 568 13.64 -27.78 13.46
N GLU B 569 13.93 -26.67 14.13
CA GLU B 569 12.94 -25.95 14.91
C GLU B 569 12.94 -24.49 14.49
N GLY B 570 11.76 -23.90 14.40
CA GLY B 570 11.60 -22.55 13.93
C GLY B 570 10.29 -21.97 14.38
N GLN B 571 9.90 -20.87 13.75
CA GLN B 571 8.67 -20.17 14.10
C GLN B 571 7.74 -20.10 12.90
N LEU B 572 6.45 -20.30 13.15
CA LEU B 572 5.44 -20.29 12.09
C LEU B 572 5.14 -18.86 11.68
N GLY B 573 5.59 -18.49 10.48
CA GLY B 573 5.18 -17.25 9.86
C GLY B 573 3.78 -17.35 9.27
N THR B 574 3.51 -16.45 8.31
CA THR B 574 2.22 -16.39 7.67
C THR B 574 2.07 -17.50 6.63
N ASP B 575 0.87 -18.06 6.54
CA ASP B 575 0.49 -19.04 5.53
C ASP B 575 1.49 -20.20 5.44
N ASN B 576 1.65 -20.89 6.57
CA ASN B 576 2.48 -22.08 6.71
C ASN B 576 3.96 -21.83 6.43
N GLU B 577 4.36 -20.58 6.23
CA GLU B 577 5.78 -20.28 6.11
C GLU B 577 6.47 -20.58 7.43
N ILE B 578 7.68 -21.14 7.35
CA ILE B 578 8.48 -21.45 8.52
C ILE B 578 9.77 -20.63 8.44
N PHE B 579 10.07 -19.89 9.50
CA PHE B 579 11.28 -19.09 9.57
C PHE B 579 12.31 -19.81 10.42
N LEU B 580 13.55 -19.87 9.93
CA LEU B 580 14.67 -20.40 10.68
C LEU B 580 15.19 -19.36 11.67
N THR B 581 14.30 -18.95 12.58
CA THR B 581 14.63 -17.97 13.59
C THR B 581 13.72 -18.19 14.80
N LYS B 582 14.16 -17.68 15.94
CA LYS B 582 13.33 -17.63 17.13
C LYS B 582 13.42 -16.25 17.79
N LYS B 583 13.54 -15.21 16.97
CA LYS B 583 13.70 -13.85 17.46
C LYS B 583 12.37 -13.10 17.55
N MET B 584 11.29 -13.66 17.04
CA MET B 584 9.96 -13.06 17.22
C MET B 584 9.49 -13.33 18.65
N THR B 585 9.90 -12.45 19.56
CA THR B 585 9.54 -12.55 20.97
C THR B 585 8.94 -11.23 21.42
N GLU B 586 8.19 -11.30 22.51
CA GLU B 586 7.52 -10.14 23.08
C GLU B 586 7.48 -10.28 24.59
N VAL B 587 7.33 -9.14 25.27
CA VAL B 587 7.17 -9.17 26.73
C VAL B 587 5.83 -9.83 27.05
N CYS B 588 5.87 -10.82 27.93
CA CYS B 588 4.67 -11.58 28.28
C CYS B 588 3.59 -10.65 28.81
N GLN B 589 2.47 -10.58 28.10
CA GLN B 589 1.29 -9.89 28.59
C GLN B 589 0.58 -10.72 29.65
N ALA B 590 -0.07 -10.03 30.59
CA ALA B 590 -0.83 -10.73 31.62
C ALA B 590 -1.93 -11.59 31.01
N THR B 591 -2.59 -11.10 29.97
CA THR B 591 -3.54 -11.88 29.19
C THR B 591 -3.28 -11.63 27.72
N SER B 592 -3.39 -12.68 26.91
CA SER B 592 -3.17 -12.55 25.48
C SER B 592 -4.07 -13.52 24.72
N GLN B 593 -4.54 -13.08 23.56
CA GLN B 593 -5.26 -13.93 22.62
C GLN B 593 -4.60 -13.79 21.26
N TYR B 594 -4.20 -14.92 20.67
CA TYR B 594 -3.56 -14.93 19.36
C TYR B 594 -4.16 -16.03 18.50
N TYR B 595 -4.43 -15.69 17.25
CA TYR B 595 -5.03 -16.61 16.29
C TYR B 595 -4.07 -16.74 15.11
N PHE B 596 -3.59 -17.96 14.87
CA PHE B 596 -2.62 -18.23 13.82
C PHE B 596 -3.23 -19.22 12.84
N GLN B 597 -3.21 -18.86 11.56
CA GLN B 597 -3.82 -19.68 10.52
C GLN B 597 -2.76 -20.53 9.84
N SER B 598 -3.06 -21.82 9.69
CA SER B 598 -2.13 -22.84 9.22
C SER B 598 -2.78 -23.65 8.12
N GLY B 599 -3.26 -22.96 7.08
CA GLY B 599 -4.12 -23.57 6.09
C GLY B 599 -5.56 -23.54 6.54
N ASN B 600 -6.25 -24.66 6.41
CA ASN B 600 -7.68 -24.72 6.69
C ASN B 600 -8.02 -24.72 8.18
N GLU B 601 -7.05 -24.48 9.05
CA GLU B 601 -7.28 -24.46 10.49
C GLU B 601 -6.62 -23.25 11.12
N ILE B 602 -7.27 -22.71 12.14
CA ILE B 602 -6.76 -21.60 12.94
C ILE B 602 -6.46 -22.11 14.35
N HIS B 603 -5.25 -21.83 14.82
CA HIS B 603 -4.81 -22.21 16.15
C HIS B 603 -5.01 -21.03 17.09
N VAL B 604 -5.75 -21.25 18.16
CA VAL B 604 -6.11 -20.20 19.12
C VAL B 604 -5.31 -20.42 20.38
N TYR B 605 -4.48 -19.44 20.74
CA TYR B 605 -3.60 -19.51 21.90
C TYR B 605 -4.10 -18.53 22.95
N ASN B 606 -4.49 -19.06 24.11
CA ASN B 606 -4.81 -18.24 25.28
C ASN B 606 -3.64 -18.29 26.25
N ASP B 607 -3.17 -17.11 26.66
CA ASP B 607 -2.10 -17.00 27.66
C ASP B 607 -0.86 -17.77 27.23
N TYR B 608 -0.53 -17.67 25.95
CA TYR B 608 0.64 -18.33 25.34
C TYR B 608 0.57 -19.85 25.45
N HIS B 609 -0.63 -20.42 25.59
CA HIS B 609 -0.82 -21.85 25.60
C HIS B 609 -1.92 -22.22 24.61
N HIS B 610 -1.68 -23.28 23.85
CA HIS B 610 -2.63 -23.71 22.82
C HIS B 610 -3.95 -24.09 23.44
N PHE B 611 -5.03 -23.44 23.00
CA PHE B 611 -6.36 -23.67 23.53
C PHE B 611 -7.21 -24.56 22.63
N LYS B 612 -7.38 -24.17 21.37
CA LYS B 612 -8.26 -24.92 20.48
C LYS B 612 -7.86 -24.69 19.03
N THR B 613 -8.34 -25.57 18.16
CA THR B 613 -8.24 -25.42 16.72
C THR B 613 -9.64 -25.24 16.14
N ILE B 614 -9.82 -24.22 15.31
CA ILE B 614 -11.10 -23.93 14.69
C ILE B 614 -10.94 -23.88 13.17
N GLU B 615 -12.01 -24.23 12.47
CA GLU B 615 -12.05 -24.07 11.02
C GLU B 615 -11.94 -22.60 10.64
N LEU B 616 -11.44 -22.37 9.42
CA LEU B 616 -11.33 -21.01 8.90
C LEU B 616 -12.68 -20.31 8.84
N ASP B 617 -13.78 -21.06 8.69
CA ASP B 617 -15.10 -20.45 8.63
C ASP B 617 -15.55 -19.90 9.98
N GLY B 618 -14.87 -20.26 11.07
CA GLY B 618 -15.20 -19.70 12.37
C GLY B 618 -14.90 -18.22 12.50
N ILE B 619 -14.09 -17.66 11.60
CA ILE B 619 -13.75 -16.25 11.61
C ILE B 619 -14.18 -15.65 10.27
N ALA B 620 -15.07 -14.67 10.33
CA ALA B 620 -15.61 -14.06 9.13
C ALA B 620 -14.52 -13.40 8.29
N THR B 621 -14.65 -13.53 6.97
CA THR B 621 -13.82 -12.78 6.03
C THR B 621 -14.18 -11.30 6.08
N LEU B 622 -13.26 -10.47 5.60
CA LEU B 622 -13.47 -9.02 5.62
C LEU B 622 -14.82 -8.60 5.03
N GLN B 623 -15.17 -9.16 3.86
CA GLN B 623 -16.44 -8.82 3.24
C GLN B 623 -17.62 -9.23 4.12
N THR B 624 -17.63 -10.48 4.58
CA THR B 624 -18.70 -10.93 5.47
C THR B 624 -18.72 -10.14 6.77
N PHE B 625 -17.56 -9.74 7.26
CA PHE B 625 -17.47 -8.93 8.46
C PHE B 625 -18.16 -7.57 8.26
N ILE B 626 -17.74 -6.85 7.22
CA ILE B 626 -18.29 -5.52 6.97
C ILE B 626 -19.77 -5.59 6.66
N SER B 627 -20.24 -6.67 6.04
CA SER B 627 -21.67 -6.80 5.75
C SER B 627 -22.46 -7.32 6.96
N GLY B 628 -21.80 -8.06 7.85
CA GLY B 628 -22.45 -8.58 9.04
C GLY B 628 -22.28 -7.71 10.26
N CYS B 629 -22.06 -8.34 11.42
CA CYS B 629 -22.03 -7.63 12.69
C CYS B 629 -20.84 -6.68 12.84
N GLY B 630 -19.93 -6.62 11.87
CA GLY B 630 -18.90 -5.61 11.92
C GLY B 630 -19.43 -4.20 11.84
N ASN B 631 -20.60 -4.02 11.23
CA ASN B 631 -21.23 -2.70 11.16
C ASN B 631 -22.06 -2.34 12.38
N THR B 632 -22.28 -3.28 13.32
CA THR B 632 -23.06 -2.97 14.50
C THR B 632 -22.23 -2.13 15.47
N SER B 633 -22.86 -1.77 16.60
CA SER B 633 -22.14 -1.12 17.69
C SER B 633 -20.98 -2.00 18.17
N LEU B 634 -19.76 -1.54 17.93
CA LEU B 634 -18.58 -2.29 18.35
C LEU B 634 -18.48 -2.33 19.87
N ILE B 635 -17.91 -3.41 20.39
CA ILE B 635 -17.67 -3.54 21.82
C ILE B 635 -16.63 -2.50 22.26
N CYS B 636 -16.85 -1.93 23.44
CA CYS B 636 -15.92 -0.99 24.06
C CYS B 636 -15.02 -1.75 25.03
N ASN B 637 -13.71 -1.70 24.80
CA ASN B 637 -12.75 -2.45 25.59
C ASN B 637 -11.84 -1.50 26.37
N ILE B 638 -11.57 -1.85 27.63
CA ILE B 638 -10.61 -1.15 28.47
C ILE B 638 -9.59 -2.16 28.97
N ASP B 639 -8.34 -2.01 28.55
CA ASP B 639 -7.20 -2.65 29.22
C ASP B 639 -6.87 -1.83 30.47
N PHE B 640 -7.61 -2.12 31.55
CA PHE B 640 -7.43 -1.39 32.80
C PHE B 640 -6.01 -1.54 33.35
N ALA B 641 -5.38 -2.70 33.13
CA ALA B 641 -4.01 -2.89 33.58
C ALA B 641 -3.06 -1.90 32.91
N SER B 642 -3.21 -1.71 31.59
CA SER B 642 -2.37 -0.75 30.89
C SER B 642 -2.59 0.66 31.41
N LEU B 643 -3.85 1.03 31.68
CA LEU B 643 -4.14 2.37 32.17
C LEU B 643 -3.52 2.58 33.55
N GLU B 644 -3.63 1.59 34.44
CA GLU B 644 -3.00 1.71 35.75
C GLU B 644 -1.47 1.81 35.62
N LEU B 645 -0.89 0.99 34.74
CA LEU B 645 0.55 1.04 34.53
C LEU B 645 0.99 2.41 34.08
N TYR B 646 0.29 3.01 33.11
CA TYR B 646 0.64 4.35 32.67
C TYR B 646 0.39 5.39 33.76
N SER B 647 -0.66 5.22 34.55
CA SER B 647 -0.92 6.13 35.67
C SER B 647 0.16 6.04 36.75
N ARG B 648 0.91 4.94 36.81
CA ARG B 648 1.87 4.75 37.88
C ARG B 648 3.32 4.80 37.41
N ASP B 649 3.57 4.59 36.11
CA ASP B 649 4.91 4.70 35.55
C ASP B 649 4.74 5.14 34.10
N GLU B 650 4.74 6.46 33.88
CA GLU B 650 4.55 7.01 32.54
C GLU B 650 5.68 6.63 31.59
N GLN B 651 6.83 6.23 32.11
CA GLN B 651 8.00 5.92 31.29
C GLN B 651 8.04 4.47 30.82
N ARG B 652 7.15 3.62 31.32
CA ARG B 652 7.28 2.18 31.14
C ARG B 652 7.26 1.80 29.66
N ALA B 653 8.08 0.81 29.31
CA ALA B 653 8.14 0.30 27.94
C ALA B 653 6.98 -0.65 27.66
N SER B 654 6.64 -0.77 26.38
CA SER B 654 5.52 -1.60 25.95
C SER B 654 5.88 -2.25 24.61
N ASN B 655 5.20 -3.36 24.33
CA ASN B 655 5.37 -4.03 23.05
C ASN B 655 4.86 -3.16 21.90
N VAL B 656 5.62 -3.11 20.83
CA VAL B 656 5.20 -2.50 19.57
C VAL B 656 4.42 -3.54 18.77
N PHE B 657 3.35 -3.09 18.11
CA PHE B 657 2.47 -4.00 17.38
C PHE B 657 2.38 -3.70 15.90
N ASP B 658 2.97 -2.62 15.41
CA ASP B 658 2.85 -2.25 14.01
C ASP B 658 4.05 -1.39 13.61
N LEU B 659 4.22 -1.25 12.29
CA LEU B 659 5.36 -0.49 11.77
C LEU B 659 5.30 0.97 12.19
N GLU B 660 4.11 1.57 12.23
CA GLU B 660 4.01 2.96 12.63
C GLU B 660 4.40 3.17 14.09
N GLY B 661 4.28 2.13 14.92
CA GLY B 661 4.79 2.23 16.27
C GLY B 661 6.30 2.15 16.33
N ILE B 662 6.90 1.34 15.45
CA ILE B 662 8.35 1.37 15.29
C ILE B 662 8.80 2.78 14.91
N PHE B 663 8.12 3.39 13.94
CA PHE B 663 8.49 4.73 13.50
C PHE B 663 8.35 5.75 14.63
N ARG B 664 7.25 5.67 15.39
CA ARG B 664 7.03 6.60 16.48
C ARG B 664 8.06 6.44 17.59
N GLU B 665 8.54 5.21 17.83
CA GLU B 665 9.56 4.99 18.84
C GLU B 665 10.99 5.25 18.34
N TYR B 666 11.21 5.24 17.03
CA TYR B 666 12.56 5.05 16.48
C TYR B 666 13.54 6.13 16.95
N ASN B 667 13.17 7.40 16.88
CA ASN B 667 14.13 8.44 17.24
C ASN B 667 14.44 8.42 18.73
N PHE B 668 13.47 8.04 19.56
CA PHE B 668 13.73 7.92 20.99
C PHE B 668 14.66 6.74 21.26
N GLN B 669 14.46 5.63 20.54
CA GLN B 669 15.36 4.49 20.69
C GLN B 669 16.75 4.81 20.20
N ALA B 670 16.87 5.60 19.13
CA ALA B 670 18.18 6.01 18.66
C ALA B 670 18.88 6.92 19.66
N GLN B 671 18.13 7.81 20.32
CA GLN B 671 18.74 8.62 21.36
C GLN B 671 19.13 7.77 22.56
N ASN B 672 18.37 6.71 22.85
CA ASN B 672 18.75 5.78 23.90
C ASN B 672 20.06 5.06 23.56
N ILE B 673 20.19 4.58 22.33
CA ILE B 673 21.44 3.95 21.88
C ILE B 673 22.61 4.93 21.98
N ALA B 674 22.41 6.17 21.54
CA ALA B 674 23.46 7.18 21.67
C ALA B 674 23.84 7.40 23.13
N GLY B 675 22.86 7.43 24.02
CA GLY B 675 23.16 7.54 25.44
C GLY B 675 23.96 6.36 25.96
N LEU B 676 23.57 5.14 25.57
CA LEU B 676 24.35 3.95 25.89
C LEU B 676 25.80 4.11 25.45
N ARG B 677 26.00 4.58 24.21
CA ARG B 677 27.35 4.73 23.67
C ARG B 677 28.15 5.73 24.49
N LYS B 678 27.55 6.87 24.82
CA LYS B 678 28.27 7.88 25.58
C LYS B 678 28.58 7.40 26.99
N ASP B 679 27.62 6.73 27.64
CA ASP B 679 27.84 6.23 28.99
C ASP B 679 28.91 5.15 29.00
N LEU B 680 28.92 4.28 27.99
CA LEU B 680 29.93 3.23 27.92
C LEU B 680 31.31 3.83 27.67
N ASP B 681 31.39 4.85 26.82
CA ASP B 681 32.68 5.50 26.60
C ASP B 681 33.17 6.20 27.86
N ASN B 682 32.26 6.77 28.65
CA ASN B 682 32.70 7.37 29.91
C ASN B 682 33.10 6.32 30.93
N ALA B 683 32.39 5.19 30.97
CA ALA B 683 32.78 4.11 31.86
C ALA B 683 34.16 3.57 31.52
N VAL B 684 34.46 3.44 30.22
CA VAL B 684 35.78 3.00 29.81
C VAL B 684 36.83 4.05 30.13
N SER B 685 36.53 5.32 29.90
CA SER B 685 37.49 6.38 30.19
C SER B 685 37.83 6.44 31.67
N ASN B 686 36.84 6.27 32.54
CA ASN B 686 37.10 6.25 33.96
C ASN B 686 37.76 4.95 34.39
N THR C 44 16.69 12.18 -19.14
CA THR C 44 15.64 11.62 -18.28
C THR C 44 15.08 12.68 -17.35
N SER C 45 13.83 12.50 -16.94
CA SER C 45 13.19 13.41 -15.99
C SER C 45 13.60 13.14 -14.54
N PHE C 46 14.35 12.08 -14.27
CA PHE C 46 14.83 11.75 -12.93
C PHE C 46 16.36 11.83 -12.87
N PRO C 47 16.94 13.01 -13.04
CA PRO C 47 18.40 13.12 -13.06
C PRO C 47 18.99 12.86 -11.68
N PHE C 48 20.31 12.74 -11.66
CA PHE C 48 21.02 12.65 -10.38
C PHE C 48 20.72 13.88 -9.54
N ARG C 49 20.32 13.66 -8.30
CA ARG C 49 19.78 14.74 -7.47
C ARG C 49 19.91 14.38 -6.01
N VAL C 50 19.97 15.39 -5.16
CA VAL C 50 19.90 15.24 -3.72
C VAL C 50 18.58 15.85 -3.27
N CYS C 51 17.66 15.01 -2.78
CA CYS C 51 16.31 15.45 -2.43
C CYS C 51 16.12 15.72 -0.94
N GLU C 52 16.94 15.12 -0.08
CA GLU C 52 16.71 15.27 1.36
C GLU C 52 17.08 16.65 1.89
N LEU C 53 17.75 17.49 1.09
CA LEU C 53 18.02 18.86 1.49
C LEU C 53 16.78 19.75 1.43
N SER C 54 15.69 19.29 0.84
CA SER C 54 14.51 20.12 0.62
C SER C 54 13.75 20.30 1.93
N SER C 55 13.75 21.53 2.46
CA SER C 55 13.20 21.79 3.79
C SER C 55 11.68 21.89 3.77
N HIS C 56 11.13 22.85 3.03
CA HIS C 56 9.72 23.19 3.14
C HIS C 56 9.23 23.76 1.82
N GLY C 57 8.29 23.06 1.17
CA GLY C 57 7.73 23.52 -0.08
C GLY C 57 6.23 23.66 -0.05
N ASP C 58 5.58 23.41 -1.18
CA ASP C 58 4.12 23.53 -1.26
C ASP C 58 3.46 22.42 -0.47
N LEU C 59 2.43 22.80 0.30
CA LEU C 59 1.79 21.90 1.24
C LEU C 59 0.48 21.37 0.67
N PHE C 60 0.20 20.09 0.95
CA PHE C 60 -1.11 19.53 0.70
C PHE C 60 -1.44 18.53 1.80
N ARG C 61 -2.74 18.25 1.95
CA ARG C 61 -3.24 17.30 2.92
C ARG C 61 -4.14 16.28 2.24
N PHE C 62 -4.19 15.08 2.81
CA PHE C 62 -5.10 14.05 2.32
C PHE C 62 -6.51 14.33 2.82
N SER C 63 -7.46 14.47 1.89
CA SER C 63 -8.83 14.78 2.22
C SER C 63 -9.53 13.54 2.74
N SER C 64 -9.74 13.49 4.06
CA SER C 64 -10.73 12.59 4.64
C SER C 64 -12.14 13.00 4.22
N ASP C 65 -13.08 12.10 4.49
CA ASP C 65 -14.52 12.29 4.24
C ASP C 65 -14.81 12.83 2.85
N ILE C 66 -14.19 12.20 1.84
CA ILE C 66 -14.69 12.32 0.48
C ILE C 66 -16.05 11.64 0.40
N GLN C 67 -17.05 12.36 -0.09
CA GLN C 67 -18.42 11.88 -0.15
C GLN C 67 -18.78 11.50 -1.59
N CYS C 68 -19.27 10.28 -1.77
CA CYS C 68 -19.78 9.81 -3.05
C CYS C 68 -21.30 9.67 -2.99
N PRO C 69 -22.03 10.30 -3.90
CA PRO C 69 -23.49 10.33 -3.79
C PRO C 69 -24.13 9.01 -4.18
N SER C 70 -25.35 8.82 -3.67
CA SER C 70 -26.23 7.75 -4.11
C SER C 70 -27.26 8.34 -5.07
N PHE C 71 -27.36 7.75 -6.27
CA PHE C 71 -28.24 8.28 -7.29
C PHE C 71 -29.72 8.18 -6.90
N GLY C 72 -30.08 7.16 -6.13
CA GLY C 72 -31.46 7.04 -5.70
C GLY C 72 -32.42 6.87 -6.87
N THR C 73 -33.51 7.63 -6.84
CA THR C 73 -34.44 7.66 -7.96
C THR C 73 -33.75 8.22 -9.21
N ARG C 74 -33.73 7.42 -10.27
CA ARG C 74 -32.74 7.58 -11.33
C ARG C 74 -33.36 7.85 -12.70
N GLU C 75 -34.69 7.98 -12.79
CA GLU C 75 -35.31 8.44 -14.02
C GLU C 75 -35.11 9.96 -14.18
N ASN C 76 -35.71 10.50 -15.23
CA ASN C 76 -35.66 11.92 -15.54
C ASN C 76 -34.22 12.42 -15.74
N HIS C 77 -33.39 11.58 -16.35
CA HIS C 77 -32.12 12.07 -16.88
C HIS C 77 -32.36 13.19 -17.89
N THR C 78 -31.43 14.13 -17.95
CA THR C 78 -31.39 15.10 -19.02
C THR C 78 -29.96 15.35 -19.46
N GLU C 79 -29.75 15.48 -20.77
CA GLU C 79 -28.44 15.72 -21.33
C GLU C 79 -28.16 17.21 -21.42
N GLY C 80 -26.88 17.57 -21.39
CA GLY C 80 -26.50 18.95 -21.59
C GLY C 80 -25.01 19.13 -21.53
N LEU C 81 -24.57 20.31 -22.00
CA LEU C 81 -23.17 20.71 -21.92
C LEU C 81 -22.84 21.16 -20.51
N LEU C 82 -21.69 20.73 -20.01
CA LEU C 82 -21.18 21.14 -18.71
C LEU C 82 -19.79 21.72 -18.86
N MET C 83 -19.63 22.98 -18.44
CA MET C 83 -18.32 23.61 -18.31
C MET C 83 -17.96 23.67 -16.84
N VAL C 84 -16.80 23.11 -16.48
CA VAL C 84 -16.34 23.10 -15.10
C VAL C 84 -15.24 24.13 -14.95
N PHE C 85 -15.41 25.03 -13.99
CA PHE C 85 -14.44 26.08 -13.68
C PHE C 85 -13.87 25.84 -12.29
N LYS C 86 -12.54 25.94 -12.19
CA LYS C 86 -11.82 25.68 -10.96
C LYS C 86 -11.20 26.97 -10.45
N ASP C 87 -11.04 27.06 -9.13
CA ASP C 87 -10.37 28.20 -8.52
C ASP C 87 -8.97 28.37 -9.11
N ASN C 88 -8.62 29.62 -9.41
CA ASN C 88 -7.37 29.93 -10.10
C ASN C 88 -6.25 30.08 -9.09
N CYS C 89 -5.12 29.43 -9.35
CA CYS C 89 -3.89 29.62 -8.58
C CYS C 89 -2.82 30.17 -9.51
N ILE C 90 -2.25 31.32 -9.14
CA ILE C 90 -1.12 31.92 -9.86
C ILE C 90 0.12 31.75 -9.01
N PRO C 91 1.15 31.07 -9.51
CA PRO C 91 2.43 30.99 -8.78
C PRO C 91 3.27 32.26 -8.91
N TYR C 92 3.03 33.25 -8.06
CA TYR C 92 3.82 34.48 -8.06
C TYR C 92 5.21 34.19 -7.49
N SER C 93 6.18 34.04 -8.38
CA SER C 93 7.58 33.83 -7.99
C SER C 93 8.37 35.11 -8.20
N PHE C 94 9.11 35.52 -7.18
CA PHE C 94 9.82 36.80 -7.21
C PHE C 94 11.14 36.66 -6.49
N LYS C 95 12.09 37.51 -6.86
CA LYS C 95 13.45 37.45 -6.33
C LYS C 95 13.56 38.20 -5.02
N VAL C 96 14.18 37.56 -4.03
CA VAL C 96 14.26 38.07 -2.66
C VAL C 96 15.69 37.98 -2.18
N ARG C 97 16.15 39.02 -1.50
CA ARG C 97 17.48 39.06 -0.91
C ARG C 97 17.37 38.92 0.60
N SER C 98 18.08 37.95 1.16
CA SER C 98 18.15 37.74 2.60
C SER C 98 19.48 38.20 3.17
N TYR C 99 19.44 38.86 4.31
CA TYR C 99 20.61 39.38 5.00
C TYR C 99 20.63 38.82 6.41
N THR C 100 21.78 38.31 6.84
CA THR C 100 21.89 37.77 8.19
C THR C 100 23.33 37.87 8.69
N LYS C 101 23.47 37.91 10.00
CA LYS C 101 24.73 37.73 10.70
C LYS C 101 24.74 36.36 11.36
N ILE C 102 25.72 35.54 11.02
CA ILE C 102 25.91 34.22 11.61
C ILE C 102 26.98 34.32 12.69
N VAL C 103 26.69 33.76 13.86
CA VAL C 103 27.56 33.86 15.02
C VAL C 103 27.73 32.46 15.63
N THR C 104 28.97 32.14 15.97
CA THR C 104 29.28 30.83 16.54
C THR C 104 29.73 30.95 18.00
N GLU C 122 24.84 28.25 17.43
CA GLU C 122 25.23 29.36 16.52
C GLU C 122 24.08 30.37 16.43
N GLU C 123 24.20 31.49 17.14
CA GLU C 123 23.11 32.50 17.15
C GLU C 123 23.09 33.28 15.83
N LYS C 124 21.91 33.69 15.37
CA LYS C 124 21.80 34.48 14.12
C LYS C 124 21.20 35.84 14.46
N PHE C 125 21.39 36.84 13.59
CA PHE C 125 20.93 38.19 13.88
C PHE C 125 20.58 38.91 12.59
N SER C 126 19.56 39.76 12.66
CA SER C 126 19.20 40.62 11.55
C SER C 126 20.26 41.69 11.33
N VAL C 127 20.06 42.50 10.28
CA VAL C 127 20.99 43.53 9.87
C VAL C 127 20.22 44.86 9.80
N GLU C 128 20.82 45.91 10.33
CA GLU C 128 20.14 47.21 10.40
C GLU C 128 20.12 47.87 9.03
N SER C 129 19.37 48.98 8.95
CA SER C 129 19.16 49.70 7.70
C SER C 129 20.44 50.29 7.11
N TYR C 130 21.33 50.81 7.96
CA TYR C 130 22.57 51.46 7.45
C TYR C 130 23.53 50.40 6.88
N GLU C 131 23.59 49.22 7.50
CA GLU C 131 24.48 48.16 7.04
C GLU C 131 23.90 47.45 5.81
N THR C 132 22.57 47.32 5.69
CA THR C 132 21.99 46.72 4.50
C THR C 132 22.17 47.61 3.27
N ASP C 133 22.20 48.94 3.46
CA ASP C 133 22.53 49.82 2.35
C ASP C 133 23.95 49.58 1.84
N GLN C 134 24.85 49.37 2.78
CA GLN C 134 26.26 49.12 2.41
C GLN C 134 26.39 47.75 1.75
N MET C 135 25.60 46.76 2.14
CA MET C 135 25.57 45.46 1.49
C MET C 135 25.02 45.55 0.07
N ASP C 136 23.92 46.28 -0.11
CA ASP C 136 23.27 46.32 -1.42
C ASP C 136 24.05 47.16 -2.43
N THR C 137 24.82 48.15 -1.96
CA THR C 137 25.55 49.03 -2.86
C THR C 137 27.00 48.63 -3.09
N ILE C 138 27.68 48.06 -2.08
CA ILE C 138 29.12 47.85 -2.17
C ILE C 138 29.46 46.42 -1.77
N TYR C 139 28.47 45.68 -1.27
CA TYR C 139 28.67 44.34 -0.71
C TYR C 139 29.70 44.35 0.41
N GLN C 140 29.86 45.50 1.05
CA GLN C 140 30.66 45.65 2.26
C GLN C 140 29.74 45.63 3.47
N CYS C 141 30.28 45.15 4.57
CA CYS C 141 29.63 45.07 5.87
C CYS C 141 30.64 45.37 6.97
N TYR C 142 30.13 45.27 8.19
CA TYR C 142 30.98 45.67 9.29
C TYR C 142 31.13 44.52 10.25
N ASN C 143 32.37 44.03 10.39
CA ASN C 143 32.64 42.86 11.20
C ASN C 143 32.47 43.24 12.68
N ALA C 144 31.28 43.01 13.20
CA ALA C 144 30.94 42.87 14.60
C ALA C 144 29.50 42.37 14.72
N VAL C 145 29.13 41.81 15.87
CA VAL C 145 27.73 41.59 16.21
C VAL C 145 27.38 42.30 17.51
N LYS C 146 26.52 43.31 17.39
CA LYS C 146 26.00 44.06 18.53
C LYS C 146 24.82 43.29 19.10
N VAL C 155 29.83 42.64 23.04
CA VAL C 155 30.07 42.70 21.57
C VAL C 155 31.43 42.08 21.27
N TYR C 156 31.49 41.14 20.33
CA TYR C 156 32.80 40.50 19.95
C TYR C 156 32.99 40.58 18.44
N VAL C 157 34.24 40.53 17.99
CA VAL C 157 34.55 40.63 16.53
C VAL C 157 35.29 39.35 16.10
N ASP C 158 35.22 38.98 14.83
CA ASP C 158 35.93 37.81 14.34
C ASP C 158 37.39 37.90 14.76
N ARG C 159 37.97 36.74 15.08
CA ARG C 159 39.35 36.65 15.58
C ARG C 159 39.59 37.59 16.75
N ASP C 160 38.53 37.93 17.47
CA ASP C 160 38.57 38.89 18.58
C ASP C 160 39.25 40.19 18.15
N GLY C 161 39.09 40.54 16.88
CA GLY C 161 39.69 41.73 16.30
C GLY C 161 38.99 43.01 16.69
N VAL C 162 38.99 43.98 15.76
CA VAL C 162 38.36 45.27 15.96
C VAL C 162 37.42 45.52 14.78
N ASN C 163 36.35 46.27 15.06
CA ASN C 163 35.33 46.62 14.09
C ASN C 163 35.92 47.26 12.84
N ILE C 164 35.84 46.61 11.68
CA ILE C 164 36.47 47.12 10.45
C ILE C 164 35.63 46.78 9.21
N THR C 165 35.79 47.57 8.15
CA THR C 165 35.18 47.29 6.84
C THR C 165 35.69 45.97 6.30
N VAL C 166 34.79 45.00 6.13
CA VAL C 166 35.12 43.63 5.74
C VAL C 166 34.35 43.26 4.50
N ASN C 167 35.02 42.67 3.51
CA ASN C 167 34.48 42.61 2.16
C ASN C 167 33.89 41.23 1.89
N LEU C 168 32.63 41.19 1.44
CA LEU C 168 32.00 39.91 1.11
C LEU C 168 32.55 39.33 -0.18
N LYS C 169 32.89 38.01 -0.16
CA LYS C 169 33.24 37.26 -1.37
C LYS C 169 32.03 36.46 -1.88
N PRO C 170 31.94 36.24 -3.19
CA PRO C 170 30.81 35.47 -3.73
C PRO C 170 30.92 33.98 -3.41
N THR C 171 29.77 33.32 -3.38
CA THR C 171 29.69 31.89 -3.11
C THR C 171 28.53 31.29 -3.88
N GLY C 172 28.72 30.07 -4.39
CA GLY C 172 27.70 29.37 -5.17
C GLY C 172 26.43 29.06 -4.42
N GLY C 173 25.28 29.42 -5.00
CA GLY C 173 24.01 28.81 -4.63
C GLY C 173 23.66 27.62 -5.50
N LEU C 174 23.01 26.62 -4.88
CA LEU C 174 22.83 25.33 -5.54
C LEU C 174 21.61 25.29 -6.46
N CYS C 175 20.69 26.23 -6.35
CA CYS C 175 19.55 26.30 -7.26
C CYS C 175 19.80 27.33 -8.36
N ASN C 176 19.05 27.19 -9.45
CA ASN C 176 18.99 28.23 -10.47
C ASN C 176 18.59 29.57 -9.85
N GLY C 177 19.50 30.54 -9.93
CA GLY C 177 19.20 31.89 -9.51
C GLY C 177 19.39 32.17 -8.04
N VAL C 178 19.99 31.25 -7.30
CA VAL C 178 20.38 31.48 -5.90
C VAL C 178 21.87 31.79 -5.85
N ARG C 179 22.22 32.92 -5.23
CA ARG C 179 23.61 33.33 -5.09
C ARG C 179 23.84 33.78 -3.66
N ARG C 180 24.84 33.17 -3.01
CA ARG C 180 25.21 33.51 -1.64
C ARG C 180 26.48 34.36 -1.63
N TYR C 181 26.59 35.21 -0.60
CA TYR C 181 27.81 35.96 -0.38
C TYR C 181 28.16 35.89 1.10
N ALA C 182 29.40 35.52 1.41
CA ALA C 182 29.78 35.32 2.80
C ALA C 182 31.25 35.69 2.97
N SER C 183 31.51 36.74 3.75
CA SER C 183 32.89 37.09 4.11
C SER C 183 33.31 36.34 5.37
N THR C 203 32.58 32.80 14.30
CA THR C 203 32.44 33.92 15.23
C THR C 203 31.44 34.95 14.72
N VAL C 204 31.82 35.76 13.72
CA VAL C 204 30.90 36.70 13.09
C VAL C 204 31.10 36.63 11.59
N ASN C 205 29.99 36.51 10.85
CA ASN C 205 30.03 36.31 9.40
C ASN C 205 28.84 36.99 8.76
N CYS C 206 29.09 38.04 7.97
CA CYS C 206 28.02 38.62 7.18
C CYS C 206 27.60 37.63 6.10
N LEU C 207 26.31 37.58 5.81
CA LEU C 207 25.80 36.63 4.81
C LEU C 207 24.67 37.26 4.01
N ILE C 208 24.74 37.11 2.69
CA ILE C 208 23.68 37.55 1.78
C ILE C 208 23.23 36.34 0.98
N THR C 209 21.93 36.27 0.67
CA THR C 209 21.40 35.18 -0.15
C THR C 209 20.33 35.75 -1.08
N ASP C 210 20.66 35.89 -2.35
CA ASP C 210 19.64 36.05 -3.37
C ASP C 210 18.94 34.71 -3.61
N MET C 211 17.61 34.71 -3.57
CA MET C 211 16.87 33.47 -3.66
C MET C 211 15.44 33.77 -4.08
N MET C 212 14.80 32.75 -4.65
CA MET C 212 13.40 32.84 -5.04
C MET C 212 12.49 32.72 -3.82
N ALA C 213 11.32 33.36 -3.91
CA ALA C 213 10.19 33.03 -3.05
C ALA C 213 8.94 32.93 -3.91
N LYS C 214 8.07 31.99 -3.56
CA LYS C 214 6.84 31.75 -4.30
C LYS C 214 5.65 31.95 -3.39
N SER C 215 4.56 32.44 -3.96
CA SER C 215 3.30 32.60 -3.24
C SER C 215 2.15 32.17 -4.13
N ASN C 216 1.06 31.76 -3.50
CA ASN C 216 -0.14 31.29 -4.18
C ASN C 216 -1.17 32.41 -4.26
N SER C 217 -2.13 32.19 -5.17
CA SER C 217 -3.16 33.22 -5.50
C SER C 217 -3.64 34.01 -4.29
N PRO C 218 -4.09 33.41 -3.16
CA PRO C 218 -4.61 34.26 -2.08
C PRO C 218 -3.57 35.18 -1.47
N PHE C 219 -2.29 34.97 -1.78
CA PHE C 219 -1.20 35.88 -1.31
C PHE C 219 -1.26 36.06 0.21
N GLU C 220 -1.53 34.98 0.97
CA GLU C 220 -1.45 35.06 2.42
C GLU C 220 -0.03 34.92 2.94
N PHE C 221 0.86 34.26 2.18
CA PHE C 221 2.22 34.02 2.62
C PHE C 221 3.06 33.66 1.40
N PHE C 222 4.38 33.72 1.58
CA PHE C 222 5.31 33.26 0.57
C PHE C 222 6.47 32.52 1.21
N VAL C 223 6.91 31.44 0.57
CA VAL C 223 7.96 30.58 1.08
C VAL C 223 9.23 30.81 0.27
N THR C 224 10.33 31.08 0.97
CA THR C 224 11.64 31.25 0.36
C THR C 224 12.34 29.91 0.17
N THR C 225 13.41 29.93 -0.63
CA THR C 225 14.19 28.71 -0.83
C THR C 225 14.74 28.14 0.48
N THR C 226 15.00 29.00 1.46
CA THR C 226 15.47 28.53 2.75
C THR C 226 14.40 27.74 3.49
N GLY C 227 13.13 27.90 3.12
CA GLY C 227 12.02 27.31 3.82
C GLY C 227 11.39 28.21 4.86
N GLN C 228 11.97 29.39 5.09
CA GLN C 228 11.36 30.37 5.96
C GLN C 228 10.09 30.92 5.32
N THR C 229 9.00 30.94 6.08
CA THR C 229 7.72 31.43 5.60
C THR C 229 7.39 32.76 6.26
N VAL C 230 6.91 33.71 5.45
CA VAL C 230 6.61 35.06 5.90
C VAL C 230 5.11 35.28 5.82
N GLU C 231 4.52 35.76 6.90
CA GLU C 231 3.07 35.84 7.03
C GLU C 231 2.55 37.19 6.54
N MET C 232 2.77 37.46 5.26
CA MET C 232 2.21 38.65 4.64
C MET C 232 2.10 38.42 3.14
N SER C 233 1.32 39.28 2.50
CA SER C 233 1.37 39.37 1.04
C SER C 233 2.65 40.05 0.59
N PRO C 234 3.32 39.52 -0.44
CA PRO C 234 4.47 40.23 -1.01
C PRO C 234 4.10 41.55 -1.68
N PHE C 235 2.80 41.81 -1.83
CA PHE C 235 2.36 43.05 -2.53
C PHE C 235 1.93 44.06 -1.49
N TYR C 236 2.13 43.76 -0.21
CA TYR C 236 1.75 44.67 0.86
C TYR C 236 2.53 45.99 0.76
N ASP C 237 1.82 47.08 0.49
CA ASP C 237 2.43 48.40 0.34
C ASP C 237 2.57 49.15 1.66
N GLY C 238 2.28 48.51 2.79
CA GLY C 238 2.23 49.21 4.05
C GLY C 238 0.93 49.96 4.28
N LYS C 239 0.65 50.95 3.43
CA LYS C 239 -0.57 51.74 3.57
C LYS C 239 -1.80 50.99 3.06
N ASN C 240 -1.62 49.95 2.26
CA ASN C 240 -2.74 49.32 1.56
C ASN C 240 -3.61 48.48 2.47
N THR C 241 -3.15 48.17 3.69
CA THR C 241 -3.85 47.32 4.66
C THR C 241 -4.18 45.95 4.10
N GLU C 242 -3.39 45.54 3.10
CA GLU C 242 -3.52 44.18 2.53
C GLU C 242 -3.02 43.19 3.60
N THR C 243 -3.36 41.92 3.46
CA THR C 243 -3.07 40.90 4.46
C THR C 243 -1.64 40.97 4.96
N PHE C 244 -1.49 41.25 6.25
CA PHE C 244 -0.19 41.47 6.87
C PHE C 244 -0.31 41.19 8.35
N HIS C 245 0.35 40.14 8.83
CA HIS C 245 0.26 39.72 10.22
C HIS C 245 1.55 39.86 11.00
N GLU C 246 2.66 40.19 10.32
CA GLU C 246 3.91 40.45 11.01
C GLU C 246 3.83 41.78 11.77
N ARG C 247 4.84 42.02 12.61
CA ARG C 247 4.89 43.26 13.37
C ARG C 247 4.99 44.45 12.44
N ALA C 248 4.07 45.41 12.61
CA ALA C 248 4.05 46.59 11.75
C ALA C 248 5.31 47.42 11.91
N ASP C 249 5.94 47.39 13.09
CA ASP C 249 7.19 48.12 13.29
C ASP C 249 8.32 47.50 12.49
N SER C 250 8.25 46.21 12.19
CA SER C 250 9.33 45.51 11.51
C SER C 250 9.37 45.75 10.01
N PHE C 251 8.34 46.35 9.43
CA PHE C 251 8.21 46.47 7.98
C PHE C 251 8.25 47.93 7.58
N HIS C 252 9.02 48.23 6.54
CA HIS C 252 9.05 49.57 5.97
C HIS C 252 9.39 49.48 4.49
N VAL C 253 9.06 50.53 3.76
CA VAL C 253 9.27 50.61 2.31
C VAL C 253 10.02 51.89 2.01
N ARG C 254 11.06 51.79 1.18
CA ARG C 254 11.89 52.92 0.82
C ARG C 254 11.85 53.10 -0.70
N THR C 255 11.57 54.33 -1.13
CA THR C 255 11.52 54.65 -2.55
C THR C 255 12.93 54.90 -3.09
N ASN C 256 13.03 54.89 -4.42
CA ASN C 256 14.24 55.22 -5.18
C ASN C 256 15.47 54.51 -4.64
N TYR C 257 15.29 53.25 -4.24
CA TYR C 257 16.38 52.48 -3.66
C TYR C 257 17.33 52.01 -4.75
N LYS C 258 18.63 52.04 -4.44
CA LYS C 258 19.68 51.67 -5.38
C LYS C 258 20.31 50.35 -4.96
N ILE C 259 20.40 49.42 -5.90
CA ILE C 259 21.02 48.12 -5.64
C ILE C 259 22.01 47.83 -6.76
N VAL C 260 23.17 47.31 -6.38
CA VAL C 260 24.30 47.10 -7.28
C VAL C 260 24.46 45.62 -7.56
N ASP C 261 24.64 45.27 -8.83
CA ASP C 261 24.96 43.91 -9.22
C ASP C 261 26.45 43.66 -9.08
N TYR C 262 26.81 42.51 -8.49
CA TYR C 262 28.15 42.32 -7.94
C TYR C 262 29.22 42.45 -9.03
N ASP C 263 28.99 41.86 -10.19
CA ASP C 263 29.94 41.94 -11.30
C ASP C 263 29.69 43.12 -12.21
N ASN C 264 28.64 43.91 -11.97
CA ASN C 264 28.34 45.11 -12.73
C ASN C 264 28.42 46.38 -11.89
N ARG C 265 29.43 46.48 -11.01
CA ARG C 265 29.42 47.52 -9.99
C ARG C 265 29.43 48.92 -10.55
N GLY C 266 29.83 49.11 -11.80
CA GLY C 266 29.82 50.43 -12.41
C GLY C 266 28.64 50.75 -13.29
N THR C 267 27.73 49.80 -13.52
CA THR C 267 26.62 50.04 -14.43
C THR C 267 25.54 50.91 -13.82
N ASN C 268 25.50 51.02 -12.49
CA ASN C 268 24.54 51.83 -11.74
C ASN C 268 23.11 51.57 -12.18
N PRO C 269 22.55 50.40 -11.86
CA PRO C 269 21.22 50.04 -12.37
C PRO C 269 20.15 51.05 -11.95
N GLN C 270 19.04 51.03 -12.68
CA GLN C 270 17.93 51.92 -12.39
C GLN C 270 17.34 51.60 -11.02
N GLY C 271 16.78 52.63 -10.38
CA GLY C 271 16.27 52.48 -9.05
C GLY C 271 14.95 51.72 -9.00
N GLU C 272 14.61 51.25 -7.79
CA GLU C 272 13.40 50.48 -7.56
C GLU C 272 12.75 50.97 -6.28
N ARG C 273 11.51 50.53 -6.06
CA ARG C 273 10.86 50.64 -4.76
C ARG C 273 10.94 49.28 -4.07
N ARG C 274 11.59 49.25 -2.91
CA ARG C 274 11.98 47.99 -2.28
C ARG C 274 11.53 47.96 -0.83
N ALA C 275 10.96 46.83 -0.43
CA ALA C 275 10.46 46.62 0.92
C ALA C 275 11.49 45.90 1.77
N PHE C 276 11.43 46.14 3.07
CA PHE C 276 12.36 45.58 4.04
C PHE C 276 11.58 45.01 5.21
N LEU C 277 12.05 43.87 5.72
CA LEU C 277 11.39 43.21 6.84
C LEU C 277 12.44 42.73 7.82
N ASP C 278 12.20 42.98 9.10
CA ASP C 278 13.08 42.54 10.18
C ASP C 278 12.38 41.40 10.92
N LYS C 279 12.97 40.21 10.85
CA LYS C 279 12.42 39.05 11.55
C LYS C 279 13.25 38.64 12.75
N GLY C 280 14.15 39.50 13.21
CA GLY C 280 15.00 39.20 14.35
C GLY C 280 16.12 38.23 14.04
N THR C 281 15.81 37.12 13.37
CA THR C 281 16.84 36.19 12.91
C THR C 281 17.50 36.70 11.63
N TYR C 282 16.73 37.31 10.73
CA TYR C 282 17.26 37.74 9.44
C TYR C 282 16.46 38.93 8.95
N THR C 283 17.10 39.77 8.15
CA THR C 283 16.43 40.78 7.35
C THR C 283 16.08 40.20 5.99
N LEU C 284 14.94 40.62 5.45
CA LEU C 284 14.47 40.13 4.16
C LEU C 284 14.01 41.32 3.33
N SER C 285 14.36 41.31 2.04
CA SER C 285 14.03 42.42 1.16
C SER C 285 13.58 41.91 -0.20
N TRP C 286 12.61 42.60 -0.80
CA TRP C 286 12.08 42.22 -2.09
C TRP C 286 11.49 43.45 -2.76
N LYS C 287 11.41 43.40 -4.08
CA LYS C 287 10.81 44.48 -4.86
C LYS C 287 9.30 44.39 -4.75
N LEU C 288 8.66 45.53 -4.51
CA LEU C 288 7.20 45.63 -4.47
C LEU C 288 6.67 45.86 -5.89
N GLU C 289 6.17 44.80 -6.49
CA GLU C 289 5.51 44.97 -7.80
C GLU C 289 4.04 45.29 -7.50
N ASN C 290 3.57 46.48 -7.86
CA ASN C 290 2.14 46.81 -7.65
C ASN C 290 1.33 45.54 -7.93
N ARG C 291 0.54 45.08 -6.95
CA ARG C 291 -0.21 43.81 -7.10
C ARG C 291 -0.93 43.77 -8.45
N THR C 292 -0.87 42.62 -9.14
CA THR C 292 -1.53 42.47 -10.45
C THR C 292 -2.98 42.07 -10.25
N ALA C 293 -3.76 42.04 -11.34
CA ALA C 293 -5.19 41.71 -11.23
C ALA C 293 -5.49 40.45 -12.06
N TYR C 294 -6.39 39.58 -11.56
CA TYR C 294 -6.71 38.31 -12.26
C TYR C 294 -8.15 37.94 -11.95
N CYS C 295 -8.74 37.01 -12.71
CA CYS C 295 -10.10 36.58 -12.44
C CYS C 295 -10.10 35.33 -11.56
N PRO C 296 -10.98 35.28 -10.55
CA PRO C 296 -10.91 34.20 -9.56
C PRO C 296 -11.03 32.80 -10.13
N LEU C 297 -11.75 32.59 -11.24
CA LEU C 297 -11.99 31.26 -11.76
C LEU C 297 -11.29 31.05 -13.09
N GLN C 298 -10.49 29.98 -13.16
CA GLN C 298 -9.86 29.52 -14.39
C GLN C 298 -10.64 28.34 -14.96
N HIS C 299 -10.86 28.37 -16.27
CA HIS C 299 -11.53 27.26 -16.93
C HIS C 299 -10.74 25.97 -16.78
N TRP C 300 -11.44 24.87 -16.48
CA TRP C 300 -10.80 23.58 -16.26
C TRP C 300 -11.14 22.58 -17.36
N GLN C 301 -12.42 22.27 -17.55
CA GLN C 301 -12.82 21.21 -18.46
C GLN C 301 -14.12 21.61 -19.15
N THR C 302 -14.28 21.13 -20.39
CA THR C 302 -15.55 21.17 -21.10
C THR C 302 -15.97 19.75 -21.42
N PHE C 303 -17.12 19.35 -20.90
CA PHE C 303 -17.68 18.02 -21.14
C PHE C 303 -18.85 18.16 -22.11
N ASP C 304 -18.72 17.57 -23.29
CA ASP C 304 -19.63 17.87 -24.40
C ASP C 304 -21.00 17.22 -24.20
N SER C 305 -21.07 16.08 -23.52
CA SER C 305 -22.35 15.52 -23.11
C SER C 305 -22.25 15.01 -21.68
N THR C 306 -23.24 15.37 -20.87
CA THR C 306 -23.30 14.95 -19.48
C THR C 306 -24.75 14.65 -19.12
N ILE C 307 -24.92 13.82 -18.11
CA ILE C 307 -26.23 13.35 -17.66
C ILE C 307 -26.51 13.97 -16.29
N ALA C 308 -27.60 14.73 -16.20
CA ALA C 308 -28.02 15.35 -14.95
C ALA C 308 -29.12 14.53 -14.32
N THR C 309 -28.92 14.14 -13.06
CA THR C 309 -29.91 13.40 -12.29
C THR C 309 -30.35 14.23 -11.10
N GLU C 310 -31.66 14.50 -11.01
CA GLU C 310 -32.21 15.37 -9.98
C GLU C 310 -32.63 14.52 -8.78
N THR C 311 -31.73 14.41 -7.80
CA THR C 311 -31.94 13.60 -6.61
C THR C 311 -32.61 14.39 -5.48
N GLY C 312 -33.50 15.32 -5.82
CA GLY C 312 -34.24 16.10 -4.85
C GLY C 312 -33.42 17.18 -4.20
N LYS C 313 -32.44 16.82 -3.36
CA LYS C 313 -31.63 17.83 -2.71
C LYS C 313 -30.49 18.32 -3.60
N SER C 314 -29.95 17.46 -4.46
CA SER C 314 -28.77 17.77 -5.24
C SER C 314 -29.01 17.37 -6.69
N ILE C 315 -28.21 17.95 -7.58
CA ILE C 315 -28.09 17.46 -8.95
C ILE C 315 -26.74 16.76 -9.07
N ILE C 316 -26.75 15.54 -9.60
CA ILE C 316 -25.54 14.78 -9.88
C ILE C 316 -25.26 14.85 -11.37
N PHE C 317 -24.08 15.35 -11.72
CA PHE C 317 -23.65 15.43 -13.10
C PHE C 317 -22.67 14.29 -13.37
N VAL C 318 -22.98 13.47 -14.36
CA VAL C 318 -22.14 12.35 -14.77
C VAL C 318 -21.59 12.67 -16.15
N THR C 319 -20.27 12.65 -16.28
CA THR C 319 -19.61 13.04 -17.53
C THR C 319 -19.13 11.80 -18.26
N GLN C 320 -19.37 11.77 -19.57
CA GLN C 320 -18.97 10.61 -20.35
C GLN C 320 -17.47 10.61 -20.60
N GLU C 321 -16.89 11.76 -20.90
CA GLU C 321 -15.45 11.87 -21.01
C GLU C 321 -14.80 11.69 -19.63
N GLY C 322 -13.80 10.82 -19.56
CA GLY C 322 -13.35 10.35 -18.26
C GLY C 322 -14.44 9.54 -17.57
N THR C 323 -14.54 9.72 -16.25
CA THR C 323 -15.63 9.20 -15.44
C THR C 323 -16.04 10.19 -14.36
N SER C 324 -15.82 11.48 -14.59
CA SER C 324 -15.90 12.46 -13.52
C SER C 324 -17.34 12.71 -13.09
N LEU C 325 -17.50 13.01 -11.80
CA LEU C 325 -18.80 13.17 -11.17
C LEU C 325 -18.77 14.47 -10.37
N PHE C 326 -19.86 15.23 -10.44
CA PHE C 326 -19.99 16.50 -9.73
C PHE C 326 -21.31 16.54 -8.99
N VAL C 327 -21.25 16.87 -7.70
CA VAL C 327 -22.43 16.99 -6.85
C VAL C 327 -22.70 18.47 -6.60
N THR C 328 -23.86 18.93 -7.03
CA THR C 328 -24.27 20.32 -6.85
C THR C 328 -25.23 20.42 -5.68
N ASN C 329 -24.91 21.26 -4.69
CA ASN C 329 -25.72 21.28 -3.45
C ASN C 329 -27.06 22.03 -3.60
N THR C 330 -27.31 22.66 -4.76
CA THR C 330 -28.53 23.42 -4.96
C THR C 330 -29.29 22.84 -6.14
N THR C 331 -30.62 22.88 -6.06
CA THR C 331 -31.47 22.36 -7.12
C THR C 331 -31.84 23.42 -8.15
N VAL C 332 -31.96 24.67 -7.73
CA VAL C 332 -32.16 25.80 -8.64
C VAL C 332 -30.84 26.54 -8.76
N GLY C 333 -30.37 26.72 -9.99
CA GLY C 333 -29.04 27.25 -10.18
C GLY C 333 -28.95 28.70 -9.73
N ILE C 334 -27.84 29.03 -9.08
CA ILE C 334 -27.62 30.38 -8.59
C ILE C 334 -27.30 31.31 -9.75
N GLU C 335 -27.80 32.54 -9.66
CA GLU C 335 -27.35 33.58 -10.58
C GLU C 335 -25.88 33.88 -10.34
N LEU C 336 -25.14 34.08 -11.43
CA LEU C 336 -23.69 34.15 -11.37
C LEU C 336 -23.24 35.35 -10.54
N PRO C 337 -22.43 35.14 -9.50
CA PRO C 337 -21.83 36.27 -8.77
C PRO C 337 -21.04 37.17 -9.72
N ASP C 338 -21.20 38.48 -9.53
CA ASP C 338 -20.59 39.45 -10.44
C ASP C 338 -19.08 39.31 -10.51
N ALA C 339 -18.45 38.86 -9.43
CA ALA C 339 -17.00 38.69 -9.43
C ALA C 339 -16.53 37.71 -10.49
N PHE C 340 -17.36 36.70 -10.80
CA PHE C 340 -17.06 35.69 -11.80
C PHE C 340 -17.44 36.12 -13.22
N LYS C 341 -17.89 37.36 -13.42
CA LYS C 341 -18.46 37.77 -14.70
C LYS C 341 -17.47 37.70 -15.85
N CYS C 342 -16.16 37.60 -15.57
CA CYS C 342 -15.19 37.37 -16.65
C CYS C 342 -15.50 36.08 -17.41
N ILE C 343 -16.12 35.11 -16.75
CA ILE C 343 -16.49 33.84 -17.35
C ILE C 343 -17.53 34.01 -18.46
N GLU C 344 -18.42 34.99 -18.34
CA GLU C 344 -19.62 35.05 -19.17
C GLU C 344 -19.30 35.04 -20.65
N GLU C 345 -18.21 35.70 -21.06
CA GLU C 345 -17.84 35.68 -22.47
C GLU C 345 -17.37 34.29 -22.87
N GLN C 346 -16.52 33.67 -22.06
CA GLN C 346 -15.99 32.36 -22.38
C GLN C 346 -17.10 31.34 -22.50
N VAL C 347 -18.08 31.39 -21.59
CA VAL C 347 -19.19 30.44 -21.68
C VAL C 347 -20.05 30.72 -22.92
N ASN C 348 -20.37 31.99 -23.20
CA ASN C 348 -21.13 32.24 -24.43
C ASN C 348 -20.42 31.68 -25.65
N LYS C 349 -19.09 31.77 -25.67
CA LYS C 349 -18.35 31.32 -26.84
C LYS C 349 -18.30 29.81 -26.92
N THR C 350 -17.98 29.15 -25.80
CA THR C 350 -17.84 27.70 -25.82
C THR C 350 -19.20 27.04 -26.06
N MET C 351 -20.24 27.51 -25.37
CA MET C 351 -21.59 27.00 -25.59
C MET C 351 -22.03 27.18 -27.04
N HIS C 352 -21.78 28.35 -27.64
CA HIS C 352 -22.22 28.52 -29.02
C HIS C 352 -21.42 27.63 -29.98
N GLU C 353 -20.10 27.56 -29.78
CA GLU C 353 -19.25 26.78 -30.66
C GLU C 353 -19.60 25.30 -30.60
N LYS C 354 -19.90 24.80 -29.40
CA LYS C 354 -20.14 23.37 -29.25
C LYS C 354 -21.59 23.00 -29.54
N TYR C 355 -22.55 23.87 -29.24
CA TYR C 355 -23.91 23.62 -29.66
C TYR C 355 -24.06 23.65 -31.17
N GLU C 356 -23.26 24.48 -31.86
CA GLU C 356 -23.38 24.56 -33.31
C GLU C 356 -23.05 23.24 -33.98
N ALA C 357 -22.11 22.47 -33.42
CA ALA C 357 -21.80 21.14 -33.91
C ALA C 357 -22.81 20.08 -33.48
N VAL C 358 -23.80 20.45 -32.69
CA VAL C 358 -24.74 19.49 -32.09
C VAL C 358 -26.18 19.79 -32.46
N GLN C 359 -26.45 20.92 -33.13
CA GLN C 359 -27.81 21.34 -33.46
C GLN C 359 -28.60 20.24 -34.15
N ASP C 360 -27.94 19.47 -35.03
CA ASP C 360 -28.63 18.44 -35.79
C ASP C 360 -29.14 17.29 -34.92
N ARG C 361 -28.70 17.21 -33.66
CA ARG C 361 -29.12 16.14 -32.76
C ARG C 361 -29.93 16.62 -31.56
N TYR C 362 -29.82 17.88 -31.16
CA TYR C 362 -30.49 18.37 -29.96
C TYR C 362 -31.02 19.78 -30.19
N THR C 363 -32.05 20.12 -29.42
CA THR C 363 -32.55 21.48 -29.32
C THR C 363 -32.31 22.00 -27.91
N LYS C 364 -32.16 23.31 -27.78
CA LYS C 364 -31.91 23.90 -26.46
C LYS C 364 -33.18 23.84 -25.61
N GLY C 365 -33.02 23.38 -24.37
CA GLY C 365 -34.10 23.42 -23.40
C GLY C 365 -34.34 24.77 -22.75
N GLN C 366 -33.32 25.62 -22.73
CA GLN C 366 -33.41 26.94 -22.12
C GLN C 366 -32.63 27.94 -22.96
N GLU C 367 -33.04 29.20 -22.89
CA GLU C 367 -32.37 30.26 -23.64
C GLU C 367 -31.18 30.86 -22.91
N ALA C 368 -30.99 30.51 -21.63
CA ALA C 368 -29.90 31.07 -20.84
C ALA C 368 -29.21 29.96 -20.06
N ILE C 369 -27.88 30.07 -19.94
CA ILE C 369 -27.11 29.08 -19.21
C ILE C 369 -27.47 29.14 -17.73
N THR C 370 -27.54 27.98 -17.09
CA THR C 370 -27.75 27.89 -15.66
C THR C 370 -26.41 27.59 -14.98
N TYR C 371 -26.10 28.36 -13.94
CA TYR C 371 -24.85 28.21 -13.21
C TYR C 371 -25.09 27.50 -11.89
N PHE C 372 -24.17 26.59 -11.55
CA PHE C 372 -24.24 25.80 -10.34
C PHE C 372 -22.90 25.89 -9.63
N ILE C 373 -22.93 25.76 -8.30
CA ILE C 373 -21.72 25.74 -7.49
C ILE C 373 -21.66 24.45 -6.69
N THR C 374 -20.52 23.78 -6.76
CA THR C 374 -20.30 22.57 -5.97
C THR C 374 -19.83 22.93 -4.57
N SER C 375 -19.95 21.96 -3.66
CA SER C 375 -19.47 22.17 -2.30
C SER C 375 -17.97 22.47 -2.28
N GLY C 376 -17.22 21.89 -3.21
CA GLY C 376 -15.80 22.15 -3.34
C GLY C 376 -15.46 23.45 -4.04
N GLY C 377 -16.47 24.21 -4.44
CA GLY C 377 -16.28 25.52 -5.00
C GLY C 377 -16.08 25.58 -6.50
N LEU C 378 -16.25 24.47 -7.21
CA LEU C 378 -16.27 24.50 -8.66
C LEU C 378 -17.54 25.17 -9.16
N LEU C 379 -17.40 25.96 -10.23
CA LEU C 379 -18.55 26.55 -10.90
C LEU C 379 -18.86 25.77 -12.17
N LEU C 380 -20.09 25.30 -12.29
CA LEU C 380 -20.54 24.47 -13.40
C LEU C 380 -21.55 25.24 -14.24
N ALA C 381 -21.26 25.42 -15.52
CA ALA C 381 -22.17 26.07 -16.45
C ALA C 381 -22.91 25.00 -17.24
N TRP C 382 -24.24 25.02 -17.18
CA TRP C 382 -25.08 23.93 -17.66
C TRP C 382 -26.03 24.46 -18.72
N LEU C 383 -25.94 23.91 -19.94
CA LEU C 383 -26.91 24.18 -21.00
C LEU C 383 -27.73 22.91 -21.22
N PRO C 384 -28.97 22.83 -20.75
CA PRO C 384 -29.78 21.63 -20.98
C PRO C 384 -30.19 21.50 -22.43
N LEU C 385 -30.08 20.28 -22.96
CA LEU C 385 -30.48 19.96 -24.31
C LEU C 385 -31.52 18.85 -24.30
N THR C 386 -32.45 18.92 -25.25
CA THR C 386 -33.47 17.91 -25.43
C THR C 386 -33.27 17.23 -26.78
N PRO C 387 -33.15 15.90 -26.82
CA PRO C 387 -32.87 15.23 -28.10
C PRO C 387 -34.07 15.29 -29.04
N ARG C 388 -33.79 15.55 -30.31
CA ARG C 388 -34.81 15.48 -31.33
C ARG C 388 -35.28 14.04 -31.52
N SER C 389 -36.57 13.88 -31.78
CA SER C 389 -37.09 12.58 -32.16
C SER C 389 -36.44 12.13 -33.48
N LEU C 390 -36.23 10.81 -33.60
CA LEU C 390 -35.50 10.30 -34.75
C LEU C 390 -36.24 10.54 -36.05
N ALA C 391 -37.55 10.78 -36.00
CA ALA C 391 -38.29 11.12 -37.22
C ALA C 391 -37.83 12.44 -37.81
N THR C 392 -37.32 13.35 -37.00
CA THR C 392 -37.04 14.72 -37.44
C THR C 392 -35.59 15.14 -37.22
N VAL C 393 -34.72 14.24 -36.77
CA VAL C 393 -33.28 14.48 -36.81
C VAL C 393 -32.87 14.82 -38.23
N LYS C 394 -32.24 15.98 -38.41
CA LYS C 394 -32.07 16.54 -39.74
C LYS C 394 -30.84 16.02 -40.46
N ASN C 454 -48.11 -5.07 -34.18
CA ASN C 454 -49.12 -4.10 -34.57
C ASN C 454 -48.64 -2.67 -34.30
N ASN C 455 -47.55 -2.56 -33.56
CA ASN C 455 -46.88 -1.27 -33.41
C ASN C 455 -46.24 -0.85 -34.73
N PRO C 456 -46.45 0.39 -35.17
CA PRO C 456 -45.77 0.86 -36.39
C PRO C 456 -44.29 1.08 -36.14
N ALA C 457 -43.54 1.14 -37.24
CA ALA C 457 -42.08 1.06 -37.19
C ALA C 457 -41.49 2.20 -36.36
N THR C 458 -41.95 3.43 -36.58
CA THR C 458 -41.36 4.59 -35.92
C THR C 458 -41.45 4.47 -34.40
N VAL C 459 -42.56 3.97 -33.88
CA VAL C 459 -42.71 3.83 -32.44
C VAL C 459 -41.72 2.81 -31.89
N GLN C 460 -41.56 1.69 -32.60
CA GLN C 460 -40.58 0.68 -32.18
C GLN C 460 -39.16 1.26 -32.19
N ILE C 461 -38.83 2.04 -33.22
CA ILE C 461 -37.48 2.59 -33.33
C ILE C 461 -37.21 3.56 -32.19
N GLN C 462 -38.17 4.45 -31.93
CA GLN C 462 -38.00 5.42 -30.86
C GLN C 462 -37.94 4.74 -29.50
N PHE C 463 -38.76 3.72 -29.28
CA PHE C 463 -38.73 2.98 -28.02
C PHE C 463 -37.37 2.31 -27.82
N ALA C 464 -36.88 1.62 -28.86
CA ALA C 464 -35.59 0.95 -28.74
C ALA C 464 -34.48 1.95 -28.47
N TYR C 465 -34.48 3.08 -29.21
CA TYR C 465 -33.45 4.08 -29.02
C TYR C 465 -33.47 4.63 -27.59
N ASP C 466 -34.68 4.93 -27.10
CA ASP C 466 -34.81 5.51 -25.74
C ASP C 466 -34.51 4.40 -24.72
N SER C 467 -34.83 3.15 -25.05
CA SER C 467 -34.64 2.08 -24.05
C SER C 467 -33.15 1.79 -23.89
N LEU C 468 -32.36 2.07 -24.93
CA LEU C 468 -30.90 1.74 -24.87
C LEU C 468 -30.15 2.98 -24.37
N ARG C 469 -30.56 4.19 -24.78
CA ARG C 469 -29.97 5.37 -24.19
C ARG C 469 -30.07 5.34 -22.67
N ARG C 470 -31.23 4.98 -22.14
CA ARG C 470 -31.37 4.90 -20.68
C ARG C 470 -30.45 3.84 -20.08
N GLN C 471 -30.22 2.74 -20.79
CA GLN C 471 -29.35 1.70 -20.24
C GLN C 471 -27.90 2.17 -20.23
N ILE C 472 -27.45 2.82 -21.32
CA ILE C 472 -26.12 3.41 -21.34
C ILE C 472 -25.97 4.46 -20.24
N ASN C 473 -27.00 5.27 -20.02
CA ASN C 473 -26.92 6.30 -19.00
C ASN C 473 -26.80 5.69 -17.61
N ARG C 474 -27.57 4.63 -17.35
CA ARG C 474 -27.44 3.93 -16.06
C ARG C 474 -26.06 3.34 -15.89
N MET C 475 -25.49 2.77 -16.95
CA MET C 475 -24.16 2.20 -16.84
C MET C 475 -23.11 3.28 -16.58
N LEU C 476 -23.24 4.42 -17.26
CA LEU C 476 -22.31 5.52 -17.02
C LEU C 476 -22.43 6.04 -15.60
N GLY C 477 -23.65 6.10 -15.06
CA GLY C 477 -23.81 6.49 -13.67
C GLY C 477 -23.15 5.53 -12.70
N ASP C 478 -23.29 4.22 -12.96
CA ASP C 478 -22.62 3.26 -12.10
C ASP C 478 -21.11 3.30 -12.24
N LEU C 479 -20.61 3.60 -13.45
CA LEU C 479 -19.18 3.79 -13.63
C LEU C 479 -18.68 5.01 -12.87
N ALA C 480 -19.45 6.10 -12.87
CA ALA C 480 -19.05 7.29 -12.14
C ALA C 480 -19.04 7.06 -10.64
N ARG C 481 -20.03 6.31 -10.13
CA ARG C 481 -20.03 5.97 -8.71
C ARG C 481 -18.87 5.06 -8.35
N ALA C 482 -18.58 4.06 -9.19
CA ALA C 482 -17.42 3.21 -8.95
C ALA C 482 -16.13 4.01 -8.95
N TRP C 483 -16.00 4.95 -9.89
CA TRP C 483 -14.82 5.81 -9.96
C TRP C 483 -14.69 6.66 -8.70
N CYS C 484 -15.79 7.22 -8.22
CA CYS C 484 -15.74 8.00 -6.98
C CYS C 484 -15.27 7.15 -5.81
N LEU C 485 -15.83 5.95 -5.67
CA LEU C 485 -15.40 5.07 -4.57
C LEU C 485 -13.94 4.68 -4.72
N GLU C 486 -13.50 4.46 -5.95
CA GLU C 486 -12.11 4.06 -6.18
C GLU C 486 -11.15 5.21 -5.87
N GLN C 487 -11.55 6.45 -6.17
CA GLN C 487 -10.76 7.60 -5.73
C GLN C 487 -10.72 7.70 -4.22
N LYS C 488 -11.84 7.44 -3.56
CA LYS C 488 -11.87 7.46 -2.11
C LYS C 488 -10.91 6.44 -1.52
N ARG C 489 -10.77 5.29 -2.18
CA ARG C 489 -9.89 4.26 -1.64
C ARG C 489 -8.43 4.50 -2.01
N GLN C 490 -8.18 5.01 -3.22
CA GLN C 490 -6.86 5.48 -3.61
C GLN C 490 -6.32 6.51 -2.62
N ASN C 491 -7.17 7.42 -2.15
CA ASN C 491 -6.68 8.43 -1.22
C ASN C 491 -6.13 7.81 0.05
N MET C 492 -6.82 6.80 0.60
CA MET C 492 -6.30 6.09 1.76
C MET C 492 -5.03 5.33 1.44
N VAL C 493 -4.99 4.65 0.28
CA VAL C 493 -3.80 3.89 -0.08
C VAL C 493 -2.59 4.83 -0.19
N LEU C 494 -2.76 5.99 -0.83
CA LEU C 494 -1.69 6.95 -0.93
C LEU C 494 -1.28 7.50 0.43
N ARG C 495 -2.26 7.76 1.30
CA ARG C 495 -1.94 8.21 2.65
C ARG C 495 -1.06 7.21 3.38
N GLU C 496 -1.33 5.91 3.18
CA GLU C 496 -0.52 4.90 3.84
C GLU C 496 0.86 4.75 3.19
N LEU C 497 0.92 4.75 1.85
CA LEU C 497 2.19 4.61 1.15
C LEU C 497 3.11 5.80 1.40
N THR C 498 2.55 6.98 1.66
CA THR C 498 3.35 8.13 2.06
C THR C 498 4.10 7.88 3.36
N LYS C 499 3.60 6.97 4.20
CA LYS C 499 4.36 6.60 5.40
C LYS C 499 5.54 5.72 5.06
N ILE C 500 5.45 4.92 4.00
CA ILE C 500 6.60 4.15 3.55
C ILE C 500 7.63 5.07 2.93
N ASN C 501 7.24 5.78 1.86
CA ASN C 501 8.17 6.78 1.33
C ASN C 501 7.45 7.86 0.52
N PRO C 502 7.31 9.06 1.12
CA PRO C 502 6.61 10.14 0.42
C PRO C 502 7.30 10.61 -0.84
N THR C 503 8.64 10.67 -0.82
CA THR C 503 9.37 11.12 -2.01
C THR C 503 9.01 10.28 -3.23
N THR C 504 9.12 8.95 -3.10
CA THR C 504 8.81 8.09 -4.24
C THR C 504 7.33 8.10 -4.59
N VAL C 505 6.46 8.10 -3.58
CA VAL C 505 5.02 8.14 -3.88
C VAL C 505 4.69 9.38 -4.70
N MET C 506 5.12 10.55 -4.23
CA MET C 506 4.84 11.80 -4.95
C MET C 506 5.50 11.82 -6.32
N SER C 507 6.76 11.36 -6.42
CA SER C 507 7.42 11.32 -7.71
C SER C 507 6.67 10.45 -8.70
N SER C 508 6.06 9.35 -8.21
CA SER C 508 5.26 8.50 -9.10
C SER C 508 3.96 9.19 -9.49
N ILE C 509 3.35 9.93 -8.56
CA ILE C 509 2.13 10.66 -8.89
C ILE C 509 2.40 11.72 -9.95
N TYR C 510 3.47 12.49 -9.78
CA TYR C 510 3.82 13.55 -10.71
C TYR C 510 4.43 13.03 -12.00
N GLY C 511 5.07 11.87 -11.96
CA GLY C 511 5.85 11.42 -13.09
C GLY C 511 7.15 12.17 -13.29
N LYS C 512 7.58 12.93 -12.29
CA LYS C 512 8.85 13.64 -12.33
C LYS C 512 9.42 13.70 -10.93
N ALA C 513 10.75 13.81 -10.84
CA ALA C 513 11.45 13.88 -9.57
C ALA C 513 10.98 15.04 -8.70
N VAL C 514 10.36 14.73 -7.57
CA VAL C 514 9.96 15.72 -6.58
C VAL C 514 10.39 15.25 -5.20
N ALA C 515 11.01 16.15 -4.43
CA ALA C 515 11.32 15.89 -3.03
C ALA C 515 10.09 16.13 -2.17
N ALA C 516 9.69 15.11 -1.40
CA ALA C 516 8.51 15.18 -0.57
C ALA C 516 8.89 14.91 0.88
N LYS C 517 8.40 15.73 1.79
CA LYS C 517 8.70 15.63 3.20
C LYS C 517 7.41 15.72 4.00
N ARG C 518 7.22 14.77 4.91
CA ARG C 518 6.03 14.76 5.76
C ARG C 518 6.26 15.67 6.96
N LEU C 519 5.57 16.81 6.98
CA LEU C 519 5.67 17.79 8.05
C LEU C 519 4.52 17.62 9.04
N GLY C 520 4.53 16.48 9.72
CA GLY C 520 3.39 16.07 10.53
C GLY C 520 2.26 15.48 9.72
N ASP C 521 1.14 16.19 9.61
CA ASP C 521 -0.03 15.71 8.90
C ASP C 521 -0.16 16.31 7.50
N VAL C 522 0.82 17.10 7.05
CA VAL C 522 0.81 17.66 5.72
C VAL C 522 2.08 17.23 5.00
N ILE C 523 2.00 17.09 3.69
CA ILE C 523 3.14 16.73 2.85
C ILE C 523 3.59 17.98 2.10
N SER C 524 4.89 18.26 2.16
CA SER C 524 5.50 19.35 1.42
C SER C 524 6.22 18.80 0.19
N VAL C 525 6.00 19.42 -0.96
CA VAL C 525 6.57 18.97 -2.22
C VAL C 525 7.39 20.11 -2.80
N SER C 526 8.57 19.77 -3.33
CA SER C 526 9.53 20.76 -3.78
C SER C 526 10.48 20.09 -4.77
N GLN C 527 11.23 20.90 -5.50
CA GLN C 527 12.26 20.38 -6.38
C GLN C 527 13.43 19.82 -5.57
N CYS C 528 14.09 18.83 -6.14
CA CYS C 528 15.34 18.33 -5.58
C CYS C 528 16.52 19.18 -6.04
N VAL C 529 17.61 19.11 -5.29
CA VAL C 529 18.84 19.84 -5.62
C VAL C 529 19.54 19.11 -6.76
N PRO C 530 19.73 19.76 -7.91
CA PRO C 530 20.42 19.09 -9.02
C PRO C 530 21.92 19.08 -8.83
N VAL C 531 22.54 18.00 -9.30
CA VAL C 531 23.98 17.88 -9.38
C VAL C 531 24.37 17.70 -10.84
N ASN C 532 25.52 18.25 -11.21
CA ASN C 532 25.93 18.24 -12.61
C ASN C 532 26.38 16.83 -13.01
N GLN C 533 25.65 16.23 -13.95
CA GLN C 533 25.71 14.79 -14.17
C GLN C 533 27.02 14.35 -14.80
N ALA C 534 27.83 15.27 -15.32
CA ALA C 534 29.13 14.89 -15.87
C ALA C 534 30.11 14.43 -14.80
N THR C 535 29.89 14.79 -13.54
CA THR C 535 30.78 14.40 -12.46
C THR C 535 30.33 13.15 -11.72
N VAL C 536 29.12 12.65 -11.98
CA VAL C 536 28.58 11.51 -11.24
C VAL C 536 29.31 10.25 -11.71
N THR C 537 30.09 9.65 -10.82
CA THR C 537 30.78 8.40 -11.10
C THR C 537 30.57 7.45 -9.92
N LEU C 538 30.01 6.28 -10.19
CA LEU C 538 29.91 5.24 -9.18
C LEU C 538 31.27 4.66 -8.87
N ARG C 539 31.49 4.30 -7.61
CA ARG C 539 32.70 3.61 -7.20
C ARG C 539 32.60 2.13 -7.57
N LYS C 540 33.66 1.62 -8.20
CA LYS C 540 33.62 0.25 -8.73
C LYS C 540 33.53 -0.80 -7.63
N SER C 541 33.99 -0.48 -6.42
CA SER C 541 33.96 -1.42 -5.31
C SER C 541 33.15 -0.84 -4.16
N MET C 542 32.29 -1.65 -3.57
CA MET C 542 31.41 -1.21 -2.50
C MET C 542 31.65 -1.95 -1.19
N ARG C 543 32.83 -2.54 -1.02
CA ARG C 543 33.25 -3.01 0.30
C ARG C 543 33.71 -1.84 1.15
N VAL C 544 33.32 -1.86 2.42
CA VAL C 544 33.66 -0.77 3.34
C VAL C 544 35.15 -0.78 3.61
N PRO C 545 35.85 0.33 3.40
CA PRO C 545 37.30 0.36 3.68
C PRO C 545 37.58 0.24 5.16
N GLY C 546 38.45 -0.71 5.51
CA GLY C 546 38.79 -0.96 6.90
C GLY C 546 37.67 -1.57 7.71
N SER C 547 36.89 -2.47 7.10
CA SER C 547 35.88 -3.22 7.84
C SER C 547 35.73 -4.57 7.13
N GLU C 548 36.47 -5.57 7.61
CA GLU C 548 36.42 -6.90 7.02
C GLU C 548 35.05 -7.53 7.13
N THR C 549 34.22 -7.07 8.06
CA THR C 549 32.90 -7.67 8.30
C THR C 549 31.74 -6.82 7.78
N MET C 550 32.01 -5.64 7.22
CA MET C 550 30.96 -4.74 6.77
C MET C 550 31.13 -4.43 5.30
N CYS C 551 30.01 -4.34 4.58
CA CYS C 551 29.98 -4.00 3.17
C CYS C 551 28.85 -2.98 2.95
N TYR C 552 29.00 -2.17 1.90
CA TYR C 552 27.93 -1.26 1.51
C TYR C 552 26.83 -2.00 0.75
N SER C 553 25.58 -1.69 1.09
CA SER C 553 24.44 -2.26 0.40
C SER C 553 23.99 -1.42 -0.79
N ARG C 554 24.44 -0.18 -0.89
CA ARG C 554 24.21 0.67 -2.05
C ARG C 554 25.55 1.21 -2.55
N PRO C 555 25.69 1.38 -3.85
CA PRO C 555 26.99 1.82 -4.39
C PRO C 555 27.30 3.26 -4.01
N LEU C 556 28.59 3.53 -3.81
CA LEU C 556 29.05 4.88 -3.54
C LEU C 556 29.03 5.71 -4.82
N VAL C 557 28.74 7.01 -4.66
CA VAL C 557 28.67 7.95 -5.76
C VAL C 557 29.52 9.17 -5.42
N SER C 558 30.39 9.56 -6.33
CA SER C 558 31.10 10.83 -6.24
C SER C 558 30.46 11.82 -7.21
N PHE C 559 30.25 13.04 -6.73
CA PHE C 559 29.50 14.02 -7.50
C PHE C 559 29.91 15.41 -7.06
N SER C 560 29.55 16.39 -7.87
CA SER C 560 29.73 17.79 -7.54
C SER C 560 28.42 18.53 -7.77
N PHE C 561 28.12 19.48 -6.89
CA PHE C 561 26.97 20.34 -7.12
C PHE C 561 27.24 21.28 -8.28
N ILE C 562 26.16 21.74 -8.91
CA ILE C 562 26.28 22.56 -10.11
C ILE C 562 27.05 23.84 -9.79
N ASN C 563 28.07 24.12 -10.60
CA ASN C 563 28.97 25.25 -10.43
C ASN C 563 29.71 25.24 -9.09
N ASP C 564 29.78 24.09 -8.43
CA ASP C 564 30.55 23.91 -7.21
C ASP C 564 31.77 23.04 -7.51
N THR C 565 32.95 23.54 -7.15
CA THR C 565 34.17 22.77 -7.36
C THR C 565 34.30 21.61 -6.38
N LYS C 566 33.74 21.74 -5.18
CA LYS C 566 33.88 20.72 -4.15
C LYS C 566 33.25 19.41 -4.61
N THR C 567 33.96 18.30 -4.36
CA THR C 567 33.45 16.96 -4.63
C THR C 567 32.86 16.35 -3.36
N TYR C 568 31.66 15.80 -3.48
CA TYR C 568 30.94 15.18 -2.37
C TYR C 568 30.72 13.71 -2.68
N GLU C 569 30.60 12.90 -1.63
CA GLU C 569 30.47 11.46 -1.75
C GLU C 569 29.25 10.98 -0.98
N GLY C 570 28.52 10.04 -1.57
CA GLY C 570 27.29 9.57 -1.01
C GLY C 570 26.94 8.21 -1.54
N GLN C 571 25.68 7.81 -1.34
CA GLN C 571 25.20 6.50 -1.77
C GLN C 571 24.05 6.66 -2.75
N LEU C 572 24.05 5.83 -3.79
CA LEU C 572 23.02 5.87 -4.82
C LEU C 572 21.74 5.25 -4.30
N GLY C 573 20.73 6.07 -4.04
CA GLY C 573 19.39 5.59 -3.79
C GLY C 573 18.67 5.18 -5.06
N THR C 574 17.35 5.16 -4.97
CA THR C 574 16.51 4.74 -6.09
C THR C 574 16.40 5.85 -7.13
N ASP C 575 16.40 5.46 -8.41
CA ASP C 575 16.19 6.36 -9.54
C ASP C 575 17.09 7.58 -9.48
N ASN C 576 18.40 7.32 -9.49
CA ASN C 576 19.45 8.34 -9.52
C ASN C 576 19.45 9.28 -8.33
N GLU C 577 18.60 9.02 -7.32
CA GLU C 577 18.68 9.79 -6.09
C GLU C 577 20.01 9.54 -5.40
N ILE C 578 20.59 10.59 -4.84
CA ILE C 578 21.85 10.51 -4.11
C ILE C 578 21.59 10.93 -2.67
N PHE C 579 21.97 10.08 -1.73
CA PHE C 579 21.82 10.36 -0.32
C PHE C 579 23.14 10.82 0.26
N LEU C 580 23.12 11.91 1.04
CA LEU C 580 24.28 12.37 1.77
C LEU C 580 24.48 11.55 3.05
N THR C 581 24.68 10.24 2.84
CA THR C 581 24.89 9.32 3.94
C THR C 581 25.69 8.14 3.43
N LYS C 582 26.32 7.43 4.36
CA LYS C 582 26.97 6.16 4.08
C LYS C 582 26.61 5.12 5.12
N LYS C 583 25.38 5.19 5.64
CA LYS C 583 24.92 4.29 6.68
C LYS C 583 24.19 3.06 6.16
N MET C 584 23.91 3.00 4.86
CA MET C 584 23.35 1.80 4.25
C MET C 584 24.46 0.76 4.11
N THR C 585 24.68 0.00 5.18
CA THR C 585 25.69 -1.04 5.21
C THR C 585 25.05 -2.34 5.65
N GLU C 586 25.72 -3.45 5.32
CA GLU C 586 25.23 -4.78 5.66
C GLU C 586 26.43 -5.68 5.93
N VAL C 587 26.19 -6.76 6.67
CA VAL C 587 27.23 -7.75 6.90
C VAL C 587 27.57 -8.43 5.58
N CYS C 588 28.85 -8.46 5.24
CA CYS C 588 29.29 -9.02 3.97
C CYS C 588 28.84 -10.46 3.84
N GLN C 589 28.00 -10.73 2.85
CA GLN C 589 27.64 -12.10 2.49
C GLN C 589 28.78 -12.76 1.73
N ALA C 590 28.88 -14.09 1.89
CA ALA C 590 29.90 -14.84 1.16
C ALA C 590 29.73 -14.69 -0.35
N THR C 591 28.48 -14.68 -0.83
CA THR C 591 28.18 -14.39 -2.21
C THR C 591 26.99 -13.44 -2.26
N SER C 592 27.03 -12.48 -3.18
CA SER C 592 25.95 -11.52 -3.30
C SER C 592 25.78 -11.11 -4.76
N GLN C 593 24.53 -10.87 -5.14
CA GLN C 593 24.20 -10.30 -6.44
C GLN C 593 23.27 -9.12 -6.22
N TYR C 594 23.64 -7.96 -6.73
CA TYR C 594 22.84 -6.75 -6.59
C TYR C 594 22.75 -6.03 -7.92
N TYR C 595 21.54 -5.58 -8.25
CA TYR C 595 21.27 -4.88 -9.50
C TYR C 595 20.72 -3.50 -9.16
N PHE C 596 21.42 -2.45 -9.58
CA PHE C 596 21.05 -1.08 -9.27
C PHE C 596 20.80 -0.34 -10.57
N GLN C 597 19.63 0.28 -10.68
CA GLN C 597 19.23 0.96 -11.91
C GLN C 597 19.53 2.45 -11.78
N SER C 598 20.15 3.01 -12.82
CA SER C 598 20.67 4.37 -12.83
C SER C 598 20.20 5.08 -14.10
N GLY C 599 18.90 5.08 -14.31
CA GLY C 599 18.35 5.49 -15.59
C GLY C 599 18.30 4.32 -16.55
N ASN C 600 18.75 4.55 -17.78
CA ASN C 600 18.64 3.55 -18.83
C ASN C 600 19.65 2.42 -18.70
N GLU C 601 20.38 2.34 -17.59
CA GLU C 601 21.38 1.29 -17.40
C GLU C 601 21.25 0.69 -16.00
N ILE C 602 21.50 -0.61 -15.92
CA ILE C 602 21.51 -1.34 -14.66
C ILE C 602 22.94 -1.79 -14.37
N HIS C 603 23.41 -1.50 -13.16
CA HIS C 603 24.74 -1.87 -12.72
C HIS C 603 24.65 -3.16 -11.91
N VAL C 604 25.39 -4.18 -12.33
CA VAL C 604 25.36 -5.50 -11.73
C VAL C 604 26.62 -5.69 -10.92
N TYR C 605 26.45 -5.91 -9.62
CA TYR C 605 27.58 -6.08 -8.69
C TYR C 605 27.62 -7.51 -8.21
N ASN C 606 28.71 -8.21 -8.53
CA ASN C 606 28.98 -9.54 -7.98
C ASN C 606 30.01 -9.41 -6.87
N ASP C 607 29.69 -9.98 -5.70
CA ASP C 607 30.61 -10.01 -4.56
C ASP C 607 31.09 -8.60 -4.19
N TYR C 608 30.15 -7.66 -4.21
CA TYR C 608 30.41 -6.26 -3.88
C TYR C 608 31.43 -5.60 -4.81
N HIS C 609 31.59 -6.13 -6.01
CA HIS C 609 32.46 -5.53 -7.01
C HIS C 609 31.69 -5.39 -8.32
N HIS C 610 31.85 -4.25 -8.97
CA HIS C 610 31.14 -3.96 -10.21
C HIS C 610 31.52 -4.96 -11.30
N PHE C 611 30.52 -5.65 -11.83
CA PHE C 611 30.73 -6.68 -12.85
C PHE C 611 30.43 -6.18 -14.25
N LYS C 612 29.20 -5.69 -14.48
CA LYS C 612 28.81 -5.30 -15.83
C LYS C 612 27.70 -4.26 -15.75
N THR C 613 27.49 -3.58 -16.87
CA THR C 613 26.35 -2.69 -17.07
C THR C 613 25.47 -3.26 -18.19
N ILE C 614 24.17 -3.36 -17.93
CA ILE C 614 23.22 -3.90 -18.89
C ILE C 614 22.12 -2.88 -19.13
N GLU C 615 21.56 -2.91 -20.33
CA GLU C 615 20.38 -2.12 -20.65
C GLU C 615 19.19 -2.54 -19.79
N LEU C 616 18.27 -1.59 -19.58
CA LEU C 616 17.05 -1.88 -18.82
C LEU C 616 16.24 -3.02 -19.45
N ASP C 617 16.33 -3.20 -20.77
CA ASP C 617 15.60 -4.27 -21.42
C ASP C 617 16.13 -5.65 -21.10
N GLY C 618 17.33 -5.75 -20.51
CA GLY C 618 17.86 -7.03 -20.08
C GLY C 618 17.09 -7.67 -18.94
N ILE C 619 16.28 -6.89 -18.23
CA ILE C 619 15.47 -7.40 -17.12
C ILE C 619 14.01 -7.12 -17.45
N ALA C 620 13.21 -8.19 -17.52
CA ALA C 620 11.81 -8.06 -17.88
C ALA C 620 11.03 -7.22 -16.88
N THR C 621 10.12 -6.41 -17.39
CA THR C 621 9.16 -5.70 -16.56
C THR C 621 8.18 -6.69 -15.94
N LEU C 622 7.51 -6.25 -14.88
CA LEU C 622 6.57 -7.11 -14.16
C LEU C 622 5.55 -7.76 -15.09
N GLN C 623 4.95 -6.97 -15.99
CA GLN C 623 3.97 -7.51 -16.93
C GLN C 623 4.59 -8.58 -17.83
N THR C 624 5.72 -8.25 -18.46
CA THR C 624 6.40 -9.21 -19.32
C THR C 624 6.85 -10.44 -18.53
N PHE C 625 7.24 -10.24 -17.28
CA PHE C 625 7.64 -11.34 -16.41
C PHE C 625 6.47 -12.30 -16.18
N ILE C 626 5.35 -11.76 -15.70
CA ILE C 626 4.19 -12.60 -15.39
C ILE C 626 3.65 -13.27 -16.65
N SER C 627 3.76 -12.62 -17.81
CA SER C 627 3.28 -13.25 -19.05
C SER C 627 4.31 -14.20 -19.64
N GLY C 628 5.59 -14.00 -19.36
CA GLY C 628 6.64 -14.87 -19.85
C GLY C 628 7.04 -15.97 -18.88
N CYS C 629 8.35 -16.24 -18.78
CA CYS C 629 8.84 -17.37 -18.01
C CYS C 629 8.64 -17.22 -16.51
N GLY C 630 8.11 -16.09 -16.04
CA GLY C 630 7.77 -16.00 -14.63
C GLY C 630 6.68 -16.98 -14.22
N ASN C 631 5.83 -17.40 -15.16
CA ASN C 631 4.80 -18.38 -14.88
C ASN C 631 5.29 -19.83 -14.97
N THR C 632 6.50 -20.08 -15.46
CA THR C 632 7.00 -21.45 -15.56
C THR C 632 7.38 -21.97 -14.18
N SER C 633 7.85 -23.22 -14.14
CA SER C 633 8.41 -23.79 -12.93
C SER C 633 9.60 -22.96 -12.45
N LEU C 634 9.43 -22.30 -11.31
CA LEU C 634 10.50 -21.48 -10.75
C LEU C 634 11.66 -22.35 -10.30
N ILE C 635 12.87 -21.78 -10.38
CA ILE C 635 14.05 -22.47 -9.90
C ILE C 635 13.97 -22.64 -8.39
N CYS C 636 14.44 -23.79 -7.90
CA CYS C 636 14.54 -24.08 -6.47
C CYS C 636 15.95 -23.76 -6.00
N ASN C 637 16.06 -22.86 -5.03
CA ASN C 637 17.35 -22.40 -4.53
C ASN C 637 17.55 -22.81 -3.07
N ILE C 638 18.76 -23.26 -2.75
CA ILE C 638 19.17 -23.54 -1.39
C ILE C 638 20.44 -22.74 -1.09
N ASP C 639 20.33 -21.80 -0.15
CA ASP C 639 21.50 -21.22 0.51
C ASP C 639 21.99 -22.21 1.56
N PHE C 640 22.79 -23.18 1.10
CA PHE C 640 23.29 -24.21 2.01
C PHE C 640 24.14 -23.62 3.13
N ALA C 641 24.85 -22.53 2.87
CA ALA C 641 25.64 -21.89 3.92
C ALA C 641 24.76 -21.39 5.05
N SER C 642 23.62 -20.76 4.71
CA SER C 642 22.71 -20.29 5.74
C SER C 642 22.14 -21.45 6.54
N LEU C 643 21.81 -22.56 5.88
CA LEU C 643 21.26 -23.71 6.59
C LEU C 643 22.29 -24.30 7.54
N GLU C 644 23.54 -24.43 7.10
CA GLU C 644 24.59 -24.92 7.99
C GLU C 644 24.81 -23.97 9.16
N LEU C 645 24.82 -22.66 8.90
CA LEU C 645 24.98 -21.69 9.97
C LEU C 645 23.88 -21.83 11.02
N TYR C 646 22.63 -21.95 10.57
CA TYR C 646 21.54 -22.13 11.52
C TYR C 646 21.62 -23.48 12.24
N SER C 647 22.07 -24.52 11.54
CA SER C 647 22.26 -25.82 12.17
C SER C 647 23.36 -25.81 13.22
N ARG C 648 24.28 -24.84 13.15
CA ARG C 648 25.43 -24.84 14.05
C ARG C 648 25.40 -23.69 15.06
N ASP C 649 24.65 -22.63 14.78
CA ASP C 649 24.47 -21.52 15.73
C ASP C 649 23.08 -20.94 15.48
N GLU C 650 22.09 -21.47 16.21
CA GLU C 650 20.71 -21.02 16.05
C GLU C 650 20.52 -19.56 16.44
N GLN C 651 21.44 -18.99 17.22
CA GLN C 651 21.31 -17.62 17.71
C GLN C 651 21.88 -16.58 16.75
N ARG C 652 22.57 -17.01 15.70
CA ARG C 652 23.38 -16.09 14.90
C ARG C 652 22.53 -15.00 14.26
N ALA C 653 23.08 -13.79 14.20
CA ALA C 653 22.42 -12.65 13.60
C ALA C 653 22.52 -12.69 12.07
N SER C 654 21.56 -12.04 11.42
CA SER C 654 21.50 -12.03 9.96
C SER C 654 21.01 -10.67 9.50
N ASN C 655 21.33 -10.34 8.26
CA ASN C 655 20.85 -9.11 7.63
C ASN C 655 19.33 -9.13 7.47
N VAL C 656 18.70 -8.02 7.81
CA VAL C 656 17.28 -7.81 7.53
C VAL C 656 17.15 -7.26 6.12
N PHE C 657 16.13 -7.71 5.39
CA PHE C 657 15.94 -7.34 3.99
C PHE C 657 14.64 -6.62 3.71
N ASP C 658 13.73 -6.50 4.69
CA ASP C 658 12.45 -5.88 4.46
C ASP C 658 11.90 -5.34 5.77
N LEU C 659 10.88 -4.48 5.65
CA LEU C 659 10.29 -3.85 6.82
C LEU C 659 9.67 -4.87 7.77
N GLU C 660 9.03 -5.92 7.23
CA GLU C 660 8.43 -6.92 8.09
C GLU C 660 9.47 -7.70 8.88
N GLY C 661 10.71 -7.78 8.38
CA GLY C 661 11.78 -8.36 9.18
C GLY C 661 12.22 -7.45 10.30
N ILE C 662 12.23 -6.14 10.05
CA ILE C 662 12.43 -5.17 11.12
C ILE C 662 11.38 -5.36 12.21
N PHE C 663 10.12 -5.48 11.80
CA PHE C 663 9.04 -5.65 12.77
C PHE C 663 9.20 -6.95 13.56
N ARG C 664 9.54 -8.04 12.87
CA ARG C 664 9.71 -9.32 13.54
C ARG C 664 10.88 -9.30 14.52
N GLU C 665 11.95 -8.56 14.21
CA GLU C 665 13.08 -8.46 15.12
C GLU C 665 12.89 -7.42 16.23
N TYR C 666 11.98 -6.46 16.05
CA TYR C 666 12.02 -5.22 16.82
C TYR C 666 11.94 -5.45 18.33
N ASN C 667 10.98 -6.27 18.79
CA ASN C 667 10.83 -6.43 20.23
C ASN C 667 12.01 -7.17 20.84
N PHE C 668 12.63 -8.08 20.09
CA PHE C 668 13.83 -8.75 20.58
C PHE C 668 15.00 -7.77 20.66
N GLN C 669 15.12 -6.89 19.66
CA GLN C 669 16.16 -5.88 19.71
C GLN C 669 15.94 -4.88 20.84
N ALA C 670 14.68 -4.54 21.12
CA ALA C 670 14.38 -3.66 22.23
C ALA C 670 14.71 -4.32 23.57
N GLN C 671 14.47 -5.63 23.69
CA GLN C 671 14.88 -6.31 24.91
C GLN C 671 16.39 -6.40 25.01
N ASN C 672 17.08 -6.50 23.88
CA ASN C 672 18.55 -6.47 23.89
C ASN C 672 19.06 -5.12 24.36
N ILE C 673 18.47 -4.03 23.86
CA ILE C 673 18.85 -2.69 24.32
C ILE C 673 18.59 -2.53 25.81
N ALA C 674 17.43 -3.00 26.30
CA ALA C 674 17.15 -2.94 27.73
C ALA C 674 18.19 -3.73 28.53
N GLY C 675 18.59 -4.89 28.02
CA GLY C 675 19.64 -5.65 28.68
C GLY C 675 20.96 -4.90 28.72
N LEU C 676 21.35 -4.30 27.60
CA LEU C 676 22.52 -3.42 27.58
C LEU C 676 22.43 -2.35 28.66
N ARG C 677 21.28 -1.69 28.76
CA ARG C 677 21.12 -0.62 29.74
C ARG C 677 21.28 -1.14 31.16
N LYS C 678 20.66 -2.28 31.47
CA LYS C 678 20.77 -2.83 32.82
C LYS C 678 22.18 -3.29 33.12
N ASP C 679 22.84 -3.93 32.16
CA ASP C 679 24.21 -4.39 32.39
C ASP C 679 25.16 -3.22 32.55
N LEU C 680 24.97 -2.15 31.78
CA LEU C 680 25.81 -0.97 31.91
C LEU C 680 25.60 -0.28 33.25
N ASP C 681 24.34 -0.21 33.71
CA ASP C 681 24.08 0.38 35.01
C ASP C 681 24.69 -0.47 36.13
N ASN C 682 24.70 -1.79 35.98
CA ASN C 682 25.35 -2.61 36.99
C ASN C 682 26.87 -2.48 36.94
N ALA C 683 27.44 -2.36 35.74
CA ALA C 683 28.87 -2.15 35.62
C ALA C 683 29.29 -0.83 36.26
N VAL C 684 28.47 0.22 36.07
CA VAL C 684 28.77 1.50 36.71
C VAL C 684 28.61 1.40 38.22
N SER C 685 27.55 0.73 38.69
CA SER C 685 27.33 0.60 40.12
C SER C 685 28.47 -0.14 40.80
N ASN C 686 28.98 -1.21 40.17
CA ASN C 686 30.11 -1.92 40.72
C ASN C 686 31.41 -1.13 40.56
C1 NAG D . -13.47 -14.46 56.62
C2 NAG D . -13.34 -15.98 56.52
C3 NAG D . -14.43 -16.51 55.61
C4 NAG D . -15.78 -16.09 56.14
C5 NAG D . -15.83 -14.57 56.24
C6 NAG D . -17.13 -14.08 56.83
C7 NAG D . -11.19 -15.84 55.30
C8 NAG D . -10.76 -16.45 54.00
N2 NAG D . -12.11 -16.51 55.98
O3 NAG D . -14.33 -17.93 55.53
O4 NAG D . -16.80 -16.46 55.21
O5 NAG D . -14.77 -14.12 57.10
O6 NAG D . -18.22 -14.39 55.94
O7 NAG D . -10.69 -14.80 55.72
C1 NAG D . -17.31 -17.73 55.61
C2 NAG D . -18.74 -17.71 55.10
C3 NAG D . -19.36 -19.08 55.35
C4 NAG D . -18.52 -20.13 54.63
C5 NAG D . -17.10 -20.05 55.15
C6 NAG D . -16.17 -20.98 54.43
C7 NAG D . -19.92 -16.57 56.93
C8 NAG D . -21.15 -15.77 57.19
N2 NAG D . -19.52 -16.63 55.66
O3 NAG D . -20.70 -19.04 54.89
O4 NAG D . -19.04 -21.43 54.87
O5 NAG D . -16.58 -18.73 54.93
O6 NAG D . -14.81 -20.71 54.80
O7 NAG D . -19.30 -17.14 57.82
C1 BMA D . -20.00 -21.68 53.87
C2 BMA D . -19.53 -22.73 52.92
C3 BMA D . -20.51 -22.82 51.79
C4 BMA D . -21.89 -23.13 52.34
C5 BMA D . -22.30 -22.07 53.32
C6 BMA D . -23.61 -22.37 53.99
O2 BMA D . -19.41 -23.96 53.62
O3 BMA D . -20.10 -23.85 50.89
O4 BMA D . -22.84 -23.15 51.28
O5 BMA D . -21.30 -22.01 54.35
O6 BMA D . -24.10 -21.24 54.72
C1 NAG E . 47.68 -36.11 -4.21
C2 NAG E . 48.60 -35.21 -5.04
C3 NAG E . 48.00 -35.04 -6.42
C4 NAG E . 47.80 -36.40 -7.06
C5 NAG E . 46.91 -37.24 -6.16
C6 NAG E . 46.71 -38.63 -6.72
C7 NAG E . 48.13 -33.23 -3.63
C8 NAG E . 47.65 -31.85 -4.01
N2 NAG E . 48.83 -33.87 -4.56
O3 NAG E . 48.86 -34.21 -7.20
O4 NAG E . 47.11 -36.24 -8.29
O5 NAG E . 47.51 -37.37 -4.86
O6 NAG E . 45.99 -38.58 -7.95
O7 NAG E . 47.91 -33.71 -2.52
C1 NAG E . 48.07 -36.16 -9.32
C2 NAG E . 47.34 -36.71 -10.55
C3 NAG E . 48.24 -36.55 -11.76
C4 NAG E . 48.56 -35.08 -11.94
C5 NAG E . 49.25 -34.58 -10.67
C6 NAG E . 49.53 -33.10 -10.70
C7 NAG E . 47.69 -39.12 -10.29
C8 NAG E . 47.08 -40.43 -10.68
N2 NAG E . 46.89 -38.07 -10.36
O3 NAG E . 47.55 -37.09 -12.88
O4 NAG E . 49.44 -34.89 -13.04
O5 NAG E . 48.37 -34.79 -9.56
O6 NAG E . 49.94 -32.67 -9.41
O7 NAG E . 48.85 -39.02 -9.93
C1 BMA E . 48.62 -34.72 -14.19
C2 BMA E . 48.69 -33.33 -14.70
C3 BMA E . 47.68 -33.16 -15.79
C4 BMA E . 47.96 -34.17 -16.89
C5 BMA E . 47.91 -35.56 -16.30
C6 BMA E . 48.28 -36.63 -17.31
O2 BMA E . 50.01 -33.07 -15.15
O3 BMA E . 47.77 -31.84 -16.32
O4 BMA E . 46.95 -34.08 -17.89
O5 BMA E . 48.87 -35.64 -15.25
O6 BMA E . 47.99 -37.93 -16.82
C1 NAG F . 31.16 49.38 13.68
C2 NAG F . 30.20 49.99 14.69
C3 NAG F . 28.92 50.40 13.98
C4 NAG F . 29.27 51.36 12.86
C5 NAG F . 30.25 50.69 11.92
C6 NAG F . 30.66 51.61 10.79
C7 NAG F . 29.88 47.84 15.88
C8 NAG F . 28.62 47.10 16.24
N2 NAG F . 29.77 49.16 15.79
O3 NAG F . 28.04 51.00 14.92
O4 NAG F . 28.08 51.63 12.11
O5 NAG F . 31.43 50.30 12.64
O6 NAG F . 29.54 51.92 9.95
O7 NAG F . 30.94 47.26 15.71
C1 NAG F . 27.50 52.82 12.62
C2 NAG F . 26.78 53.41 11.42
C3 NAG F . 25.99 54.64 11.88
C4 NAG F . 25.01 54.20 12.96
C5 NAG F . 25.80 53.58 14.10
C6 NAG F . 24.93 53.03 15.19
C7 NAG F . 28.57 54.67 10.32
C8 NAG F . 28.96 55.20 8.97
N2 NAG F . 27.66 53.70 10.32
O3 NAG F . 25.34 55.18 10.75
O4 NAG F . 24.30 55.32 13.46
O5 NAG F . 26.56 52.46 13.60
O6 NAG F . 25.70 52.26 16.10
O7 NAG F . 29.06 55.10 11.36
C1 BMA F . 23.14 55.46 12.65
C2 BMA F . 21.92 55.12 13.39
C3 BMA F . 20.75 55.11 12.43
C4 BMA F . 20.65 56.46 11.76
C5 BMA F . 21.94 56.77 11.05
C6 BMA F . 21.95 58.15 10.44
O2 BMA F . 21.73 56.07 14.44
O3 BMA F . 19.55 54.83 13.15
O4 BMA F . 19.62 56.45 10.79
O5 BMA F . 23.00 56.73 12.01
O6 BMA F . 23.07 58.32 9.57
#